data_2KHD
#
_entry.id   2KHD
#
_entity_poly.entity_id   1
_entity_poly.type   'polypeptide(L)'
_entity_poly.pdbx_seq_one_letter_code
;MSNQTCVENEVCEACGCAGEIGFIIREGDDVAEVSLFGSDKAHLEGKLAEYISLAKQVYANVEYEVAPVADNATELHARF
KFEVSAEKLIFELKTRALARLEHHHHHH
;
_entity_poly.pdbx_strand_id   A
#
# COMPACT_ATOMS: atom_id res chain seq x y z
N MET A 1 26.32 13.46 3.04
CA MET A 1 25.56 14.74 2.90
C MET A 1 26.02 15.44 1.62
N SER A 2 26.65 14.70 0.74
CA SER A 2 27.14 15.30 -0.55
C SER A 2 25.97 15.80 -1.39
N ASN A 3 26.16 16.89 -2.06
CA ASN A 3 25.09 17.47 -2.92
C ASN A 3 24.77 16.50 -4.05
N GLN A 4 25.76 15.89 -4.63
CA GLN A 4 25.54 14.94 -5.76
C GLN A 4 25.13 13.58 -5.23
N THR A 5 24.24 12.91 -5.91
CA THR A 5 23.76 11.58 -5.47
C THR A 5 24.79 10.50 -5.84
N CYS A 6 24.63 9.34 -5.27
CA CYS A 6 25.58 8.21 -5.54
C CYS A 6 25.13 6.97 -4.75
N VAL A 7 24.04 6.37 -5.17
CA VAL A 7 23.53 5.15 -4.46
C VAL A 7 24.16 3.90 -5.07
N GLU A 8 24.71 3.06 -4.23
CA GLU A 8 25.37 1.81 -4.70
C GLU A 8 24.35 0.69 -4.76
N ASN A 9 24.05 0.22 -5.93
CA ASN A 9 23.06 -0.89 -6.11
C ASN A 9 23.81 -2.22 -6.22
N GLU A 10 24.55 -2.40 -7.29
CA GLU A 10 25.32 -3.67 -7.49
C GLU A 10 24.47 -4.87 -7.08
N VAL A 11 24.95 -5.63 -6.14
CA VAL A 11 24.22 -6.84 -5.67
C VAL A 11 23.11 -6.45 -4.72
N CYS A 12 21.99 -7.12 -4.83
CA CYS A 12 20.84 -6.83 -3.94
C CYS A 12 20.07 -8.14 -3.65
N GLU A 13 19.37 -8.16 -2.56
CA GLU A 13 18.58 -9.36 -2.16
C GLU A 13 19.37 -10.64 -2.41
N ALA A 14 18.69 -11.76 -2.33
CA ALA A 14 19.34 -13.08 -2.55
C ALA A 14 20.42 -13.32 -1.50
N CYS A 15 20.43 -14.50 -0.93
CA CYS A 15 21.43 -14.84 0.12
C CYS A 15 21.57 -13.70 1.11
N GLY A 16 20.61 -12.80 1.11
CA GLY A 16 20.66 -11.63 2.03
C GLY A 16 20.08 -12.04 3.40
N CYS A 17 19.60 -13.25 3.49
CA CYS A 17 19.01 -13.76 4.76
C CYS A 17 18.10 -12.69 5.36
N ALA A 18 17.56 -11.84 4.53
CA ALA A 18 16.66 -10.76 5.02
C ALA A 18 15.39 -11.37 5.61
N GLY A 19 15.34 -11.47 6.90
CA GLY A 19 14.14 -12.02 7.59
C GLY A 19 14.15 -13.55 7.54
N GLU A 20 13.19 -14.16 8.18
CA GLU A 20 13.10 -15.64 8.19
C GLU A 20 11.65 -16.05 8.46
N ILE A 21 10.95 -15.28 9.26
CA ILE A 21 9.52 -15.62 9.58
C ILE A 21 8.58 -15.01 8.54
N GLY A 22 7.58 -15.74 8.17
CA GLY A 22 6.61 -15.27 7.15
C GLY A 22 5.53 -14.42 7.82
N PHE A 23 5.29 -13.25 7.28
CA PHE A 23 4.25 -12.35 7.84
C PHE A 23 3.64 -11.52 6.70
N ILE A 24 4.43 -11.20 5.71
CA ILE A 24 3.92 -10.39 4.55
C ILE A 24 3.16 -11.28 3.57
N ILE A 25 2.40 -10.66 2.71
CA ILE A 25 1.60 -11.42 1.71
C ILE A 25 2.50 -12.00 0.63
N ARG A 26 2.31 -13.26 0.33
CA ARG A 26 3.16 -13.94 -0.70
C ARG A 26 3.10 -13.17 -2.02
N GLU A 27 4.25 -12.94 -2.59
CA GLU A 27 4.33 -12.20 -3.89
C GLU A 27 3.70 -13.00 -5.01
N GLY A 28 3.05 -12.33 -5.92
CA GLY A 28 2.39 -13.02 -7.05
C GLY A 28 1.76 -11.99 -8.01
N ASP A 29 1.23 -12.47 -9.10
CA ASP A 29 0.60 -11.56 -10.10
C ASP A 29 -0.67 -10.95 -9.50
N ASP A 30 -1.23 -11.58 -8.50
CA ASP A 30 -2.47 -11.05 -7.86
C ASP A 30 -2.08 -10.12 -6.73
N VAL A 31 -0.82 -9.79 -6.61
CA VAL A 31 -0.36 -8.88 -5.52
C VAL A 31 0.40 -7.69 -6.13
N ALA A 32 0.13 -6.52 -5.64
CA ALA A 32 0.79 -5.28 -6.15
C ALA A 32 1.47 -4.54 -5.00
N GLU A 33 2.57 -3.89 -5.31
CA GLU A 33 3.33 -3.13 -4.26
C GLU A 33 3.08 -1.64 -4.41
N VAL A 34 2.97 -0.95 -3.31
CA VAL A 34 2.72 0.52 -3.34
C VAL A 34 3.79 1.23 -2.51
N SER A 35 4.36 2.27 -3.07
CA SER A 35 5.41 3.04 -2.34
C SER A 35 5.03 4.51 -2.29
N LEU A 36 4.71 5.00 -1.13
CA LEU A 36 4.32 6.43 -0.96
C LEU A 36 5.26 7.10 0.05
N PHE A 37 5.52 8.35 -0.16
CA PHE A 37 6.43 9.11 0.75
C PHE A 37 5.92 10.53 0.96
N GLY A 38 6.29 11.13 2.06
CA GLY A 38 5.84 12.52 2.35
C GLY A 38 6.66 13.11 3.50
N SER A 39 6.08 14.08 4.19
CA SER A 39 6.79 14.75 5.32
C SER A 39 7.07 13.74 6.44
N ASP A 40 6.12 12.89 6.73
CA ASP A 40 6.34 11.88 7.81
C ASP A 40 5.18 10.88 7.81
N LYS A 41 5.10 10.09 8.83
CA LYS A 41 4.02 9.07 8.94
C LYS A 41 2.66 9.75 8.99
N ALA A 42 2.53 10.77 9.78
CA ALA A 42 1.23 11.48 9.93
C ALA A 42 0.66 11.83 8.55
N HIS A 43 1.44 12.47 7.73
CA HIS A 43 0.95 12.86 6.37
C HIS A 43 0.69 11.62 5.52
N LEU A 44 1.51 10.61 5.65
CA LEU A 44 1.33 9.38 4.83
C LEU A 44 0.00 8.71 5.21
N GLU A 45 -0.32 8.71 6.47
CA GLU A 45 -1.59 8.09 6.93
C GLU A 45 -2.76 8.83 6.29
N GLY A 46 -2.69 10.13 6.24
CA GLY A 46 -3.78 10.94 5.63
C GLY A 46 -3.88 10.63 4.14
N LYS A 47 -2.77 10.63 3.46
CA LYS A 47 -2.76 10.33 2.00
C LYS A 47 -3.15 8.86 1.79
N LEU A 48 -2.75 8.03 2.70
CA LEU A 48 -3.05 6.58 2.60
C LEU A 48 -4.56 6.37 2.54
N ALA A 49 -5.30 7.11 3.32
CA ALA A 49 -6.78 6.97 3.34
C ALA A 49 -7.32 7.15 1.92
N GLU A 50 -6.78 8.10 1.20
CA GLU A 50 -7.24 8.34 -0.21
C GLU A 50 -6.85 7.16 -1.09
N TYR A 51 -5.68 6.62 -0.89
CA TYR A 51 -5.20 5.47 -1.71
C TYR A 51 -6.19 4.31 -1.55
N ILE A 52 -6.64 4.09 -0.35
CA ILE A 52 -7.60 2.98 -0.09
C ILE A 52 -8.89 3.25 -0.86
N SER A 53 -9.35 4.47 -0.84
CA SER A 53 -10.62 4.82 -1.55
C SER A 53 -10.55 4.35 -3.00
N LEU A 54 -9.45 4.62 -3.65
CA LEU A 54 -9.28 4.19 -5.06
C LEU A 54 -9.27 2.67 -5.12
N ALA A 55 -8.63 2.04 -4.18
CA ALA A 55 -8.53 0.56 -4.17
C ALA A 55 -9.94 -0.05 -4.12
N LYS A 56 -10.76 0.42 -3.22
CA LYS A 56 -12.15 -0.11 -3.12
C LYS A 56 -12.91 0.23 -4.39
N GLN A 57 -12.71 1.40 -4.90
CA GLN A 57 -13.42 1.82 -6.14
C GLN A 57 -13.05 0.90 -7.29
N VAL A 58 -11.78 0.68 -7.48
CA VAL A 58 -11.30 -0.21 -8.58
C VAL A 58 -11.74 -1.64 -8.31
N TYR A 59 -11.59 -2.11 -7.09
CA TYR A 59 -11.98 -3.51 -6.76
C TYR A 59 -12.73 -3.53 -5.42
N ALA A 60 -13.91 -4.09 -5.45
CA ALA A 60 -14.76 -4.17 -4.22
C ALA A 60 -14.18 -5.19 -3.23
N ASN A 61 -14.31 -4.89 -1.96
CA ASN A 61 -13.79 -5.81 -0.90
C ASN A 61 -12.30 -6.03 -1.11
N VAL A 62 -11.61 -5.00 -1.52
CA VAL A 62 -10.15 -5.11 -1.77
C VAL A 62 -9.40 -5.33 -0.45
N GLU A 63 -8.43 -6.20 -0.47
CA GLU A 63 -7.64 -6.50 0.76
C GLU A 63 -6.23 -5.92 0.62
N TYR A 64 -5.71 -5.42 1.71
CA TYR A 64 -4.33 -4.84 1.68
C TYR A 64 -3.67 -4.98 3.05
N GLU A 65 -2.36 -4.84 3.06
CA GLU A 65 -1.59 -4.96 4.33
C GLU A 65 -0.42 -3.98 4.31
N VAL A 66 -0.09 -3.44 5.45
CA VAL A 66 1.03 -2.46 5.55
C VAL A 66 2.11 -2.96 6.51
N ALA A 67 3.33 -2.94 6.06
CA ALA A 67 4.46 -3.41 6.89
C ALA A 67 4.84 -2.33 7.91
N PRO A 68 5.69 -2.65 8.84
CA PRO A 68 6.14 -1.68 9.89
C PRO A 68 6.71 -0.39 9.31
N VAL A 69 6.30 0.73 9.85
CA VAL A 69 6.82 2.06 9.37
C VAL A 69 7.19 2.94 10.56
N ALA A 70 8.33 3.55 10.49
CA ALA A 70 8.78 4.45 11.60
C ALA A 70 8.16 5.83 11.42
N ASP A 71 8.18 6.62 12.45
CA ASP A 71 7.59 7.98 12.38
C ASP A 71 8.39 8.83 11.38
N ASN A 72 9.67 8.71 11.40
CA ASN A 72 10.54 9.50 10.46
C ASN A 72 10.90 8.63 9.25
N ALA A 73 10.11 7.62 9.00
CA ALA A 73 10.38 6.71 7.83
C ALA A 73 10.30 7.51 6.54
N THR A 74 9.39 8.45 6.48
CA THR A 74 9.23 9.29 5.25
C THR A 74 8.70 8.42 4.11
N GLU A 75 8.60 7.13 4.33
CA GLU A 75 8.09 6.22 3.26
C GLU A 75 7.14 5.19 3.85
N LEU A 76 6.15 4.82 3.09
CA LEU A 76 5.15 3.82 3.54
C LEU A 76 5.14 2.63 2.59
N HIS A 77 5.26 1.45 3.14
CA HIS A 77 5.27 0.21 2.31
C HIS A 77 3.93 -0.52 2.47
N ALA A 78 3.18 -0.58 1.41
CA ALA A 78 1.85 -1.26 1.46
C ALA A 78 1.67 -2.17 0.24
N ARG A 79 0.84 -3.17 0.39
CA ARG A 79 0.59 -4.14 -0.73
C ARG A 79 -0.91 -4.29 -0.92
N PHE A 80 -1.32 -4.49 -2.15
CA PHE A 80 -2.78 -4.66 -2.46
C PHE A 80 -3.00 -5.95 -3.24
N LYS A 81 -4.12 -6.59 -2.98
CA LYS A 81 -4.45 -7.88 -3.67
C LYS A 81 -5.69 -7.68 -4.54
N PHE A 82 -5.55 -7.92 -5.81
CA PHE A 82 -6.70 -7.77 -6.76
C PHE A 82 -7.06 -9.13 -7.36
N GLU A 83 -7.16 -9.20 -8.65
CA GLU A 83 -7.52 -10.48 -9.33
C GLU A 83 -6.68 -10.62 -10.61
N VAL A 84 -6.38 -9.52 -11.25
CA VAL A 84 -5.56 -9.57 -12.49
C VAL A 84 -4.49 -8.47 -12.46
N SER A 85 -3.48 -8.63 -13.26
CA SER A 85 -2.37 -7.64 -13.31
C SER A 85 -2.90 -6.29 -13.80
N ALA A 86 -3.85 -6.32 -14.70
CA ALA A 86 -4.41 -5.05 -15.25
C ALA A 86 -4.79 -4.12 -14.10
N GLU A 87 -5.45 -4.63 -13.11
CA GLU A 87 -5.88 -3.79 -11.96
C GLU A 87 -4.68 -3.01 -11.41
N LYS A 88 -3.54 -3.63 -11.38
CA LYS A 88 -2.32 -2.96 -10.85
C LYS A 88 -1.97 -1.77 -11.74
N LEU A 89 -1.98 -1.97 -13.03
CA LEU A 89 -1.64 -0.86 -13.97
C LEU A 89 -2.66 0.27 -13.85
N ILE A 90 -3.91 -0.06 -13.83
CA ILE A 90 -4.97 0.98 -13.73
C ILE A 90 -4.95 1.61 -12.34
N PHE A 91 -4.85 0.80 -11.32
CA PHE A 91 -4.81 1.32 -9.93
C PHE A 91 -3.55 2.16 -9.72
N GLU A 92 -2.43 1.66 -10.16
CA GLU A 92 -1.14 2.39 -9.99
C GLU A 92 -1.17 3.68 -10.80
N LEU A 93 -1.75 3.63 -11.97
CA LEU A 93 -1.80 4.84 -12.83
C LEU A 93 -2.60 5.94 -12.13
N LYS A 94 -3.77 5.60 -11.66
CA LYS A 94 -4.63 6.60 -10.96
C LYS A 94 -3.99 6.99 -9.62
N THR A 95 -3.47 6.03 -8.92
CA THR A 95 -2.86 6.31 -7.59
C THR A 95 -1.67 7.27 -7.76
N ARG A 96 -0.83 7.01 -8.72
CA ARG A 96 0.35 7.91 -8.95
C ARG A 96 -0.15 9.27 -9.43
N ALA A 97 -1.15 9.28 -10.27
CA ALA A 97 -1.69 10.56 -10.79
C ALA A 97 -2.30 11.34 -9.64
N LEU A 98 -2.92 10.65 -8.71
CA LEU A 98 -3.56 11.34 -7.55
C LEU A 98 -2.48 12.08 -6.75
N ALA A 99 -1.40 11.41 -6.46
CA ALA A 99 -0.30 12.06 -5.67
C ALA A 99 0.47 13.04 -6.56
N ARG A 100 0.71 12.67 -7.78
CA ARG A 100 1.47 13.55 -8.71
C ARG A 100 0.54 14.60 -9.28
N LEU A 101 -0.75 14.44 -9.05
CA LEU A 101 -1.75 15.41 -9.56
C LEU A 101 -1.38 15.85 -10.98
N GLU A 102 -1.31 14.90 -11.88
CA GLU A 102 -0.96 15.22 -13.30
C GLU A 102 -2.24 15.50 -14.07
N HIS A 103 -3.37 15.33 -13.45
CA HIS A 103 -4.67 15.57 -14.13
C HIS A 103 -4.96 17.08 -14.21
N HIS A 104 -5.41 17.52 -15.35
CA HIS A 104 -5.73 18.96 -15.56
C HIS A 104 -4.48 19.81 -15.34
N HIS A 105 -4.56 21.07 -15.70
CA HIS A 105 -3.40 21.98 -15.54
C HIS A 105 -3.38 22.55 -14.13
N HIS A 106 -2.92 23.76 -13.99
CA HIS A 106 -2.82 24.41 -12.65
C HIS A 106 -4.20 24.59 -12.04
N HIS A 107 -4.24 24.74 -10.74
CA HIS A 107 -5.53 24.92 -10.02
C HIS A 107 -6.19 26.21 -10.50
N HIS A 108 -5.43 27.26 -10.60
CA HIS A 108 -6.00 28.57 -11.07
C HIS A 108 -5.55 28.84 -12.51
N MET A 1 18.90 11.88 27.18
CA MET A 1 18.51 11.23 25.91
C MET A 1 19.62 10.27 25.50
N SER A 2 20.52 9.97 26.41
CA SER A 2 21.64 9.04 26.09
C SER A 2 21.91 8.13 27.29
N ASN A 3 22.38 6.94 27.03
CA ASN A 3 22.69 5.97 28.12
C ASN A 3 21.55 5.97 29.15
N GLN A 4 20.34 5.93 28.69
CA GLN A 4 19.18 5.93 29.62
C GLN A 4 19.09 4.60 30.37
N THR A 5 18.79 4.66 31.64
CA THR A 5 18.70 3.43 32.46
C THR A 5 17.29 2.81 32.33
N CYS A 6 17.01 1.84 33.17
CA CYS A 6 15.68 1.16 33.15
C CYS A 6 15.20 0.96 31.70
N VAL A 7 15.49 -0.19 31.15
CA VAL A 7 15.08 -0.46 29.74
C VAL A 7 13.61 -0.87 29.70
N GLU A 8 12.83 -0.22 28.85
CA GLU A 8 11.39 -0.55 28.74
C GLU A 8 11.20 -1.66 27.70
N ASN A 9 12.24 -2.02 26.99
CA ASN A 9 12.11 -3.10 25.96
C ASN A 9 13.45 -3.82 25.82
N GLU A 10 13.53 -5.03 26.31
CA GLU A 10 14.80 -5.81 26.24
C GLU A 10 15.26 -5.97 24.79
N VAL A 11 16.07 -6.97 24.54
CA VAL A 11 16.59 -7.20 23.16
C VAL A 11 15.44 -7.55 22.19
N CYS A 12 15.47 -6.96 21.03
CA CYS A 12 14.41 -7.21 20.01
C CYS A 12 14.39 -8.70 19.63
N GLU A 13 15.53 -9.24 19.29
CA GLU A 13 15.62 -10.68 18.89
C GLU A 13 14.37 -11.10 18.09
N ALA A 14 13.36 -11.55 18.78
CA ALA A 14 12.12 -12.00 18.11
C ALA A 14 11.33 -10.79 17.55
N CYS A 15 10.21 -11.07 16.96
CA CYS A 15 9.37 -9.97 16.39
C CYS A 15 8.93 -9.04 17.51
N GLY A 16 8.61 -9.59 18.65
CA GLY A 16 8.16 -8.75 19.80
C GLY A 16 6.70 -8.35 19.59
N CYS A 17 6.11 -8.78 18.51
CA CYS A 17 4.68 -8.43 18.27
C CYS A 17 4.04 -9.47 17.34
N ALA A 18 2.74 -9.60 17.40
CA ALA A 18 2.02 -10.56 16.53
C ALA A 18 2.77 -11.89 16.42
N GLY A 19 2.45 -12.67 15.42
CA GLY A 19 3.12 -13.99 15.24
C GLY A 19 2.19 -14.94 14.48
N GLU A 20 1.12 -15.34 15.11
CA GLU A 20 0.14 -16.26 14.46
C GLU A 20 0.89 -17.39 13.72
N ILE A 21 0.67 -17.51 12.44
CA ILE A 21 1.35 -18.57 11.64
C ILE A 21 2.40 -17.90 10.75
N GLY A 22 2.19 -16.67 10.36
CA GLY A 22 3.19 -15.99 9.50
C GLY A 22 2.52 -14.84 8.72
N PHE A 23 3.11 -14.46 7.62
CA PHE A 23 2.55 -13.34 6.80
C PHE A 23 1.38 -13.84 5.96
N ILE A 24 0.32 -13.07 5.91
CA ILE A 24 -0.87 -13.46 5.11
C ILE A 24 -0.72 -12.97 3.68
N ILE A 25 -1.60 -13.41 2.79
CA ILE A 25 -1.55 -12.99 1.36
C ILE A 25 -0.08 -12.79 0.91
N ARG A 26 0.64 -13.88 0.83
CA ARG A 26 2.07 -13.80 0.44
C ARG A 26 2.23 -12.94 -0.82
N GLU A 27 3.45 -12.79 -1.26
CA GLU A 27 3.72 -11.97 -2.48
C GLU A 27 3.27 -12.73 -3.72
N GLY A 28 2.01 -13.05 -3.79
CA GLY A 28 1.48 -13.79 -4.96
C GLY A 28 1.23 -12.85 -6.15
N ASP A 29 0.93 -13.40 -7.28
CA ASP A 29 0.67 -12.56 -8.49
C ASP A 29 -0.66 -11.82 -8.32
N ASP A 30 -1.42 -12.18 -7.33
CA ASP A 30 -2.74 -11.50 -7.10
C ASP A 30 -2.52 -10.34 -6.13
N VAL A 31 -1.29 -10.02 -5.84
CA VAL A 31 -0.99 -8.90 -4.89
C VAL A 31 -0.23 -7.80 -5.62
N ALA A 32 -0.22 -6.61 -5.07
CA ALA A 32 0.49 -5.47 -5.71
C ALA A 32 1.28 -4.71 -4.65
N GLU A 33 2.35 -4.08 -5.05
CA GLU A 33 3.19 -3.32 -4.08
C GLU A 33 2.88 -1.83 -4.19
N VAL A 34 2.88 -1.16 -3.07
CA VAL A 34 2.58 0.31 -3.05
C VAL A 34 3.69 1.03 -2.28
N SER A 35 4.16 2.13 -2.79
CA SER A 35 5.23 2.89 -2.10
C SER A 35 4.99 4.38 -2.28
N LEU A 36 4.83 5.09 -1.19
CA LEU A 36 4.57 6.57 -1.26
C LEU A 36 5.65 7.31 -0.48
N PHE A 37 6.16 8.38 -1.05
CA PHE A 37 7.22 9.18 -0.36
C PHE A 37 6.63 10.51 0.11
N GLY A 38 6.86 10.86 1.35
CA GLY A 38 6.32 12.14 1.88
C GLY A 38 6.89 12.41 3.28
N SER A 39 6.21 13.22 4.03
CA SER A 39 6.70 13.57 5.40
C SER A 39 6.44 12.42 6.39
N ASP A 40 6.18 12.76 7.62
CA ASP A 40 5.93 11.71 8.66
C ASP A 40 4.87 10.71 8.20
N LYS A 41 4.64 9.70 9.01
CA LYS A 41 3.62 8.67 8.67
C LYS A 41 2.24 9.32 8.59
N ALA A 42 1.94 10.19 9.51
CA ALA A 42 0.61 10.86 9.50
C ALA A 42 0.36 11.50 8.13
N HIS A 43 1.35 12.16 7.60
CA HIS A 43 1.19 12.81 6.26
C HIS A 43 0.94 11.74 5.20
N LEU A 44 1.68 10.68 5.26
CA LEU A 44 1.51 9.57 4.26
C LEU A 44 0.12 8.95 4.40
N GLU A 45 -0.33 8.79 5.61
CA GLU A 45 -1.68 8.17 5.82
C GLU A 45 -2.75 9.05 5.17
N GLY A 46 -2.61 10.34 5.25
CA GLY A 46 -3.62 11.25 4.62
C GLY A 46 -3.65 11.02 3.11
N LYS A 47 -2.52 11.07 2.47
CA LYS A 47 -2.47 10.83 1.00
C LYS A 47 -2.83 9.38 0.70
N LEU A 48 -2.38 8.49 1.53
CA LEU A 48 -2.67 7.04 1.30
C LEU A 48 -4.17 6.79 1.32
N ALA A 49 -4.86 7.45 2.22
CA ALA A 49 -6.35 7.27 2.31
C ALA A 49 -6.97 7.19 0.91
N GLU A 50 -6.40 7.90 -0.02
CA GLU A 50 -6.92 7.87 -1.42
C GLU A 50 -6.67 6.49 -2.03
N TYR A 51 -5.53 5.91 -1.74
CA TYR A 51 -5.21 4.57 -2.32
C TYR A 51 -6.22 3.54 -1.82
N ILE A 52 -6.53 3.56 -0.56
CA ILE A 52 -7.51 2.57 -0.01
C ILE A 52 -8.89 2.83 -0.60
N SER A 53 -9.30 4.07 -0.68
CA SER A 53 -10.64 4.38 -1.25
C SER A 53 -10.70 3.94 -2.72
N LEU A 54 -9.68 4.24 -3.46
CA LEU A 54 -9.66 3.85 -4.90
C LEU A 54 -9.61 2.32 -5.02
N ALA A 55 -8.86 1.67 -4.16
CA ALA A 55 -8.77 0.19 -4.23
C ALA A 55 -10.14 -0.43 -3.99
N LYS A 56 -10.91 0.14 -3.10
CA LYS A 56 -12.27 -0.41 -2.84
C LYS A 56 -13.13 -0.26 -4.09
N GLN A 57 -13.05 0.85 -4.74
CA GLN A 57 -13.87 1.07 -5.96
C GLN A 57 -13.37 0.16 -7.08
N VAL A 58 -12.08 0.03 -7.21
CA VAL A 58 -11.51 -0.85 -8.28
C VAL A 58 -11.90 -2.31 -8.00
N TYR A 59 -11.75 -2.74 -6.78
CA TYR A 59 -12.10 -4.15 -6.44
C TYR A 59 -12.90 -4.20 -5.14
N ALA A 60 -14.09 -4.73 -5.19
CA ALA A 60 -14.97 -4.81 -3.99
C ALA A 60 -14.38 -5.78 -2.96
N ASN A 61 -14.55 -5.46 -1.70
CA ASN A 61 -14.01 -6.34 -0.62
C ASN A 61 -12.50 -6.51 -0.81
N VAL A 62 -11.84 -5.44 -1.15
CA VAL A 62 -10.37 -5.50 -1.37
C VAL A 62 -9.64 -5.70 -0.04
N GLU A 63 -8.64 -6.54 -0.04
CA GLU A 63 -7.86 -6.82 1.21
C GLU A 63 -6.45 -6.24 1.06
N TYR A 64 -5.97 -5.61 2.10
CA TYR A 64 -4.61 -5.00 2.04
C TYR A 64 -3.96 -5.06 3.42
N GLU A 65 -2.66 -4.92 3.46
CA GLU A 65 -1.93 -4.96 4.76
C GLU A 65 -0.76 -3.98 4.69
N VAL A 66 -0.38 -3.42 5.82
CA VAL A 66 0.76 -2.45 5.84
C VAL A 66 1.94 -3.06 6.59
N ALA A 67 3.10 -3.02 5.98
CA ALA A 67 4.31 -3.60 6.62
C ALA A 67 4.85 -2.62 7.67
N PRO A 68 5.80 -3.05 8.46
CA PRO A 68 6.42 -2.19 9.52
C PRO A 68 6.97 -0.87 8.95
N VAL A 69 6.45 0.25 9.41
CA VAL A 69 6.94 1.57 8.91
C VAL A 69 7.22 2.49 10.11
N ALA A 70 8.34 3.15 10.10
CA ALA A 70 8.70 4.07 11.21
C ALA A 70 7.95 5.40 11.06
N ASP A 71 7.81 6.12 12.13
CA ASP A 71 7.10 7.43 12.09
C ASP A 71 7.88 8.41 11.21
N ASN A 72 9.18 8.36 11.26
CA ASN A 72 10.02 9.27 10.43
C ASN A 72 10.59 8.50 9.24
N ALA A 73 9.89 7.49 8.79
CA ALA A 73 10.37 6.69 7.63
C ALA A 73 10.20 7.52 6.37
N THR A 74 9.52 8.63 6.46
CA THR A 74 9.31 9.49 5.26
C THR A 74 8.81 8.64 4.10
N GLU A 75 8.44 7.41 4.37
CA GLU A 75 7.94 6.54 3.28
C GLU A 75 7.02 5.48 3.89
N LEU A 76 6.09 4.99 3.11
CA LEU A 76 5.14 3.96 3.62
C LEU A 76 5.05 2.82 2.60
N HIS A 77 5.10 1.60 3.08
CA HIS A 77 5.02 0.42 2.16
C HIS A 77 3.80 -0.42 2.51
N ALA A 78 2.97 -0.68 1.54
CA ALA A 78 1.74 -1.48 1.79
C ALA A 78 1.45 -2.37 0.58
N ARG A 79 0.62 -3.36 0.75
CA ARG A 79 0.27 -4.28 -0.37
C ARG A 79 -1.24 -4.32 -0.54
N PHE A 80 -1.70 -4.45 -1.76
CA PHE A 80 -3.17 -4.50 -2.02
C PHE A 80 -3.49 -5.71 -2.90
N LYS A 81 -4.68 -6.23 -2.78
CA LYS A 81 -5.08 -7.42 -3.57
C LYS A 81 -6.04 -7.01 -4.68
N PHE A 82 -5.86 -7.55 -5.86
CA PHE A 82 -6.75 -7.21 -7.01
C PHE A 82 -7.16 -8.51 -7.71
N GLU A 83 -6.90 -8.62 -8.99
CA GLU A 83 -7.27 -9.85 -9.73
C GLU A 83 -6.33 -10.01 -10.92
N VAL A 84 -5.95 -8.92 -11.54
CA VAL A 84 -5.02 -9.00 -12.72
C VAL A 84 -3.93 -7.93 -12.62
N SER A 85 -2.87 -8.10 -13.36
CA SER A 85 -1.76 -7.10 -13.33
C SER A 85 -2.22 -5.80 -13.99
N ALA A 86 -3.26 -5.87 -14.77
CA ALA A 86 -3.77 -4.63 -15.44
C ALA A 86 -4.24 -3.63 -14.39
N GLU A 87 -4.84 -4.11 -13.34
CA GLU A 87 -5.31 -3.21 -12.25
C GLU A 87 -4.12 -2.66 -11.48
N LYS A 88 -3.04 -3.40 -11.47
CA LYS A 88 -1.84 -2.93 -10.73
C LYS A 88 -1.30 -1.64 -11.36
N LEU A 89 -1.12 -1.65 -12.65
CA LEU A 89 -0.60 -0.42 -13.34
C LEU A 89 -1.62 0.70 -13.23
N ILE A 90 -2.86 0.41 -13.45
CA ILE A 90 -3.91 1.45 -13.36
C ILE A 90 -4.04 1.94 -11.92
N PHE A 91 -4.04 1.03 -10.99
CA PHE A 91 -4.17 1.43 -9.55
C PHE A 91 -2.99 2.30 -9.15
N GLU A 92 -1.80 1.92 -9.50
CA GLU A 92 -0.60 2.72 -9.13
C GLU A 92 -0.61 4.04 -9.90
N LEU A 93 -0.75 3.99 -11.19
CA LEU A 93 -0.75 5.24 -11.99
C LEU A 93 -1.94 6.11 -11.60
N LYS A 94 -3.10 5.52 -11.52
CA LYS A 94 -4.32 6.30 -11.16
C LYS A 94 -4.18 6.89 -9.75
N THR A 95 -3.77 6.09 -8.81
CA THR A 95 -3.62 6.59 -7.42
C THR A 95 -2.47 7.60 -7.37
N ARG A 96 -1.39 7.30 -8.04
CA ARG A 96 -0.23 8.22 -8.03
C ARG A 96 -0.62 9.53 -8.73
N ALA A 97 -1.33 9.44 -9.82
CA ALA A 97 -1.74 10.66 -10.55
C ALA A 97 -2.54 11.56 -9.61
N LEU A 98 -3.38 10.98 -8.81
CA LEU A 98 -4.21 11.80 -7.87
C LEU A 98 -3.29 12.50 -6.86
N ALA A 99 -2.31 11.81 -6.36
CA ALA A 99 -1.39 12.41 -5.37
C ALA A 99 -0.71 13.64 -5.95
N ARG A 100 -0.17 13.53 -7.13
CA ARG A 100 0.51 14.69 -7.76
C ARG A 100 -0.53 15.62 -8.37
N LEU A 101 -1.72 15.13 -8.62
CA LEU A 101 -2.78 15.98 -9.23
C LEU A 101 -3.67 16.56 -8.15
N GLU A 102 -3.84 17.85 -8.15
CA GLU A 102 -4.69 18.51 -7.13
C GLU A 102 -6.14 18.02 -7.23
N HIS A 103 -6.84 18.08 -6.14
CA HIS A 103 -8.26 17.62 -6.12
C HIS A 103 -9.08 18.42 -7.13
N HIS A 104 -8.88 19.71 -7.20
CA HIS A 104 -9.66 20.54 -8.17
C HIS A 104 -9.00 20.54 -9.54
N HIS A 105 -9.71 20.09 -10.54
CA HIS A 105 -9.15 20.06 -11.92
C HIS A 105 -10.30 20.20 -12.93
N HIS A 106 -11.05 19.15 -13.13
CA HIS A 106 -12.18 19.22 -14.11
C HIS A 106 -13.27 18.22 -13.72
N HIS A 107 -14.45 18.37 -14.27
CA HIS A 107 -15.57 17.44 -13.95
C HIS A 107 -15.21 16.01 -14.40
N HIS A 108 -14.61 15.88 -15.54
CA HIS A 108 -14.24 14.52 -16.05
C HIS A 108 -13.40 13.78 -14.99
N MET A 1 -0.39 2.88 -32.72
CA MET A 1 -1.44 3.68 -33.40
C MET A 1 -2.43 4.23 -32.37
N SER A 2 -3.08 5.31 -32.68
CA SER A 2 -4.06 5.92 -31.74
C SER A 2 -5.28 4.99 -31.62
N ASN A 3 -5.44 4.09 -32.54
CA ASN A 3 -6.61 3.16 -32.50
C ASN A 3 -6.53 2.30 -31.24
N GLN A 4 -5.36 1.85 -30.90
CA GLN A 4 -5.21 1.00 -29.67
C GLN A 4 -3.77 1.12 -29.17
N THR A 5 -3.57 1.89 -28.14
CA THR A 5 -2.20 2.08 -27.59
C THR A 5 -1.70 0.76 -26.97
N CYS A 6 -0.47 0.39 -27.26
CA CYS A 6 0.11 -0.86 -26.70
C CYS A 6 1.55 -0.59 -26.28
N VAL A 7 1.85 -0.74 -25.02
CA VAL A 7 3.23 -0.48 -24.51
C VAL A 7 3.89 -1.80 -24.10
N GLU A 8 5.09 -2.04 -24.55
CA GLU A 8 5.80 -3.30 -24.21
C GLU A 8 6.00 -3.37 -22.70
N ASN A 9 5.75 -4.52 -22.13
CA ASN A 9 5.91 -4.68 -20.65
C ASN A 9 7.38 -4.96 -20.31
N GLU A 10 7.80 -4.56 -19.14
CA GLU A 10 9.21 -4.79 -18.72
C GLU A 10 9.24 -5.06 -17.22
N VAL A 11 9.26 -6.32 -16.84
CA VAL A 11 9.28 -6.67 -15.38
C VAL A 11 10.70 -7.03 -14.96
N CYS A 12 11.18 -6.45 -13.88
CA CYS A 12 12.57 -6.75 -13.40
C CYS A 12 12.58 -6.63 -11.88
N GLU A 13 11.48 -6.95 -11.25
CA GLU A 13 11.40 -6.85 -9.77
C GLU A 13 12.29 -7.90 -9.11
N ALA A 14 12.84 -7.58 -7.97
CA ALA A 14 13.73 -8.54 -7.26
C ALA A 14 12.96 -9.78 -6.81
N CYS A 15 13.60 -10.91 -6.79
CA CYS A 15 12.93 -12.18 -6.37
C CYS A 15 12.42 -12.04 -4.93
N GLY A 16 13.19 -11.41 -4.08
CA GLY A 16 12.76 -11.24 -2.66
C GLY A 16 12.91 -12.56 -1.92
N CYS A 17 13.74 -13.45 -2.41
CA CYS A 17 13.92 -14.76 -1.73
C CYS A 17 12.57 -15.42 -1.50
N ALA A 18 11.78 -15.55 -2.53
CA ALA A 18 10.44 -16.20 -2.40
C ALA A 18 9.75 -15.76 -1.11
N GLY A 19 9.77 -16.60 -0.11
CA GLY A 19 9.10 -16.27 1.17
C GLY A 19 9.87 -15.16 1.91
N GLU A 20 9.17 -14.34 2.64
CA GLU A 20 9.84 -13.26 3.41
C GLU A 20 8.82 -12.63 4.37
N ILE A 21 8.86 -13.02 5.62
CA ILE A 21 7.91 -12.46 6.61
C ILE A 21 6.48 -12.51 6.07
N GLY A 22 6.07 -11.49 5.37
CA GLY A 22 4.68 -11.47 4.80
C GLY A 22 3.66 -11.73 5.91
N PHE A 23 3.13 -10.69 6.49
CA PHE A 23 2.13 -10.88 7.58
C PHE A 23 0.78 -11.28 6.98
N ILE A 24 0.06 -12.12 7.69
CA ILE A 24 -1.28 -12.59 7.22
C ILE A 24 -1.19 -13.05 5.79
N ILE A 25 -1.34 -12.14 4.85
CA ILE A 25 -1.29 -12.57 3.43
C ILE A 25 0.16 -12.79 3.00
N ARG A 26 0.39 -13.81 2.21
CA ARG A 26 1.76 -14.12 1.71
C ARG A 26 2.02 -13.43 0.35
N GLU A 27 3.28 -13.22 0.03
CA GLU A 27 3.65 -12.55 -1.26
C GLU A 27 3.21 -13.40 -2.46
N GLY A 28 2.98 -12.76 -3.58
CA GLY A 28 2.56 -13.49 -4.81
C GLY A 28 1.03 -13.55 -4.90
N ASP A 29 0.53 -14.09 -5.98
CA ASP A 29 -0.95 -14.20 -6.18
C ASP A 29 -1.55 -12.82 -6.49
N ASP A 30 -1.17 -12.25 -7.60
CA ASP A 30 -1.70 -10.91 -7.99
C ASP A 30 -1.46 -9.91 -6.85
N VAL A 31 -0.23 -9.54 -6.64
CA VAL A 31 0.13 -8.57 -5.55
C VAL A 31 0.80 -7.35 -6.17
N ALA A 32 0.40 -6.18 -5.74
CA ALA A 32 0.99 -4.91 -6.29
C ALA A 32 1.68 -4.16 -5.16
N GLU A 33 2.74 -3.45 -5.48
CA GLU A 33 3.48 -2.68 -4.44
C GLU A 33 3.18 -1.19 -4.59
N VAL A 34 2.90 -0.53 -3.50
CA VAL A 34 2.58 0.93 -3.54
C VAL A 34 3.55 1.67 -2.63
N SER A 35 4.11 2.75 -3.11
CA SER A 35 5.07 3.53 -2.29
C SER A 35 4.64 4.99 -2.31
N LEU A 36 4.42 5.56 -1.14
CA LEU A 36 4.00 6.99 -1.07
C LEU A 36 5.06 7.79 -0.31
N PHE A 37 5.45 8.91 -0.85
CA PHE A 37 6.49 9.75 -0.19
C PHE A 37 5.87 11.06 0.29
N GLY A 38 6.12 11.44 1.50
CA GLY A 38 5.52 12.71 2.02
C GLY A 38 6.17 13.10 3.34
N SER A 39 5.54 13.97 4.08
CA SER A 39 6.09 14.43 5.38
C SER A 39 6.21 13.26 6.36
N ASP A 40 5.69 13.43 7.55
CA ASP A 40 5.77 12.34 8.58
C ASP A 40 4.82 11.21 8.21
N LYS A 41 4.86 10.15 8.98
CA LYS A 41 3.96 8.99 8.71
C LYS A 41 2.51 9.44 8.86
N ALA A 42 2.24 10.27 9.85
CA ALA A 42 0.85 10.75 10.07
C ALA A 42 0.32 11.39 8.79
N HIS A 43 1.12 12.22 8.17
CA HIS A 43 0.67 12.88 6.90
C HIS A 43 0.41 11.80 5.85
N LEU A 44 1.26 10.81 5.78
CA LEU A 44 1.07 9.73 4.77
C LEU A 44 -0.22 8.96 5.07
N GLU A 45 -0.50 8.73 6.33
CA GLU A 45 -1.74 7.97 6.69
C GLU A 45 -2.97 8.73 6.15
N GLY A 46 -2.99 10.03 6.27
CA GLY A 46 -4.16 10.80 5.77
C GLY A 46 -4.28 10.61 4.25
N LYS A 47 -3.19 10.74 3.55
CA LYS A 47 -3.21 10.55 2.08
C LYS A 47 -3.51 9.08 1.76
N LEU A 48 -3.06 8.19 2.60
CA LEU A 48 -3.29 6.74 2.35
C LEU A 48 -4.78 6.47 2.25
N ALA A 49 -5.58 7.14 3.05
CA ALA A 49 -7.05 6.92 3.00
C ALA A 49 -7.55 7.07 1.55
N GLU A 50 -7.04 8.04 0.84
CA GLU A 50 -7.49 8.24 -0.57
C GLU A 50 -7.02 7.06 -1.43
N TYR A 51 -5.82 6.61 -1.22
CA TYR A 51 -5.28 5.47 -2.01
C TYR A 51 -6.14 4.23 -1.76
N ILE A 52 -6.46 3.98 -0.51
CA ILE A 52 -7.29 2.80 -0.18
C ILE A 52 -8.68 2.94 -0.80
N SER A 53 -9.26 4.11 -0.73
CA SER A 53 -10.62 4.31 -1.30
C SER A 53 -10.61 4.00 -2.80
N LEU A 54 -9.57 4.40 -3.49
CA LEU A 54 -9.52 4.12 -4.95
C LEU A 54 -9.49 2.60 -5.17
N ALA A 55 -8.73 1.90 -4.37
CA ALA A 55 -8.65 0.42 -4.52
C ALA A 55 -10.02 -0.19 -4.24
N LYS A 56 -10.70 0.28 -3.23
CA LYS A 56 -12.05 -0.26 -2.91
C LYS A 56 -13.01 0.04 -4.05
N GLN A 57 -12.96 1.24 -4.56
CA GLN A 57 -13.88 1.61 -5.68
C GLN A 57 -13.51 0.82 -6.93
N VAL A 58 -12.24 0.72 -7.22
CA VAL A 58 -11.79 -0.03 -8.41
C VAL A 58 -12.16 -1.50 -8.25
N TYR A 59 -11.89 -2.07 -7.10
CA TYR A 59 -12.20 -3.51 -6.87
C TYR A 59 -12.93 -3.68 -5.53
N ALA A 60 -14.11 -4.25 -5.56
CA ALA A 60 -14.90 -4.45 -4.32
C ALA A 60 -14.25 -5.50 -3.41
N ASN A 61 -14.33 -5.30 -2.12
CA ASN A 61 -13.74 -6.28 -1.17
C ASN A 61 -12.24 -6.43 -1.47
N VAL A 62 -11.59 -5.33 -1.74
CA VAL A 62 -10.13 -5.39 -2.05
C VAL A 62 -9.33 -5.59 -0.76
N GLU A 63 -8.40 -6.52 -0.77
CA GLU A 63 -7.57 -6.78 0.44
C GLU A 63 -6.32 -5.92 0.39
N TYR A 64 -5.78 -5.55 1.53
CA TYR A 64 -4.55 -4.72 1.54
C TYR A 64 -3.80 -4.89 2.85
N GLU A 65 -2.56 -4.48 2.89
CA GLU A 65 -1.74 -4.61 4.12
C GLU A 65 -0.69 -3.52 4.14
N VAL A 66 -0.20 -3.17 5.29
CA VAL A 66 0.85 -2.10 5.39
C VAL A 66 2.09 -2.67 6.09
N ALA A 67 3.24 -2.48 5.51
CA ALA A 67 4.49 -2.98 6.10
C ALA A 67 4.90 -2.09 7.28
N PRO A 68 5.73 -2.58 8.16
CA PRO A 68 6.21 -1.82 9.35
C PRO A 68 6.95 -0.53 8.94
N VAL A 69 6.37 0.60 9.23
CA VAL A 69 7.00 1.91 8.88
C VAL A 69 7.14 2.76 10.14
N ALA A 70 8.27 3.36 10.33
CA ALA A 70 8.49 4.21 11.53
C ALA A 70 7.60 5.45 11.48
N ASP A 71 7.20 5.96 12.60
CA ASP A 71 6.34 7.16 12.64
C ASP A 71 7.11 8.36 12.08
N ASN A 72 8.40 8.36 12.23
CA ASN A 72 9.23 9.49 11.71
C ASN A 72 9.65 9.18 10.27
N ALA A 73 9.12 8.13 9.71
CA ALA A 73 9.48 7.75 8.31
C ALA A 73 8.94 8.78 7.32
N THR A 74 9.64 8.98 6.23
CA THR A 74 9.17 9.97 5.20
C THR A 74 8.49 9.23 4.06
N GLU A 75 8.35 7.93 4.17
CA GLU A 75 7.68 7.14 3.09
C GLU A 75 6.82 6.04 3.70
N LEU A 76 5.89 5.52 2.95
CA LEU A 76 5.01 4.43 3.48
C LEU A 76 5.03 3.25 2.51
N HIS A 77 5.16 2.06 3.04
CA HIS A 77 5.19 0.83 2.19
C HIS A 77 3.88 0.07 2.37
N ALA A 78 3.22 -0.26 1.29
CA ALA A 78 1.94 -1.02 1.40
C ALA A 78 1.74 -1.87 0.14
N ARG A 79 1.00 -2.93 0.26
CA ARG A 79 0.75 -3.83 -0.91
C ARG A 79 -0.75 -4.06 -1.06
N PHE A 80 -1.20 -4.27 -2.27
CA PHE A 80 -2.66 -4.51 -2.52
C PHE A 80 -2.83 -5.76 -3.37
N LYS A 81 -3.91 -6.48 -3.17
CA LYS A 81 -4.16 -7.72 -3.97
C LYS A 81 -5.38 -7.51 -4.86
N PHE A 82 -5.32 -7.97 -6.08
CA PHE A 82 -6.46 -7.80 -7.02
C PHE A 82 -6.75 -9.13 -7.72
N GLU A 83 -7.94 -9.27 -8.24
CA GLU A 83 -8.31 -10.54 -8.94
C GLU A 83 -7.46 -10.69 -10.20
N VAL A 84 -7.20 -9.60 -10.89
CA VAL A 84 -6.38 -9.69 -12.15
C VAL A 84 -5.34 -8.56 -12.18
N SER A 85 -4.32 -8.74 -12.96
CA SER A 85 -3.24 -7.71 -13.08
C SER A 85 -3.80 -6.42 -13.69
N ALA A 86 -4.68 -6.54 -14.65
CA ALA A 86 -5.27 -5.35 -15.31
C ALA A 86 -5.59 -4.27 -14.26
N GLU A 87 -6.08 -4.66 -13.13
CA GLU A 87 -6.41 -3.69 -12.06
C GLU A 87 -5.12 -3.03 -11.56
N LYS A 88 -4.05 -3.76 -11.53
CA LYS A 88 -2.75 -3.19 -11.05
C LYS A 88 -2.33 -2.03 -11.96
N LEU A 89 -2.43 -2.21 -13.24
CA LEU A 89 -2.01 -1.12 -14.17
C LEU A 89 -2.88 0.12 -13.97
N ILE A 90 -4.18 -0.05 -13.96
CA ILE A 90 -5.08 1.13 -13.77
C ILE A 90 -4.96 1.64 -12.33
N PHE A 91 -4.97 0.75 -11.37
CA PHE A 91 -4.88 1.18 -9.96
C PHE A 91 -3.54 1.87 -9.70
N GLU A 92 -2.47 1.31 -10.20
CA GLU A 92 -1.14 1.92 -9.98
C GLU A 92 -1.08 3.32 -10.62
N LEU A 93 -1.68 3.48 -11.76
CA LEU A 93 -1.66 4.81 -12.44
C LEU A 93 -2.39 5.84 -11.57
N LYS A 94 -3.52 5.50 -11.04
CA LYS A 94 -4.28 6.45 -10.19
C LYS A 94 -3.50 6.75 -8.91
N THR A 95 -2.96 5.73 -8.29
CA THR A 95 -2.19 5.94 -7.03
C THR A 95 -0.90 6.70 -7.34
N ARG A 96 -0.30 6.44 -8.47
CA ARG A 96 0.97 7.14 -8.82
C ARG A 96 0.64 8.61 -9.08
N ALA A 97 -0.47 8.88 -9.73
CA ALA A 97 -0.85 10.29 -10.01
C ALA A 97 -0.91 11.06 -8.69
N LEU A 98 -1.57 10.52 -7.71
CA LEU A 98 -1.67 11.21 -6.40
C LEU A 98 -0.27 11.33 -5.78
N ALA A 99 0.52 10.30 -5.89
CA ALA A 99 1.89 10.32 -5.31
C ALA A 99 2.73 11.38 -6.04
N ARG A 100 2.48 11.58 -7.30
CA ARG A 100 3.27 12.60 -8.07
C ARG A 100 2.58 13.96 -7.95
N LEU A 101 1.51 14.01 -7.21
CA LEU A 101 0.78 15.30 -7.04
C LEU A 101 1.68 16.32 -6.34
N GLU A 102 2.39 15.89 -5.33
CA GLU A 102 3.29 16.83 -4.59
C GLU A 102 4.72 16.72 -5.12
N HIS A 103 5.26 17.79 -5.61
CA HIS A 103 6.66 17.77 -6.16
C HIS A 103 7.63 18.33 -5.12
N HIS A 104 7.83 17.61 -4.05
CA HIS A 104 8.77 18.06 -3.00
C HIS A 104 10.18 17.55 -3.33
N HIS A 105 10.26 16.63 -4.25
CA HIS A 105 11.58 16.07 -4.67
C HIS A 105 12.34 15.50 -3.47
N HIS A 106 13.23 14.57 -3.72
CA HIS A 106 13.99 13.94 -2.61
C HIS A 106 15.12 14.86 -2.15
N HIS A 107 15.24 15.06 -0.86
CA HIS A 107 16.32 15.94 -0.32
C HIS A 107 17.67 15.28 -0.60
N HIS A 108 17.77 13.99 -0.39
CA HIS A 108 19.05 13.28 -0.64
C HIS A 108 20.17 13.93 0.19
N MET A 1 -17.13 -19.15 33.16
CA MET A 1 -17.63 -20.37 33.83
C MET A 1 -18.02 -21.40 32.77
N SER A 2 -18.65 -20.96 31.72
CA SER A 2 -19.08 -21.91 30.65
C SER A 2 -17.85 -22.53 29.97
N ASN A 3 -17.92 -23.79 29.64
CA ASN A 3 -16.78 -24.46 28.98
C ASN A 3 -16.62 -23.91 27.56
N GLN A 4 -17.60 -23.23 27.06
CA GLN A 4 -17.50 -22.68 25.68
C GLN A 4 -18.51 -21.54 25.51
N THR A 5 -18.11 -20.33 25.81
CA THR A 5 -19.05 -19.18 25.68
C THR A 5 -19.45 -18.99 24.22
N CYS A 6 -20.72 -18.77 23.97
CA CYS A 6 -21.19 -18.58 22.55
C CYS A 6 -21.22 -17.09 22.21
N VAL A 7 -20.70 -16.72 21.08
CA VAL A 7 -20.71 -15.29 20.65
C VAL A 7 -20.82 -15.24 19.12
N GLU A 8 -20.32 -16.25 18.46
CA GLU A 8 -20.41 -16.26 16.97
C GLU A 8 -20.16 -17.69 16.45
N ASN A 9 -21.10 -18.23 15.74
CA ASN A 9 -20.93 -19.60 15.18
C ASN A 9 -19.78 -19.62 14.18
N GLU A 10 -19.65 -18.59 13.39
CA GLU A 10 -18.56 -18.54 12.37
C GLU A 10 -17.21 -18.83 13.02
N VAL A 11 -16.29 -19.40 12.27
CA VAL A 11 -14.94 -19.73 12.81
C VAL A 11 -15.06 -20.72 13.96
N CYS A 12 -15.09 -21.99 13.64
CA CYS A 12 -15.22 -23.05 14.70
C CYS A 12 -13.85 -23.70 14.95
N GLU A 13 -13.82 -24.72 15.76
CA GLU A 13 -12.54 -25.42 16.05
C GLU A 13 -12.20 -26.37 14.90
N ALA A 14 -13.00 -26.35 13.87
CA ALA A 14 -12.74 -27.26 12.71
C ALA A 14 -11.57 -26.70 11.89
N CYS A 15 -11.10 -25.54 12.23
CA CYS A 15 -9.96 -24.94 11.49
C CYS A 15 -8.73 -25.84 11.67
N GLY A 16 -8.57 -26.42 12.83
CA GLY A 16 -7.39 -27.31 13.09
C GLY A 16 -6.41 -26.61 14.03
N CYS A 17 -5.14 -26.78 13.81
CA CYS A 17 -4.14 -26.09 14.68
C CYS A 17 -4.17 -24.60 14.28
N ALA A 18 -4.29 -23.70 15.24
CA ALA A 18 -4.38 -22.27 14.84
C ALA A 18 -3.03 -21.73 14.37
N GLY A 19 -3.04 -21.00 13.29
CA GLY A 19 -1.77 -20.41 12.75
C GLY A 19 -1.55 -19.03 13.35
N GLU A 20 -0.59 -18.90 14.21
CA GLU A 20 -0.29 -17.58 14.85
C GLU A 20 0.65 -16.80 13.93
N ILE A 21 0.76 -17.20 12.70
CA ILE A 21 1.66 -16.48 11.75
C ILE A 21 0.96 -15.23 11.23
N GLY A 22 -0.12 -14.84 11.87
CA GLY A 22 -0.88 -13.63 11.41
C GLY A 22 0.09 -12.51 11.02
N PHE A 23 0.43 -12.40 9.76
CA PHE A 23 1.37 -11.31 9.34
C PHE A 23 1.11 -10.95 7.88
N ILE A 24 2.16 -10.68 7.14
CA ILE A 24 2.01 -10.29 5.71
C ILE A 24 1.31 -11.42 4.93
N ILE A 25 0.44 -11.06 4.04
CA ILE A 25 -0.30 -12.09 3.26
C ILE A 25 0.66 -12.88 2.37
N ARG A 26 0.48 -14.18 2.31
CA ARG A 26 1.39 -15.03 1.48
C ARG A 26 1.34 -14.60 0.01
N GLU A 27 2.46 -14.66 -0.65
CA GLU A 27 2.51 -14.26 -2.09
C GLU A 27 1.54 -15.10 -2.92
N GLY A 28 0.75 -14.45 -3.72
CA GLY A 28 -0.22 -15.20 -4.58
C GLY A 28 -1.07 -14.20 -5.38
N ASP A 29 -1.88 -14.70 -6.28
CA ASP A 29 -2.75 -13.81 -7.11
C ASP A 29 -1.97 -12.61 -7.63
N ASP A 30 -2.66 -11.67 -8.24
CA ASP A 30 -1.98 -10.46 -8.79
C ASP A 30 -1.77 -9.44 -7.66
N VAL A 31 -0.67 -9.53 -6.97
CA VAL A 31 -0.40 -8.57 -5.86
C VAL A 31 0.26 -7.32 -6.43
N ALA A 32 0.22 -6.24 -5.68
CA ALA A 32 0.86 -4.97 -6.16
C ALA A 32 1.49 -4.25 -4.98
N GLU A 33 2.64 -3.68 -5.17
CA GLU A 33 3.33 -2.95 -4.05
C GLU A 33 3.14 -1.45 -4.24
N VAL A 34 2.95 -0.72 -3.17
CA VAL A 34 2.76 0.76 -3.28
C VAL A 34 3.83 1.45 -2.44
N SER A 35 4.47 2.44 -3.02
CA SER A 35 5.55 3.19 -2.29
C SER A 35 5.05 4.61 -2.03
N LEU A 36 5.03 5.02 -0.78
CA LEU A 36 4.54 6.39 -0.44
C LEU A 36 5.67 7.18 0.23
N PHE A 37 5.67 8.47 0.04
CA PHE A 37 6.74 9.34 0.64
C PHE A 37 6.08 10.49 1.40
N GLY A 38 6.69 10.94 2.47
CA GLY A 38 6.09 12.05 3.24
C GLY A 38 7.02 12.41 4.40
N SER A 39 6.61 13.36 5.21
CA SER A 39 7.47 13.77 6.36
C SER A 39 7.17 12.88 7.57
N ASP A 40 6.13 13.18 8.29
CA ASP A 40 5.77 12.37 9.49
C ASP A 40 4.89 11.19 9.11
N LYS A 41 4.69 10.28 10.01
CA LYS A 41 3.84 9.08 9.72
C LYS A 41 2.38 9.52 9.52
N ALA A 42 1.94 10.50 10.26
CA ALA A 42 0.52 10.95 10.12
C ALA A 42 0.24 11.37 8.68
N HIS A 43 1.15 12.07 8.07
CA HIS A 43 0.93 12.52 6.66
C HIS A 43 0.81 11.30 5.75
N LEU A 44 1.64 10.31 5.96
CA LEU A 44 1.59 9.10 5.11
C LEU A 44 0.25 8.38 5.30
N GLU A 45 -0.23 8.31 6.51
CA GLU A 45 -1.53 7.63 6.76
C GLU A 45 -2.64 8.35 6.02
N GLY A 46 -2.62 9.66 6.00
CA GLY A 46 -3.69 10.41 5.29
C GLY A 46 -3.63 10.11 3.79
N LYS A 47 -2.46 10.14 3.22
CA LYS A 47 -2.32 9.85 1.76
C LYS A 47 -2.74 8.40 1.50
N LEU A 48 -2.42 7.51 2.40
CA LEU A 48 -2.78 6.08 2.21
C LEU A 48 -4.30 5.95 2.12
N ALA A 49 -5.02 6.69 2.92
CA ALA A 49 -6.50 6.61 2.89
C ALA A 49 -7.01 6.83 1.46
N GLU A 50 -6.35 7.66 0.70
CA GLU A 50 -6.79 7.92 -0.69
C GLU A 50 -6.64 6.65 -1.53
N TYR A 51 -5.57 5.92 -1.34
CA TYR A 51 -5.35 4.67 -2.12
C TYR A 51 -6.49 3.69 -1.83
N ILE A 52 -6.92 3.61 -0.60
CA ILE A 52 -8.01 2.67 -0.25
C ILE A 52 -9.29 3.06 -1.00
N SER A 53 -9.61 4.33 -1.04
CA SER A 53 -10.84 4.77 -1.74
C SER A 53 -10.78 4.37 -3.21
N LEU A 54 -9.72 4.71 -3.89
CA LEU A 54 -9.61 4.35 -5.34
C LEU A 54 -9.52 2.83 -5.47
N ALA A 55 -8.78 2.19 -4.61
CA ALA A 55 -8.66 0.71 -4.69
C ALA A 55 -10.02 0.06 -4.42
N LYS A 56 -10.77 0.59 -3.48
CA LYS A 56 -12.10 0.00 -3.18
C LYS A 56 -13.01 0.14 -4.40
N GLN A 57 -13.02 1.29 -5.01
CA GLN A 57 -13.88 1.51 -6.20
C GLN A 57 -13.40 0.62 -7.35
N VAL A 58 -12.11 0.55 -7.57
CA VAL A 58 -11.58 -0.29 -8.66
C VAL A 58 -11.92 -1.75 -8.40
N TYR A 59 -11.71 -2.21 -7.18
CA TYR A 59 -12.00 -3.64 -6.86
C TYR A 59 -12.68 -3.72 -5.49
N ALA A 60 -13.89 -4.22 -5.45
CA ALA A 60 -14.63 -4.33 -4.17
C ALA A 60 -14.00 -5.39 -3.26
N ASN A 61 -14.16 -5.25 -1.97
CA ASN A 61 -13.57 -6.23 -1.00
C ASN A 61 -12.06 -6.31 -1.20
N VAL A 62 -11.44 -5.20 -1.50
CA VAL A 62 -9.97 -5.20 -1.71
C VAL A 62 -9.24 -5.37 -0.37
N GLU A 63 -8.21 -6.17 -0.33
CA GLU A 63 -7.45 -6.41 0.93
C GLU A 63 -6.03 -5.87 0.77
N TYR A 64 -5.48 -5.28 1.82
CA TYR A 64 -4.10 -4.74 1.72
C TYR A 64 -3.42 -4.85 3.09
N GLU A 65 -2.11 -4.77 3.12
CA GLU A 65 -1.38 -4.86 4.42
C GLU A 65 -0.21 -3.87 4.39
N VAL A 66 0.13 -3.33 5.54
CA VAL A 66 1.24 -2.34 5.60
C VAL A 66 2.37 -2.89 6.48
N ALA A 67 3.57 -2.87 5.98
CA ALA A 67 4.73 -3.38 6.77
C ALA A 67 5.03 -2.43 7.93
N PRO A 68 5.92 -2.81 8.82
CA PRO A 68 6.30 -1.96 10.00
C PRO A 68 6.68 -0.54 9.58
N VAL A 69 6.11 0.46 10.22
CA VAL A 69 6.43 1.89 9.89
C VAL A 69 6.74 2.65 11.18
N ALA A 70 7.78 3.42 11.17
CA ALA A 70 8.15 4.20 12.39
C ALA A 70 7.33 5.49 12.45
N ASP A 71 7.22 6.07 13.61
CA ASP A 71 6.45 7.34 13.77
C ASP A 71 7.14 8.45 12.96
N ASN A 72 8.45 8.45 12.93
CA ASN A 72 9.18 9.51 12.17
C ASN A 72 9.54 8.97 10.77
N ALA A 73 8.88 7.93 10.35
CA ALA A 73 9.18 7.34 9.01
C ALA A 73 8.87 8.38 7.91
N THR A 74 9.67 8.38 6.87
CA THR A 74 9.44 9.34 5.74
C THR A 74 8.76 8.61 4.58
N GLU A 75 8.55 7.34 4.71
CA GLU A 75 7.88 6.57 3.61
C GLU A 75 7.08 5.42 4.22
N LEU A 76 6.11 4.92 3.49
CA LEU A 76 5.27 3.80 4.00
C LEU A 76 5.17 2.72 2.93
N HIS A 77 5.35 1.47 3.32
CA HIS A 77 5.28 0.35 2.34
C HIS A 77 3.94 -0.37 2.49
N ALA A 78 3.25 -0.59 1.41
CA ALA A 78 1.92 -1.27 1.49
C ALA A 78 1.76 -2.21 0.28
N ARG A 79 0.95 -3.22 0.43
CA ARG A 79 0.72 -4.18 -0.70
C ARG A 79 -0.77 -4.33 -0.93
N PHE A 80 -1.17 -4.56 -2.16
CA PHE A 80 -2.63 -4.71 -2.48
C PHE A 80 -2.83 -5.99 -3.28
N LYS A 81 -3.97 -6.62 -3.11
CA LYS A 81 -4.26 -7.89 -3.86
C LYS A 81 -5.40 -7.62 -4.84
N PHE A 82 -5.06 -7.50 -6.11
CA PHE A 82 -6.10 -7.23 -7.15
C PHE A 82 -6.50 -8.53 -7.85
N GLU A 83 -7.72 -8.63 -8.27
CA GLU A 83 -8.17 -9.87 -8.96
C GLU A 83 -7.42 -10.03 -10.29
N VAL A 84 -7.15 -8.95 -10.97
CA VAL A 84 -6.42 -9.05 -12.28
C VAL A 84 -5.29 -8.02 -12.34
N SER A 85 -4.31 -8.26 -13.15
CA SER A 85 -3.18 -7.31 -13.28
C SER A 85 -3.65 -6.04 -13.98
N ALA A 86 -4.77 -6.09 -14.64
CA ALA A 86 -5.28 -4.89 -15.36
C ALA A 86 -5.57 -3.78 -14.34
N GLU A 87 -6.14 -4.14 -13.22
CA GLU A 87 -6.44 -3.11 -12.18
C GLU A 87 -5.13 -2.55 -11.64
N LYS A 88 -4.11 -3.35 -11.59
CA LYS A 88 -2.80 -2.86 -11.07
C LYS A 88 -2.26 -1.76 -12.00
N LEU A 89 -2.34 -1.96 -13.28
CA LEU A 89 -1.81 -0.92 -14.22
C LEU A 89 -2.58 0.39 -14.04
N ILE A 90 -3.88 0.33 -14.01
CA ILE A 90 -4.68 1.58 -13.82
C ILE A 90 -4.51 2.08 -12.39
N PHE A 91 -4.59 1.20 -11.44
CA PHE A 91 -4.44 1.61 -10.02
C PHE A 91 -3.09 2.28 -9.80
N GLU A 92 -2.05 1.72 -10.33
CA GLU A 92 -0.69 2.33 -10.14
C GLU A 92 -0.64 3.72 -10.78
N LEU A 93 -0.88 3.80 -12.06
CA LEU A 93 -0.83 5.12 -12.76
C LEU A 93 -1.90 6.05 -12.18
N LYS A 94 -3.09 5.54 -11.96
CA LYS A 94 -4.17 6.40 -11.41
C LYS A 94 -3.79 6.90 -10.02
N THR A 95 -3.28 6.05 -9.18
CA THR A 95 -2.88 6.50 -7.82
C THR A 95 -1.72 7.48 -7.93
N ARG A 96 -0.75 7.18 -8.77
CA ARG A 96 0.40 8.09 -8.93
C ARG A 96 -0.10 9.42 -9.50
N ALA A 97 -1.02 9.36 -10.42
CA ALA A 97 -1.56 10.61 -11.02
C ALA A 97 -2.24 11.45 -9.94
N LEU A 98 -2.94 10.81 -9.04
CA LEU A 98 -3.63 11.56 -7.95
C LEU A 98 -2.57 12.23 -7.08
N ALA A 99 -1.54 11.52 -6.73
CA ALA A 99 -0.47 12.12 -5.88
C ALA A 99 0.28 13.16 -6.70
N ARG A 100 0.49 12.89 -7.95
CA ARG A 100 1.22 13.85 -8.82
C ARG A 100 0.32 15.06 -9.12
N LEU A 101 -0.96 14.90 -8.89
CA LEU A 101 -1.93 16.00 -9.15
C LEU A 101 -1.88 16.43 -10.62
N GLU A 102 -3.01 16.83 -11.15
CA GLU A 102 -3.08 17.25 -12.57
C GLU A 102 -2.02 18.33 -12.84
N HIS A 103 -0.83 17.92 -13.17
CA HIS A 103 0.26 18.89 -13.47
C HIS A 103 -0.08 19.67 -14.73
N HIS A 104 -0.62 19.00 -15.71
CA HIS A 104 -0.96 19.70 -16.99
C HIS A 104 -1.79 20.95 -16.71
N HIS A 105 -1.35 22.08 -17.22
CA HIS A 105 -2.10 23.35 -17.02
C HIS A 105 -2.55 23.48 -15.56
N HIS A 106 -3.36 24.47 -15.29
CA HIS A 106 -3.85 24.69 -13.91
C HIS A 106 -5.19 25.45 -13.99
N HIS A 107 -5.99 25.12 -14.97
CA HIS A 107 -7.29 25.83 -15.12
C HIS A 107 -8.23 25.47 -13.97
N HIS A 108 -8.98 26.42 -13.49
CA HIS A 108 -9.92 26.16 -12.36
C HIS A 108 -10.86 25.00 -12.73
N MET A 1 2.73 19.38 16.26
CA MET A 1 1.51 19.39 17.11
C MET A 1 0.41 18.56 16.43
N SER A 2 0.47 17.27 16.61
CA SER A 2 -0.54 16.35 15.99
C SER A 2 -1.91 16.58 16.62
N ASN A 3 -2.94 16.45 15.84
CA ASN A 3 -4.33 16.65 16.35
C ASN A 3 -4.63 15.59 17.41
N GLN A 4 -4.19 14.37 17.19
CA GLN A 4 -4.44 13.27 18.16
C GLN A 4 -3.24 13.13 19.09
N THR A 5 -3.51 12.90 20.35
CA THR A 5 -2.42 12.75 21.35
C THR A 5 -2.23 11.26 21.66
N CYS A 6 -3.30 10.56 21.89
CA CYS A 6 -3.21 9.10 22.21
C CYS A 6 -4.51 8.39 21.79
N VAL A 7 -4.48 7.09 21.77
CA VAL A 7 -5.68 6.31 21.36
C VAL A 7 -6.71 6.28 22.49
N GLU A 8 -7.94 6.58 22.16
CA GLU A 8 -9.03 6.59 23.18
C GLU A 8 -9.51 5.16 23.42
N ASN A 9 -8.69 4.20 23.10
CA ASN A 9 -9.05 2.77 23.31
C ASN A 9 -10.35 2.46 22.58
N GLU A 10 -10.55 3.09 21.45
CA GLU A 10 -11.78 2.87 20.64
C GLU A 10 -13.03 2.94 21.51
N VAL A 11 -14.17 2.81 20.89
CA VAL A 11 -15.46 2.88 21.64
C VAL A 11 -15.80 1.52 22.26
N CYS A 12 -16.21 1.54 23.49
CA CYS A 12 -16.57 0.28 24.21
C CYS A 12 -15.45 -0.74 24.07
N GLU A 13 -14.66 -0.87 25.09
CA GLU A 13 -13.52 -1.82 25.06
C GLU A 13 -14.03 -3.26 25.09
N ALA A 14 -13.60 -4.04 24.14
CA ALA A 14 -14.03 -5.46 24.09
C ALA A 14 -13.26 -6.17 22.97
N CYS A 15 -13.52 -5.81 21.73
CA CYS A 15 -12.83 -6.46 20.58
C CYS A 15 -11.47 -5.81 20.34
N GLY A 16 -10.47 -6.62 20.13
CA GLY A 16 -9.11 -6.09 19.89
C GLY A 16 -8.26 -7.11 19.12
N CYS A 17 -7.89 -6.78 17.92
CA CYS A 17 -7.06 -7.70 17.08
C CYS A 17 -5.58 -7.51 17.42
N ALA A 18 -5.13 -8.17 18.45
CA ALA A 18 -3.71 -8.07 18.88
C ALA A 18 -2.79 -8.72 17.84
N GLY A 19 -1.67 -8.10 17.61
CA GLY A 19 -0.69 -8.63 16.60
C GLY A 19 -0.04 -9.91 17.12
N GLU A 20 -0.21 -10.98 16.39
CA GLU A 20 0.40 -12.28 16.80
C GLU A 20 0.20 -13.30 15.67
N ILE A 21 -0.79 -13.09 14.84
CA ILE A 21 -1.05 -14.02 13.70
C ILE A 21 -0.12 -13.73 12.53
N GLY A 22 0.33 -14.76 11.88
CA GLY A 22 1.25 -14.59 10.73
C GLY A 22 0.48 -14.41 9.42
N PHE A 23 0.73 -13.33 8.74
CA PHE A 23 0.04 -13.05 7.45
C PHE A 23 1.05 -13.12 6.31
N ILE A 24 0.68 -13.83 5.27
CA ILE A 24 1.58 -13.99 4.09
C ILE A 24 1.39 -12.80 3.14
N ILE A 25 0.42 -12.89 2.26
CA ILE A 25 0.15 -11.80 1.28
C ILE A 25 1.47 -11.36 0.63
N ARG A 26 2.51 -12.11 0.84
CA ARG A 26 3.84 -11.76 0.24
C ARG A 26 4.17 -12.73 -0.90
N GLU A 27 4.49 -12.18 -2.04
CA GLU A 27 4.85 -13.00 -3.23
C GLU A 27 3.70 -13.97 -3.55
N GLY A 28 2.49 -13.50 -3.45
CA GLY A 28 1.30 -14.36 -3.74
C GLY A 28 1.04 -14.37 -5.25
N ASP A 29 1.95 -13.84 -6.01
CA ASP A 29 1.79 -13.78 -7.50
C ASP A 29 0.50 -13.06 -7.85
N ASP A 30 0.05 -12.21 -6.97
CA ASP A 30 -1.20 -11.42 -7.22
C ASP A 30 -1.25 -10.25 -6.25
N VAL A 31 -0.09 -9.79 -5.79
CA VAL A 31 -0.03 -8.64 -4.83
C VAL A 31 0.74 -7.49 -5.47
N ALA A 32 0.22 -6.30 -5.35
CA ALA A 32 0.88 -5.10 -5.95
C ALA A 32 1.67 -4.35 -4.89
N GLU A 33 2.64 -3.58 -5.32
CA GLU A 33 3.50 -2.81 -4.38
C GLU A 33 3.17 -1.32 -4.48
N VAL A 34 2.87 -0.72 -3.36
CA VAL A 34 2.54 0.74 -3.32
C VAL A 34 3.47 1.45 -2.33
N SER A 35 4.00 2.57 -2.73
CA SER A 35 4.92 3.34 -1.85
C SER A 35 4.59 4.83 -1.94
N LEU A 36 4.37 5.45 -0.81
CA LEU A 36 4.04 6.90 -0.77
C LEU A 36 5.13 7.64 0.00
N PHE A 37 5.60 8.73 -0.56
CA PHE A 37 6.67 9.54 0.10
C PHE A 37 6.07 10.86 0.59
N GLY A 38 6.34 11.19 1.82
CA GLY A 38 5.80 12.45 2.40
C GLY A 38 6.41 12.67 3.80
N SER A 39 5.81 13.55 4.55
CA SER A 39 6.32 13.86 5.91
C SER A 39 6.26 12.62 6.81
N ASP A 40 6.03 12.83 8.07
CA ASP A 40 5.97 11.70 9.05
C ASP A 40 4.94 10.66 8.62
N LYS A 41 4.88 9.58 9.34
CA LYS A 41 3.93 8.49 9.01
C LYS A 41 2.49 9.00 9.13
N ALA A 42 2.22 9.78 10.14
CA ALA A 42 0.84 10.31 10.36
C ALA A 42 0.34 11.01 9.08
N HIS A 43 1.17 11.84 8.51
CA HIS A 43 0.76 12.57 7.27
C HIS A 43 0.51 11.57 6.15
N LEU A 44 1.34 10.57 6.05
CA LEU A 44 1.17 9.54 4.98
C LEU A 44 -0.15 8.81 5.18
N GLU A 45 -0.49 8.52 6.40
CA GLU A 45 -1.76 7.80 6.69
C GLU A 45 -2.94 8.64 6.20
N GLY A 46 -2.87 9.93 6.42
CA GLY A 46 -3.98 10.83 5.99
C GLY A 46 -4.13 10.76 4.47
N LYS A 47 -3.04 10.75 3.76
CA LYS A 47 -3.11 10.69 2.27
C LYS A 47 -3.31 9.24 1.84
N LEU A 48 -2.98 8.32 2.70
CA LEU A 48 -3.13 6.87 2.38
C LEU A 48 -4.62 6.56 2.17
N ALA A 49 -5.46 7.12 2.99
CA ALA A 49 -6.92 6.86 2.90
C ALA A 49 -7.40 7.04 1.45
N GLU A 50 -6.87 8.01 0.76
CA GLU A 50 -7.27 8.25 -0.65
C GLU A 50 -6.79 7.10 -1.53
N TYR A 51 -5.58 6.66 -1.32
CA TYR A 51 -5.01 5.55 -2.14
C TYR A 51 -5.83 4.28 -1.91
N ILE A 52 -6.14 3.98 -0.68
CA ILE A 52 -6.92 2.76 -0.37
C ILE A 52 -8.33 2.89 -0.97
N SER A 53 -8.92 4.05 -0.83
CA SER A 53 -10.29 4.27 -1.37
C SER A 53 -10.32 3.98 -2.86
N LEU A 54 -9.31 4.40 -3.56
CA LEU A 54 -9.24 4.15 -5.04
C LEU A 54 -9.18 2.65 -5.30
N ALA A 55 -8.44 1.94 -4.49
CA ALA A 55 -8.30 0.47 -4.68
C ALA A 55 -9.69 -0.18 -4.57
N LYS A 56 -10.47 0.26 -3.62
CA LYS A 56 -11.83 -0.30 -3.44
C LYS A 56 -12.70 0.04 -4.64
N GLN A 57 -12.58 1.25 -5.14
CA GLN A 57 -13.39 1.69 -6.30
C GLN A 57 -13.02 0.85 -7.53
N VAL A 58 -11.75 0.64 -7.74
CA VAL A 58 -11.29 -0.15 -8.91
C VAL A 58 -11.77 -1.60 -8.77
N TYR A 59 -11.62 -2.17 -7.59
CA TYR A 59 -12.05 -3.58 -7.36
C TYR A 59 -12.99 -3.64 -6.15
N ALA A 60 -14.08 -4.33 -6.31
CA ALA A 60 -15.08 -4.45 -5.20
C ALA A 60 -14.38 -4.70 -3.87
N ASN A 61 -14.29 -5.93 -3.47
CA ASN A 61 -13.66 -6.27 -2.16
C ASN A 61 -12.15 -6.39 -2.34
N VAL A 62 -11.46 -5.30 -2.12
CA VAL A 62 -9.97 -5.30 -2.26
C VAL A 62 -9.31 -5.43 -0.89
N GLU A 63 -8.34 -6.29 -0.79
CA GLU A 63 -7.63 -6.51 0.50
C GLU A 63 -6.25 -5.85 0.42
N TYR A 64 -5.82 -5.30 1.52
CA TYR A 64 -4.50 -4.62 1.56
C TYR A 64 -3.90 -4.68 2.96
N GLU A 65 -2.62 -4.47 3.05
CA GLU A 65 -1.93 -4.50 4.37
C GLU A 65 -0.76 -3.51 4.35
N VAL A 66 -0.48 -2.91 5.48
CA VAL A 66 0.63 -1.92 5.58
C VAL A 66 1.84 -2.57 6.24
N ALA A 67 2.96 -2.50 5.57
CA ALA A 67 4.21 -3.10 6.11
C ALA A 67 4.79 -2.19 7.19
N PRO A 68 5.79 -2.68 7.88
CA PRO A 68 6.48 -1.91 8.98
C PRO A 68 6.98 -0.54 8.52
N VAL A 69 6.78 0.46 9.34
CA VAL A 69 7.23 1.84 9.01
C VAL A 69 8.06 2.43 10.16
N ALA A 70 9.20 2.98 9.82
CA ALA A 70 10.10 3.58 10.85
C ALA A 70 9.53 4.92 11.33
N ASP A 71 8.23 5.02 11.38
CA ASP A 71 7.56 6.27 11.85
C ASP A 71 8.05 7.46 11.01
N ASN A 72 9.26 7.87 11.22
CA ASN A 72 9.83 9.01 10.47
C ASN A 72 10.39 8.49 9.15
N ALA A 73 10.07 7.27 8.81
CA ALA A 73 10.57 6.66 7.53
C ALA A 73 10.25 7.60 6.37
N THR A 74 9.52 8.65 6.63
CA THR A 74 9.17 9.63 5.57
C THR A 74 8.57 8.87 4.39
N GLU A 75 8.27 7.62 4.58
CA GLU A 75 7.68 6.80 3.49
C GLU A 75 6.77 5.74 4.11
N LEU A 76 5.78 5.32 3.37
CA LEU A 76 4.83 4.28 3.86
C LEU A 76 4.72 3.17 2.83
N HIS A 77 4.84 1.95 3.28
CA HIS A 77 4.75 0.77 2.36
C HIS A 77 3.38 0.11 2.51
N ALA A 78 2.73 -0.09 1.39
CA ALA A 78 1.38 -0.72 1.40
C ALA A 78 1.29 -1.77 0.30
N ARG A 79 0.47 -2.76 0.50
CA ARG A 79 0.30 -3.85 -0.51
C ARG A 79 -1.16 -4.02 -0.84
N PHE A 80 -1.44 -4.34 -2.09
CA PHE A 80 -2.85 -4.52 -2.54
C PHE A 80 -2.98 -5.83 -3.30
N LYS A 81 -4.14 -6.43 -3.25
CA LYS A 81 -4.38 -7.73 -3.95
C LYS A 81 -5.41 -7.53 -5.07
N PHE A 82 -5.06 -7.96 -6.25
CA PHE A 82 -5.99 -7.84 -7.42
C PHE A 82 -6.12 -9.18 -8.13
N GLU A 83 -7.30 -9.48 -8.61
CA GLU A 83 -7.56 -10.76 -9.31
C GLU A 83 -6.82 -10.77 -10.64
N VAL A 84 -6.71 -9.63 -11.28
CA VAL A 84 -6.00 -9.56 -12.60
C VAL A 84 -4.99 -8.40 -12.60
N SER A 85 -4.06 -8.46 -13.51
CA SER A 85 -3.01 -7.41 -13.61
C SER A 85 -3.58 -6.15 -14.25
N ALA A 86 -4.70 -6.28 -14.91
CA ALA A 86 -5.32 -5.09 -15.58
C ALA A 86 -5.69 -4.05 -14.52
N GLU A 87 -6.21 -4.51 -13.42
CA GLU A 87 -6.60 -3.57 -12.32
C GLU A 87 -5.35 -3.02 -11.65
N LYS A 88 -4.30 -3.80 -11.62
CA LYS A 88 -3.03 -3.34 -10.99
C LYS A 88 -2.49 -2.14 -11.76
N LEU A 89 -2.45 -2.24 -13.06
CA LEU A 89 -1.90 -1.12 -13.89
C LEU A 89 -2.79 0.12 -13.74
N ILE A 90 -4.08 -0.06 -13.80
CA ILE A 90 -5.01 1.10 -13.67
C ILE A 90 -4.96 1.63 -12.24
N PHE A 91 -4.96 0.74 -11.28
CA PHE A 91 -4.92 1.15 -9.85
C PHE A 91 -3.62 1.91 -9.58
N GLU A 92 -2.52 1.38 -10.03
CA GLU A 92 -1.21 2.04 -9.83
C GLU A 92 -1.17 3.34 -10.63
N LEU A 93 -1.82 3.34 -11.76
CA LEU A 93 -1.82 4.56 -12.62
C LEU A 93 -2.53 5.69 -11.89
N LYS A 94 -3.66 5.40 -11.30
CA LYS A 94 -4.43 6.45 -10.57
C LYS A 94 -3.64 6.90 -9.33
N THR A 95 -3.09 5.96 -8.61
CA THR A 95 -2.32 6.31 -7.37
C THR A 95 -1.05 7.06 -7.76
N ARG A 96 -0.48 6.73 -8.88
CA ARG A 96 0.78 7.40 -9.32
C ARG A 96 0.51 8.90 -9.54
N ALA A 97 -0.59 9.21 -10.17
CA ALA A 97 -0.95 10.63 -10.44
C ALA A 97 -1.24 11.34 -9.12
N LEU A 98 -1.80 10.64 -8.17
CA LEU A 98 -2.14 11.28 -6.87
C LEU A 98 -0.85 11.77 -6.21
N ALA A 99 0.16 10.94 -6.22
CA ALA A 99 1.46 11.30 -5.59
C ALA A 99 2.09 12.46 -6.35
N ARG A 100 1.94 12.47 -7.64
CA ARG A 100 2.52 13.56 -8.48
C ARG A 100 1.79 14.86 -8.17
N LEU A 101 0.64 14.76 -7.56
CA LEU A 101 -0.15 15.96 -7.19
C LEU A 101 -0.37 16.81 -8.43
N GLU A 102 -1.15 16.32 -9.35
CA GLU A 102 -1.43 17.07 -10.61
C GLU A 102 -2.30 18.29 -10.30
N HIS A 103 -2.08 19.34 -11.04
CA HIS A 103 -2.85 20.59 -10.82
C HIS A 103 -4.26 20.43 -11.36
N HIS A 104 -5.21 21.00 -10.67
CA HIS A 104 -6.65 20.91 -11.10
C HIS A 104 -7.20 22.29 -11.40
N HIS A 105 -8.20 22.35 -12.23
CA HIS A 105 -8.82 23.65 -12.61
C HIS A 105 -9.59 24.22 -11.42
N HIS A 106 -9.49 25.51 -11.25
CA HIS A 106 -10.18 26.18 -10.12
C HIS A 106 -11.69 25.98 -10.25
N HIS A 107 -12.21 26.11 -11.45
CA HIS A 107 -13.68 25.93 -11.66
C HIS A 107 -14.04 24.45 -11.66
N HIS A 108 -15.13 24.11 -11.01
CA HIS A 108 -15.57 22.69 -10.95
C HIS A 108 -16.96 22.61 -10.33
N MET A 1 24.19 -12.03 -12.91
CA MET A 1 24.53 -10.73 -13.53
C MET A 1 25.65 -10.05 -12.74
N SER A 2 26.12 -8.94 -13.24
CA SER A 2 27.22 -8.17 -12.56
C SER A 2 28.38 -9.11 -12.22
N ASN A 3 28.52 -10.16 -12.99
CA ASN A 3 29.64 -11.13 -12.75
C ASN A 3 29.50 -11.77 -11.38
N GLN A 4 29.44 -13.07 -11.35
CA GLN A 4 29.28 -13.81 -10.06
C GLN A 4 30.34 -13.31 -9.07
N THR A 5 31.37 -14.08 -8.88
CA THR A 5 32.45 -13.71 -7.93
C THR A 5 31.84 -13.12 -6.66
N CYS A 6 31.65 -11.83 -6.63
CA CYS A 6 31.06 -11.17 -5.42
C CYS A 6 29.54 -11.17 -5.53
N VAL A 7 28.92 -12.06 -4.82
CA VAL A 7 27.42 -12.16 -4.84
C VAL A 7 26.84 -11.41 -3.63
N GLU A 8 26.22 -10.29 -3.90
CA GLU A 8 25.60 -9.46 -2.83
C GLU A 8 26.49 -9.45 -1.59
N ASN A 9 27.65 -8.87 -1.71
CA ASN A 9 28.60 -8.80 -0.57
C ASN A 9 28.20 -7.65 0.36
N GLU A 10 28.54 -6.45 -0.01
CA GLU A 10 28.20 -5.26 0.82
C GLU A 10 28.50 -5.53 2.29
N VAL A 11 27.98 -4.69 3.15
CA VAL A 11 28.22 -4.86 4.62
C VAL A 11 27.23 -5.86 5.19
N CYS A 12 27.72 -6.78 5.98
CA CYS A 12 26.84 -7.82 6.58
C CYS A 12 26.04 -7.21 7.74
N GLU A 13 24.83 -7.68 7.90
CA GLU A 13 23.94 -7.19 8.99
C GLU A 13 23.60 -5.72 8.74
N ALA A 14 23.59 -5.31 7.50
CA ALA A 14 23.25 -3.90 7.17
C ALA A 14 21.74 -3.77 6.99
N CYS A 15 21.03 -4.86 7.03
CA CYS A 15 19.56 -4.82 6.87
C CYS A 15 18.92 -6.06 7.50
N GLY A 16 17.64 -6.01 7.73
CA GLY A 16 16.91 -7.15 8.34
C GLY A 16 16.94 -8.37 7.43
N CYS A 17 16.69 -9.52 7.99
CA CYS A 17 16.70 -10.78 7.20
C CYS A 17 15.33 -11.02 6.57
N ALA A 18 15.32 -11.56 5.39
CA ALA A 18 14.04 -11.84 4.67
C ALA A 18 13.42 -13.12 5.22
N GLY A 19 14.15 -13.81 6.06
CA GLY A 19 13.64 -15.08 6.65
C GLY A 19 12.66 -14.76 7.78
N GLU A 20 12.51 -13.49 8.08
CA GLU A 20 11.59 -13.08 9.18
C GLU A 20 10.13 -13.22 8.74
N ILE A 21 9.32 -13.83 9.57
CA ILE A 21 7.89 -14.03 9.22
C ILE A 21 7.07 -12.82 9.69
N GLY A 22 6.25 -12.32 8.82
CA GLY A 22 5.41 -11.16 9.17
C GLY A 22 4.32 -10.97 8.11
N PHE A 23 4.46 -9.93 7.31
CA PHE A 23 3.44 -9.65 6.24
C PHE A 23 4.07 -9.91 4.87
N ILE A 24 4.36 -8.87 4.14
CA ILE A 24 4.96 -9.02 2.78
C ILE A 24 4.15 -10.03 1.97
N ILE A 25 3.31 -9.54 1.11
CA ILE A 25 2.46 -10.44 0.26
C ILE A 25 3.28 -10.98 -0.91
N ARG A 26 3.25 -12.28 -1.07
CA ARG A 26 4.00 -12.96 -2.17
C ARG A 26 3.07 -13.26 -3.34
N GLU A 27 1.87 -12.74 -3.29
CA GLU A 27 0.90 -12.98 -4.41
C GLU A 27 1.32 -12.14 -5.61
N GLY A 28 2.56 -12.25 -5.99
CA GLY A 28 3.08 -11.48 -7.15
C GLY A 28 2.11 -11.56 -8.31
N ASP A 29 2.17 -10.60 -9.19
CA ASP A 29 1.25 -10.59 -10.37
C ASP A 29 -0.17 -10.30 -9.90
N ASP A 30 -0.58 -10.93 -8.83
CA ASP A 30 -1.95 -10.71 -8.27
C ASP A 30 -1.88 -9.69 -7.14
N VAL A 31 -0.76 -9.05 -6.98
CA VAL A 31 -0.59 -8.04 -5.90
C VAL A 31 -0.03 -6.75 -6.48
N ALA A 32 -0.32 -5.64 -5.84
CA ALA A 32 0.17 -4.31 -6.31
C ALA A 32 1.01 -3.65 -5.21
N GLU A 33 2.05 -2.98 -5.61
CA GLU A 33 2.95 -2.29 -4.64
C GLU A 33 2.55 -0.84 -4.48
N VAL A 34 2.56 -0.36 -3.26
CA VAL A 34 2.19 1.06 -2.98
C VAL A 34 3.31 1.71 -2.17
N SER A 35 3.74 2.87 -2.60
CA SER A 35 4.82 3.61 -1.88
C SER A 35 4.40 5.07 -1.72
N LEU A 36 4.48 5.58 -0.52
CA LEU A 36 4.09 6.99 -0.26
C LEU A 36 5.28 7.78 0.29
N PHE A 37 5.29 9.05 0.02
CA PHE A 37 6.41 9.93 0.51
C PHE A 37 5.84 11.09 1.32
N GLY A 38 6.48 11.42 2.40
CA GLY A 38 6.01 12.53 3.27
C GLY A 38 6.89 12.65 4.51
N SER A 39 6.58 13.60 5.35
CA SER A 39 7.38 13.82 6.60
C SER A 39 6.82 12.95 7.73
N ASP A 40 5.71 13.35 8.31
CA ASP A 40 5.11 12.57 9.45
C ASP A 40 4.32 11.37 8.91
N LYS A 41 4.18 10.37 9.73
CA LYS A 41 3.43 9.14 9.31
C LYS A 41 1.97 9.50 9.04
N ALA A 42 1.39 10.34 9.85
CA ALA A 42 -0.04 10.72 9.66
C ALA A 42 -0.26 11.22 8.23
N HIS A 43 0.69 11.97 7.72
CA HIS A 43 0.56 12.50 6.33
C HIS A 43 0.63 11.36 5.32
N LEU A 44 1.52 10.42 5.55
CA LEU A 44 1.63 9.26 4.63
C LEU A 44 0.31 8.51 4.72
N GLU A 45 -0.20 8.41 5.92
CA GLU A 45 -1.49 7.72 6.15
C GLU A 45 -2.61 8.49 5.45
N GLY A 46 -2.49 9.79 5.36
CA GLY A 46 -3.54 10.61 4.69
C GLY A 46 -3.66 10.19 3.22
N LYS A 47 -2.56 10.12 2.53
CA LYS A 47 -2.58 9.72 1.10
C LYS A 47 -3.04 8.27 1.01
N LEU A 48 -2.60 7.45 1.93
CA LEU A 48 -2.97 6.01 1.92
C LEU A 48 -4.49 5.88 1.92
N ALA A 49 -5.16 6.77 2.57
CA ALA A 49 -6.65 6.71 2.63
C ALA A 49 -7.21 6.80 1.21
N GLU A 50 -6.60 7.61 0.39
CA GLU A 50 -7.08 7.76 -1.02
C GLU A 50 -6.84 6.46 -1.78
N TYR A 51 -5.73 5.82 -1.53
CA TYR A 51 -5.40 4.55 -2.21
C TYR A 51 -6.49 3.52 -1.89
N ILE A 52 -6.84 3.43 -0.63
CA ILE A 52 -7.89 2.46 -0.22
C ILE A 52 -9.23 2.84 -0.84
N SER A 53 -9.58 4.09 -0.81
CA SER A 53 -10.88 4.54 -1.39
C SER A 53 -10.90 4.26 -2.90
N LEU A 54 -9.84 4.61 -3.59
CA LEU A 54 -9.77 4.37 -5.06
C LEU A 54 -9.75 2.87 -5.34
N ALA A 55 -9.00 2.14 -4.58
CA ALA A 55 -8.90 0.67 -4.78
C ALA A 55 -10.24 -0.01 -4.50
N LYS A 56 -10.94 0.46 -3.50
CA LYS A 56 -12.25 -0.15 -3.15
C LYS A 56 -13.25 0.08 -4.28
N GLN A 57 -13.30 1.28 -4.80
CA GLN A 57 -14.24 1.60 -5.92
C GLN A 57 -13.84 0.82 -7.17
N VAL A 58 -12.57 0.80 -7.48
CA VAL A 58 -12.10 0.07 -8.68
C VAL A 58 -12.36 -1.42 -8.50
N TYR A 59 -12.05 -1.95 -7.34
CA TYR A 59 -12.27 -3.40 -7.08
C TYR A 59 -13.46 -3.58 -6.14
N ALA A 60 -13.39 -4.54 -5.27
CA ALA A 60 -14.49 -4.80 -4.31
C ALA A 60 -14.02 -5.70 -3.16
N ASN A 61 -14.19 -5.24 -1.94
CA ASN A 61 -13.77 -6.03 -0.75
C ASN A 61 -12.28 -6.32 -0.85
N VAL A 62 -11.54 -5.39 -1.37
CA VAL A 62 -10.07 -5.56 -1.52
C VAL A 62 -9.39 -5.61 -0.16
N GLU A 63 -8.43 -6.48 -0.01
CA GLU A 63 -7.69 -6.61 1.28
C GLU A 63 -6.21 -6.27 1.05
N TYR A 64 -5.58 -5.70 2.04
CA TYR A 64 -4.16 -5.32 1.92
C TYR A 64 -3.44 -5.41 3.26
N GLU A 65 -2.14 -5.36 3.23
CA GLU A 65 -1.32 -5.45 4.47
C GLU A 65 -0.27 -4.34 4.47
N VAL A 66 0.05 -3.85 5.63
CA VAL A 66 1.07 -2.74 5.74
C VAL A 66 2.22 -3.20 6.62
N ALA A 67 3.43 -3.01 6.14
CA ALA A 67 4.64 -3.43 6.90
C ALA A 67 4.94 -2.37 7.98
N PRO A 68 5.62 -2.77 9.03
CA PRO A 68 5.98 -1.85 10.15
C PRO A 68 6.53 -0.50 9.67
N VAL A 69 5.95 0.57 10.15
CA VAL A 69 6.41 1.94 9.76
C VAL A 69 6.62 2.80 11.00
N ALA A 70 7.75 3.47 11.05
CA ALA A 70 8.06 4.36 12.20
C ALA A 70 7.21 5.62 12.14
N ASP A 71 6.94 6.20 13.28
CA ASP A 71 6.11 7.44 13.34
C ASP A 71 6.83 8.57 12.62
N ASN A 72 8.14 8.60 12.71
CA ASN A 72 8.93 9.68 12.04
C ASN A 72 9.41 9.18 10.67
N ALA A 73 8.83 8.10 10.20
CA ALA A 73 9.24 7.52 8.87
C ALA A 73 8.99 8.52 7.75
N THR A 74 9.83 8.49 6.74
CA THR A 74 9.69 9.44 5.59
C THR A 74 8.99 8.73 4.44
N GLU A 75 8.66 7.48 4.60
CA GLU A 75 7.96 6.73 3.51
C GLU A 75 7.18 5.55 4.09
N LEU A 76 6.22 5.07 3.34
CA LEU A 76 5.39 3.92 3.80
C LEU A 76 5.37 2.83 2.74
N HIS A 77 5.53 1.61 3.16
CA HIS A 77 5.55 0.45 2.20
C HIS A 77 4.38 -0.48 2.51
N ALA A 78 3.57 -0.73 1.52
CA ALA A 78 2.39 -1.64 1.70
C ALA A 78 2.04 -2.28 0.36
N ARG A 79 1.33 -3.38 0.41
CA ARG A 79 0.93 -4.10 -0.84
C ARG A 79 -0.57 -4.32 -0.85
N PHE A 80 -1.15 -4.36 -2.02
CA PHE A 80 -2.62 -4.57 -2.16
C PHE A 80 -2.88 -5.78 -3.03
N LYS A 81 -3.97 -6.45 -2.78
CA LYS A 81 -4.33 -7.68 -3.57
C LYS A 81 -5.51 -7.36 -4.47
N PHE A 82 -5.28 -7.41 -5.76
CA PHE A 82 -6.37 -7.13 -6.75
C PHE A 82 -6.72 -8.43 -7.45
N GLU A 83 -6.05 -9.50 -7.12
CA GLU A 83 -6.32 -10.82 -7.74
C GLU A 83 -5.99 -10.75 -9.24
N VAL A 84 -5.97 -9.55 -9.78
CA VAL A 84 -5.66 -9.37 -11.23
C VAL A 84 -4.64 -8.24 -11.40
N SER A 85 -3.65 -8.49 -12.20
CA SER A 85 -2.59 -7.47 -12.47
C SER A 85 -3.20 -6.25 -13.19
N ALA A 86 -4.07 -6.49 -14.12
CA ALA A 86 -4.69 -5.37 -14.89
C ALA A 86 -5.02 -4.22 -13.96
N GLU A 87 -5.48 -4.52 -12.78
CA GLU A 87 -5.84 -3.45 -11.81
C GLU A 87 -4.56 -2.75 -11.32
N LYS A 88 -3.49 -3.49 -11.23
CA LYS A 88 -2.21 -2.90 -10.74
C LYS A 88 -1.76 -1.80 -11.69
N LEU A 89 -1.78 -2.05 -12.97
CA LEU A 89 -1.33 -1.04 -13.97
C LEU A 89 -2.25 0.18 -13.93
N ILE A 90 -3.53 -0.04 -13.96
CA ILE A 90 -4.50 1.10 -13.94
C ILE A 90 -4.48 1.76 -12.56
N PHE A 91 -4.47 0.98 -11.51
CA PHE A 91 -4.44 1.54 -10.13
C PHE A 91 -3.16 2.34 -9.93
N GLU A 92 -2.05 1.80 -10.37
CA GLU A 92 -0.75 2.51 -10.21
C GLU A 92 -0.77 3.80 -11.01
N LEU A 93 -1.28 3.75 -12.21
CA LEU A 93 -1.33 4.97 -13.06
C LEU A 93 -2.21 6.04 -12.40
N LYS A 94 -3.38 5.64 -11.95
CA LYS A 94 -4.31 6.60 -11.31
C LYS A 94 -3.69 7.15 -10.03
N THR A 95 -3.12 6.28 -9.23
CA THR A 95 -2.50 6.72 -7.95
C THR A 95 -1.28 7.60 -8.23
N ARG A 96 -0.51 7.25 -9.23
CA ARG A 96 0.70 8.05 -9.55
C ARG A 96 0.27 9.39 -10.16
N ALA A 97 -0.93 9.49 -10.62
CA ALA A 97 -1.41 10.76 -11.23
C ALA A 97 -1.76 11.76 -10.13
N LEU A 98 -2.44 11.31 -9.13
CA LEU A 98 -2.84 12.21 -8.01
C LEU A 98 -1.73 12.25 -6.96
N ALA A 99 -0.86 11.29 -6.99
CA ALA A 99 0.24 11.23 -5.99
C ALA A 99 1.40 12.11 -6.46
N ARG A 100 1.70 12.07 -7.73
CA ARG A 100 2.82 12.89 -8.27
C ARG A 100 2.48 14.37 -8.10
N LEU A 101 1.21 14.70 -8.17
CA LEU A 101 0.78 16.10 -8.02
C LEU A 101 0.94 16.56 -6.57
N GLU A 102 1.26 17.81 -6.38
CA GLU A 102 1.43 18.35 -5.00
C GLU A 102 1.30 19.88 -5.03
N HIS A 103 0.31 20.39 -4.37
CA HIS A 103 0.07 21.86 -4.32
C HIS A 103 0.32 22.48 -5.69
N HIS A 104 1.51 22.94 -5.93
CA HIS A 104 1.86 23.56 -7.23
C HIS A 104 0.76 24.53 -7.66
N HIS A 105 0.10 24.22 -8.74
CA HIS A 105 -0.99 25.09 -9.25
C HIS A 105 -0.48 26.52 -9.43
N HIS A 106 -0.43 27.26 -8.36
CA HIS A 106 0.05 28.67 -8.42
C HIS A 106 -0.79 29.46 -9.42
N HIS A 107 -1.85 30.05 -8.94
CA HIS A 107 -2.75 30.87 -9.81
C HIS A 107 -3.06 30.14 -11.11
N HIS A 108 -3.77 30.79 -11.98
CA HIS A 108 -4.14 30.17 -13.29
C HIS A 108 -4.50 31.27 -14.29
N MET A 1 -34.33 0.73 2.96
CA MET A 1 -34.02 -0.16 1.81
C MET A 1 -34.44 -1.60 2.13
N SER A 2 -34.23 -2.50 1.20
CA SER A 2 -34.61 -3.93 1.42
C SER A 2 -33.83 -4.50 2.60
N ASN A 3 -32.59 -4.10 2.75
CA ASN A 3 -31.75 -4.61 3.87
C ASN A 3 -32.37 -4.20 5.20
N GLN A 4 -32.89 -3.00 5.25
CA GLN A 4 -33.53 -2.50 6.52
C GLN A 4 -32.51 -2.54 7.64
N THR A 5 -31.25 -2.52 7.31
CA THR A 5 -30.18 -2.56 8.33
C THR A 5 -30.37 -1.43 9.34
N CYS A 6 -30.96 -1.75 10.45
CA CYS A 6 -31.21 -0.73 11.51
C CYS A 6 -29.96 -0.57 12.36
N VAL A 7 -29.63 -1.57 13.15
CA VAL A 7 -28.43 -1.49 14.03
C VAL A 7 -27.32 -2.38 13.46
N GLU A 8 -27.66 -3.57 13.05
CA GLU A 8 -26.66 -4.52 12.48
C GLU A 8 -25.46 -4.63 13.43
N ASN A 9 -25.50 -5.61 14.30
CA ASN A 9 -24.39 -5.80 15.27
C ASN A 9 -23.30 -6.68 14.66
N GLU A 10 -22.15 -6.10 14.42
CA GLU A 10 -21.02 -6.85 13.82
C GLU A 10 -20.54 -7.94 14.77
N VAL A 11 -20.06 -9.03 14.22
CA VAL A 11 -19.58 -10.16 15.07
C VAL A 11 -18.05 -10.18 15.09
N CYS A 12 -17.48 -10.22 16.26
CA CYS A 12 -16.00 -10.23 16.40
C CYS A 12 -15.48 -11.67 16.41
N GLU A 13 -14.60 -11.99 15.50
CA GLU A 13 -14.02 -13.36 15.43
C GLU A 13 -12.73 -13.38 16.24
N ALA A 14 -12.25 -12.23 16.64
CA ALA A 14 -10.99 -12.14 17.44
C ALA A 14 -9.92 -13.03 16.81
N CYS A 15 -10.15 -13.47 15.60
CA CYS A 15 -9.17 -14.34 14.91
C CYS A 15 -7.94 -13.52 14.50
N GLY A 16 -8.14 -12.25 14.22
CA GLY A 16 -7.01 -11.37 13.81
C GLY A 16 -6.27 -10.90 15.05
N CYS A 17 -6.76 -11.24 16.20
CA CYS A 17 -6.09 -10.82 17.47
C CYS A 17 -4.92 -11.75 17.77
N ALA A 18 -3.99 -11.83 16.87
CA ALA A 18 -2.79 -12.70 17.08
C ALA A 18 -1.77 -12.44 15.98
N GLY A 19 -0.76 -11.67 16.29
CA GLY A 19 0.32 -11.37 15.30
C GLY A 19 -0.18 -10.45 14.20
N GLU A 20 0.65 -10.19 13.23
CA GLU A 20 0.26 -9.30 12.09
C GLU A 20 -0.77 -10.00 11.22
N ILE A 21 -1.83 -9.31 10.91
CA ILE A 21 -2.91 -9.89 10.06
C ILE A 21 -2.67 -9.58 8.58
N GLY A 22 -2.80 -10.57 7.75
CA GLY A 22 -2.60 -10.39 6.28
C GLY A 22 -1.10 -10.42 5.97
N PHE A 23 -0.32 -10.99 6.85
CA PHE A 23 1.15 -11.06 6.64
C PHE A 23 1.52 -12.42 6.03
N ILE A 24 0.59 -13.34 6.01
CA ILE A 24 0.88 -14.69 5.44
C ILE A 24 0.71 -14.64 3.91
N ILE A 25 0.07 -13.62 3.40
CA ILE A 25 -0.13 -13.50 1.92
C ILE A 25 1.23 -13.33 1.24
N ARG A 26 2.07 -12.50 1.82
CA ARG A 26 3.43 -12.25 1.24
C ARG A 26 3.33 -11.77 -0.20
N GLU A 27 4.46 -11.41 -0.77
CA GLU A 27 4.49 -10.91 -2.17
C GLU A 27 4.17 -12.03 -3.15
N GLY A 28 2.91 -12.27 -3.37
CA GLY A 28 2.47 -13.33 -4.31
C GLY A 28 2.44 -12.80 -5.74
N ASP A 29 2.21 -13.67 -6.68
CA ASP A 29 2.16 -13.26 -8.11
C ASP A 29 0.92 -12.39 -8.36
N ASP A 30 -0.09 -12.59 -7.56
CA ASP A 30 -1.35 -11.78 -7.73
C ASP A 30 -1.33 -10.63 -6.73
N VAL A 31 -0.16 -10.24 -6.31
CA VAL A 31 -0.02 -9.11 -5.33
C VAL A 31 0.72 -7.95 -5.99
N ALA A 32 0.20 -6.76 -5.83
CA ALA A 32 0.84 -5.55 -6.44
C ALA A 32 1.71 -4.84 -5.40
N GLU A 33 2.69 -4.13 -5.88
CA GLU A 33 3.61 -3.38 -4.97
C GLU A 33 3.22 -1.91 -4.94
N VAL A 34 2.96 -1.38 -3.78
CA VAL A 34 2.58 0.06 -3.65
C VAL A 34 3.53 0.75 -2.68
N SER A 35 4.03 1.89 -3.07
CA SER A 35 4.96 2.67 -2.21
C SER A 35 4.57 4.15 -2.26
N LEU A 36 4.61 4.80 -1.13
CA LEU A 36 4.24 6.24 -1.05
C LEU A 36 5.36 7.04 -0.39
N PHE A 37 5.64 8.19 -0.91
CA PHE A 37 6.71 9.07 -0.35
C PHE A 37 6.09 10.32 0.26
N GLY A 38 6.67 10.80 1.34
CA GLY A 38 6.13 12.01 2.01
C GLY A 38 7.10 12.49 3.09
N SER A 39 6.79 13.58 3.71
CA SER A 39 7.66 14.15 4.77
C SER A 39 7.35 13.47 6.10
N ASP A 40 6.22 13.76 6.69
CA ASP A 40 5.85 13.14 8.01
C ASP A 40 4.91 11.96 7.80
N LYS A 41 4.86 11.09 8.78
CA LYS A 41 3.98 9.89 8.70
C LYS A 41 2.51 10.32 8.62
N ALA A 42 2.12 11.29 9.38
CA ALA A 42 0.70 11.74 9.38
C ALA A 42 0.24 11.98 7.94
N HIS A 43 1.06 12.60 7.15
CA HIS A 43 0.70 12.88 5.73
C HIS A 43 0.60 11.56 4.96
N LEU A 44 1.53 10.67 5.20
CA LEU A 44 1.53 9.36 4.48
C LEU A 44 0.29 8.56 4.88
N GLU A 45 -0.02 8.54 6.15
CA GLU A 45 -1.21 7.78 6.62
C GLU A 45 -2.48 8.43 6.08
N GLY A 46 -2.52 9.74 6.07
CA GLY A 46 -3.72 10.47 5.57
C GLY A 46 -3.98 10.10 4.11
N LYS A 47 -2.94 10.10 3.32
CA LYS A 47 -3.09 9.76 1.88
C LYS A 47 -3.38 8.27 1.74
N LEU A 48 -2.97 7.49 2.70
CA LEU A 48 -3.20 6.03 2.63
C LEU A 48 -4.70 5.76 2.59
N ALA A 49 -5.45 6.42 3.43
CA ALA A 49 -6.92 6.20 3.47
C ALA A 49 -7.50 6.38 2.06
N GLU A 50 -6.96 7.30 1.32
CA GLU A 50 -7.46 7.55 -0.06
C GLU A 50 -7.10 6.36 -0.95
N TYR A 51 -5.94 5.79 -0.74
CA TYR A 51 -5.49 4.63 -1.57
C TYR A 51 -6.44 3.45 -1.35
N ILE A 52 -6.86 3.25 -0.13
CA ILE A 52 -7.78 2.12 0.18
C ILE A 52 -9.10 2.31 -0.56
N SER A 53 -9.63 3.51 -0.53
CA SER A 53 -10.93 3.77 -1.23
C SER A 53 -10.78 3.48 -2.72
N LEU A 54 -9.68 3.88 -3.30
CA LEU A 54 -9.45 3.63 -4.75
C LEU A 54 -9.39 2.12 -5.01
N ALA A 55 -8.74 1.41 -4.14
CA ALA A 55 -8.59 -0.06 -4.31
C ALA A 55 -9.98 -0.72 -4.40
N LYS A 56 -10.87 -0.35 -3.53
CA LYS A 56 -12.24 -0.95 -3.55
C LYS A 56 -12.96 -0.56 -4.83
N GLN A 57 -12.82 0.67 -5.25
CA GLN A 57 -13.50 1.13 -6.50
C GLN A 57 -12.92 0.36 -7.69
N VAL A 58 -11.62 0.22 -7.73
CA VAL A 58 -10.97 -0.50 -8.85
C VAL A 58 -11.37 -1.97 -8.81
N TYR A 59 -11.35 -2.57 -7.65
CA TYR A 59 -11.72 -4.02 -7.52
C TYR A 59 -12.60 -4.22 -6.29
N ALA A 60 -13.45 -5.22 -6.36
CA ALA A 60 -14.37 -5.53 -5.23
C ALA A 60 -13.60 -5.84 -3.96
N ASN A 61 -14.08 -6.77 -3.17
CA ASN A 61 -13.41 -7.11 -1.89
C ASN A 61 -11.90 -7.21 -2.10
N VAL A 62 -11.23 -6.12 -1.89
CA VAL A 62 -9.75 -6.07 -2.07
C VAL A 62 -9.04 -6.20 -0.73
N GLU A 63 -8.06 -7.07 -0.67
CA GLU A 63 -7.30 -7.29 0.59
C GLU A 63 -5.93 -6.64 0.47
N TYR A 64 -5.52 -5.97 1.51
CA TYR A 64 -4.20 -5.27 1.50
C TYR A 64 -3.62 -5.23 2.91
N GLU A 65 -2.33 -4.99 3.01
CA GLU A 65 -1.66 -4.92 4.33
C GLU A 65 -0.59 -3.84 4.29
N VAL A 66 -0.40 -3.16 5.39
CA VAL A 66 0.62 -2.08 5.47
C VAL A 66 1.62 -2.39 6.58
N ALA A 67 2.88 -2.31 6.27
CA ALA A 67 3.94 -2.60 7.27
C ALA A 67 4.11 -1.40 8.20
N PRO A 68 4.68 -1.61 9.36
CA PRO A 68 4.91 -0.53 10.36
C PRO A 68 5.79 0.59 9.81
N VAL A 69 5.45 1.80 10.14
CA VAL A 69 6.24 2.98 9.65
C VAL A 69 6.52 3.95 10.81
N ALA A 70 7.73 4.43 10.88
CA ALA A 70 8.11 5.38 11.97
C ALA A 70 7.57 6.78 11.67
N ASP A 71 7.58 7.62 12.67
CA ASP A 71 7.08 9.01 12.51
C ASP A 71 7.92 9.76 11.49
N ASN A 72 9.22 9.63 11.58
CA ASN A 72 10.13 10.33 10.64
C ASN A 72 10.58 9.38 9.55
N ALA A 73 9.80 8.37 9.28
CA ALA A 73 10.16 7.37 8.22
C ALA A 73 10.17 8.07 6.87
N THR A 74 9.42 9.14 6.73
CA THR A 74 9.36 9.88 5.44
C THR A 74 9.00 8.92 4.31
N GLU A 75 8.75 7.68 4.64
CA GLU A 75 8.40 6.68 3.60
C GLU A 75 7.38 5.69 4.15
N LEU A 76 6.64 5.08 3.26
CA LEU A 76 5.60 4.10 3.67
C LEU A 76 5.58 2.92 2.70
N HIS A 77 5.40 1.73 3.22
CA HIS A 77 5.37 0.51 2.37
C HIS A 77 4.02 -0.19 2.53
N ALA A 78 3.38 -0.48 1.43
CA ALA A 78 2.07 -1.17 1.47
C ALA A 78 1.89 -2.02 0.22
N ARG A 79 1.07 -3.03 0.31
CA ARG A 79 0.83 -3.93 -0.85
C ARG A 79 -0.67 -4.20 -0.99
N PHE A 80 -1.09 -4.49 -2.19
CA PHE A 80 -2.54 -4.77 -2.45
C PHE A 80 -2.69 -6.02 -3.31
N LYS A 81 -3.82 -6.67 -3.18
CA LYS A 81 -4.08 -7.92 -3.97
C LYS A 81 -5.11 -7.62 -5.05
N PHE A 82 -4.77 -7.92 -6.28
CA PHE A 82 -5.69 -7.68 -7.42
C PHE A 82 -5.95 -8.99 -8.18
N GLU A 83 -7.14 -9.13 -8.70
CA GLU A 83 -7.50 -10.37 -9.45
C GLU A 83 -6.70 -10.42 -10.76
N VAL A 84 -6.52 -9.28 -11.39
CA VAL A 84 -5.75 -9.25 -12.68
C VAL A 84 -4.77 -8.07 -12.67
N SER A 85 -3.78 -8.15 -13.51
CA SER A 85 -2.75 -7.07 -13.60
C SER A 85 -3.40 -5.77 -14.07
N ALA A 86 -4.26 -5.86 -15.04
CA ALA A 86 -4.93 -4.65 -15.60
C ALA A 86 -5.33 -3.70 -14.46
N GLU A 87 -5.81 -4.24 -13.38
CA GLU A 87 -6.23 -3.41 -12.22
C GLU A 87 -4.99 -2.76 -11.59
N LYS A 88 -3.88 -3.45 -11.62
CA LYS A 88 -2.63 -2.89 -11.02
C LYS A 88 -2.23 -1.62 -11.75
N LEU A 89 -2.26 -1.65 -13.05
CA LEU A 89 -1.87 -0.45 -13.84
C LEU A 89 -2.84 0.69 -13.57
N ILE A 90 -4.10 0.39 -13.51
CA ILE A 90 -5.13 1.45 -13.26
C ILE A 90 -4.95 2.02 -11.85
N PHE A 91 -4.75 1.16 -10.89
CA PHE A 91 -4.58 1.63 -9.47
C PHE A 91 -3.36 2.52 -9.36
N GLU A 92 -2.27 2.11 -9.95
CA GLU A 92 -1.02 2.92 -9.86
C GLU A 92 -1.20 4.26 -10.57
N LEU A 93 -1.90 4.27 -11.66
CA LEU A 93 -2.10 5.54 -12.41
C LEU A 93 -2.84 6.55 -11.54
N LYS A 94 -3.88 6.11 -10.88
CA LYS A 94 -4.67 7.03 -10.01
C LYS A 94 -3.83 7.49 -8.83
N THR A 95 -3.10 6.59 -8.22
CA THR A 95 -2.26 6.96 -7.05
C THR A 95 -1.12 7.88 -7.50
N ARG A 96 -0.57 7.62 -8.64
CA ARG A 96 0.55 8.46 -9.15
C ARG A 96 0.04 9.87 -9.40
N ALA A 97 -1.13 9.99 -9.94
CA ALA A 97 -1.69 11.34 -10.22
C ALA A 97 -1.89 12.09 -8.90
N LEU A 98 -2.48 11.43 -7.95
CA LEU A 98 -2.72 12.07 -6.62
C LEU A 98 -1.37 12.34 -5.97
N ALA A 99 -0.48 11.40 -6.06
CA ALA A 99 0.87 11.56 -5.44
C ALA A 99 1.61 12.71 -6.13
N ARG A 100 1.46 12.82 -7.43
CA ARG A 100 2.15 13.91 -8.18
C ARG A 100 1.28 15.16 -8.18
N LEU A 101 0.08 15.03 -7.67
CA LEU A 101 -0.87 16.17 -7.60
C LEU A 101 -1.13 16.72 -9.00
N GLU A 102 -2.38 16.81 -9.36
CA GLU A 102 -2.76 17.32 -10.69
C GLU A 102 -2.38 18.80 -10.82
N HIS A 103 -1.81 19.15 -11.93
CA HIS A 103 -1.41 20.57 -12.16
C HIS A 103 -1.58 20.93 -13.64
N HIS A 104 -2.17 22.06 -13.89
CA HIS A 104 -2.39 22.51 -15.30
C HIS A 104 -2.96 23.93 -15.30
N HIS A 105 -2.10 24.91 -15.15
CA HIS A 105 -2.52 26.35 -15.13
C HIS A 105 -3.85 26.50 -14.40
N HIS A 106 -3.78 26.73 -13.11
CA HIS A 106 -5.00 26.90 -12.30
C HIS A 106 -5.74 28.16 -12.75
N HIS A 107 -5.01 29.21 -12.97
CA HIS A 107 -5.64 30.50 -13.41
C HIS A 107 -5.96 30.45 -14.90
N HIS A 108 -7.16 30.79 -15.25
CA HIS A 108 -7.59 30.79 -16.68
C HIS A 108 -7.34 29.40 -17.29
N MET A 1 -17.13 -13.05 26.90
CA MET A 1 -16.78 -14.47 27.19
C MET A 1 -17.10 -15.34 25.97
N SER A 2 -16.35 -16.41 25.81
CA SER A 2 -16.59 -17.32 24.65
C SER A 2 -16.07 -18.73 24.98
N ASN A 3 -16.52 -19.71 24.24
CA ASN A 3 -16.09 -21.12 24.47
C ASN A 3 -15.12 -21.54 23.37
N GLN A 4 -14.65 -20.60 22.60
CA GLN A 4 -13.70 -20.92 21.49
C GLN A 4 -12.33 -21.26 22.07
N THR A 5 -11.83 -22.41 21.72
CA THR A 5 -10.50 -22.86 22.24
C THR A 5 -9.39 -22.40 21.28
N CYS A 6 -8.35 -21.86 21.82
CA CYS A 6 -7.20 -21.38 20.99
C CYS A 6 -6.55 -22.56 20.29
N VAL A 7 -6.41 -23.66 20.99
CA VAL A 7 -5.75 -24.87 20.40
C VAL A 7 -6.78 -25.71 19.67
N GLU A 8 -6.46 -26.10 18.47
CA GLU A 8 -7.39 -26.93 17.66
C GLU A 8 -6.61 -27.62 16.53
N ASN A 9 -6.27 -26.88 15.51
CA ASN A 9 -5.52 -27.44 14.35
C ASN A 9 -6.31 -28.59 13.74
N GLU A 10 -7.62 -28.45 13.70
CA GLU A 10 -8.48 -29.52 13.11
C GLU A 10 -8.91 -29.10 11.71
N VAL A 11 -8.88 -27.82 11.42
CA VAL A 11 -9.29 -27.33 10.07
C VAL A 11 -8.06 -27.31 9.16
N CYS A 12 -6.90 -27.59 9.71
CA CYS A 12 -5.66 -27.59 8.89
C CYS A 12 -5.50 -28.94 8.19
N GLU A 13 -5.17 -28.91 6.93
CA GLU A 13 -4.98 -30.16 6.16
C GLU A 13 -4.12 -29.87 4.93
N ALA A 14 -4.14 -28.64 4.47
CA ALA A 14 -3.34 -28.26 3.27
C ALA A 14 -1.92 -27.95 3.71
N CYS A 15 -1.68 -27.91 5.00
CA CYS A 15 -0.31 -27.61 5.53
C CYS A 15 0.13 -28.73 6.48
N GLY A 16 1.05 -29.54 6.04
CA GLY A 16 1.55 -30.67 6.88
C GLY A 16 2.73 -30.19 7.73
N CYS A 17 3.91 -30.19 7.15
CA CYS A 17 5.13 -29.76 7.89
C CYS A 17 5.04 -28.27 8.22
N ALA A 18 4.52 -27.50 7.29
CA ALA A 18 4.39 -26.03 7.50
C ALA A 18 5.74 -25.45 7.89
N GLY A 19 6.80 -25.99 7.35
CA GLY A 19 8.17 -25.49 7.67
C GLY A 19 8.46 -24.25 6.83
N GLU A 20 7.56 -23.91 5.94
CA GLU A 20 7.78 -22.70 5.07
C GLU A 20 7.58 -21.43 5.90
N ILE A 21 8.58 -20.58 5.88
CA ILE A 21 8.50 -19.31 6.65
C ILE A 21 7.28 -18.50 6.20
N GLY A 22 7.39 -17.81 5.11
CA GLY A 22 6.26 -16.98 4.58
C GLY A 22 5.57 -16.27 5.74
N PHE A 23 6.06 -15.12 6.10
CA PHE A 23 5.46 -14.34 7.21
C PHE A 23 4.02 -13.96 6.87
N ILE A 24 3.79 -13.45 5.69
CA ILE A 24 2.41 -13.06 5.29
C ILE A 24 2.37 -12.68 3.81
N ILE A 25 1.44 -13.24 3.09
CA ILE A 25 1.29 -12.93 1.63
C ILE A 25 2.67 -12.89 0.97
N ARG A 26 3.09 -13.99 0.40
CA ARG A 26 4.42 -14.06 -0.27
C ARG A 26 4.40 -13.36 -1.63
N GLU A 27 5.54 -12.93 -2.09
CA GLU A 27 5.63 -12.23 -3.40
C GLU A 27 4.90 -12.99 -4.49
N GLY A 28 4.33 -12.28 -5.42
CA GLY A 28 3.60 -12.91 -6.54
C GLY A 28 2.14 -13.13 -6.16
N ASP A 29 1.52 -14.11 -6.77
CA ASP A 29 0.09 -14.43 -6.51
C ASP A 29 -0.78 -13.21 -6.81
N ASP A 30 -0.39 -12.44 -7.80
CA ASP A 30 -1.18 -11.23 -8.20
C ASP A 30 -1.19 -10.24 -7.04
N VAL A 31 -0.02 -9.81 -6.63
CA VAL A 31 0.09 -8.83 -5.50
C VAL A 31 0.73 -7.54 -6.02
N ALA A 32 0.15 -6.43 -5.66
CA ALA A 32 0.70 -5.11 -6.10
C ALA A 32 1.53 -4.49 -4.99
N GLU A 33 2.49 -3.69 -5.37
CA GLU A 33 3.39 -3.03 -4.38
C GLU A 33 3.09 -1.54 -4.35
N VAL A 34 2.69 -1.05 -3.20
CA VAL A 34 2.38 0.40 -3.05
C VAL A 34 3.20 0.99 -1.90
N SER A 35 3.78 2.13 -2.14
CA SER A 35 4.60 2.80 -1.11
C SER A 35 4.61 4.30 -1.37
N LEU A 36 4.50 5.08 -0.33
CA LEU A 36 4.50 6.57 -0.47
C LEU A 36 5.81 7.14 0.05
N PHE A 37 6.19 8.27 -0.47
CA PHE A 37 7.46 8.92 -0.06
C PHE A 37 7.20 10.37 0.34
N GLY A 38 7.98 10.87 1.25
CA GLY A 38 7.82 12.27 1.73
C GLY A 38 6.76 12.36 2.81
N SER A 39 6.57 13.54 3.33
CA SER A 39 5.55 13.76 4.40
C SER A 39 5.81 12.83 5.58
N ASP A 40 5.28 13.18 6.72
CA ASP A 40 5.48 12.37 7.95
C ASP A 40 4.55 11.17 7.97
N LYS A 41 4.71 10.32 8.94
CA LYS A 41 3.87 9.11 9.05
C LYS A 41 2.40 9.49 9.17
N ALA A 42 2.11 10.45 10.01
CA ALA A 42 0.69 10.88 10.21
C ALA A 42 0.08 11.31 8.88
N HIS A 43 0.79 12.13 8.13
CA HIS A 43 0.27 12.61 6.82
C HIS A 43 0.20 11.44 5.83
N LEU A 44 1.16 10.54 5.91
CA LEU A 44 1.18 9.38 4.96
C LEU A 44 -0.08 8.54 5.17
N GLU A 45 -0.47 8.32 6.40
CA GLU A 45 -1.68 7.50 6.66
C GLU A 45 -2.91 8.21 6.09
N GLY A 46 -3.02 9.48 6.33
CA GLY A 46 -4.20 10.25 5.82
C GLY A 46 -4.19 10.20 4.29
N LYS A 47 -3.04 10.40 3.70
CA LYS A 47 -2.93 10.37 2.23
C LYS A 47 -3.20 8.95 1.74
N LEU A 48 -2.77 7.97 2.49
CA LEU A 48 -2.97 6.54 2.09
C LEU A 48 -4.47 6.29 1.91
N ALA A 49 -5.27 7.00 2.65
CA ALA A 49 -6.75 6.82 2.56
C ALA A 49 -7.20 6.85 1.10
N GLU A 50 -6.47 7.55 0.27
CA GLU A 50 -6.85 7.63 -1.17
C GLU A 50 -6.63 6.27 -1.83
N TYR A 51 -5.54 5.63 -1.51
CA TYR A 51 -5.21 4.31 -2.12
C TYR A 51 -6.30 3.30 -1.77
N ILE A 52 -6.66 3.22 -0.51
CA ILE A 52 -7.71 2.25 -0.09
C ILE A 52 -9.07 2.65 -0.69
N SER A 53 -9.37 3.92 -0.66
CA SER A 53 -10.68 4.39 -1.19
C SER A 53 -10.80 4.04 -2.66
N LEU A 54 -9.89 4.50 -3.46
CA LEU A 54 -9.94 4.21 -4.93
C LEU A 54 -9.77 2.71 -5.15
N ALA A 55 -8.89 2.09 -4.42
CA ALA A 55 -8.65 0.64 -4.60
C ALA A 55 -9.95 -0.14 -4.33
N LYS A 56 -10.66 0.24 -3.31
CA LYS A 56 -11.93 -0.45 -2.96
C LYS A 56 -12.95 -0.21 -4.08
N GLN A 57 -13.03 1.00 -4.55
CA GLN A 57 -14.00 1.34 -5.62
C GLN A 57 -13.64 0.60 -6.91
N VAL A 58 -12.37 0.58 -7.25
CA VAL A 58 -11.93 -0.11 -8.48
C VAL A 58 -12.20 -1.61 -8.34
N TYR A 59 -11.87 -2.17 -7.20
CA TYR A 59 -12.09 -3.63 -6.97
C TYR A 59 -12.81 -3.84 -5.64
N ALA A 60 -13.96 -4.44 -5.69
CA ALA A 60 -14.77 -4.70 -4.47
C ALA A 60 -14.09 -5.75 -3.61
N ASN A 61 -14.22 -5.60 -2.31
CA ASN A 61 -13.62 -6.57 -1.34
C ASN A 61 -12.10 -6.65 -1.56
N VAL A 62 -11.49 -5.52 -1.77
CA VAL A 62 -10.01 -5.49 -1.99
C VAL A 62 -9.28 -5.86 -0.72
N GLU A 63 -8.26 -6.66 -0.83
CA GLU A 63 -7.46 -7.10 0.35
C GLU A 63 -6.07 -6.49 0.29
N TYR A 64 -5.59 -6.02 1.41
CA TYR A 64 -4.24 -5.39 1.45
C TYR A 64 -3.67 -5.47 2.87
N GLU A 65 -2.39 -5.25 2.98
CA GLU A 65 -1.71 -5.28 4.31
C GLU A 65 -0.65 -4.20 4.38
N VAL A 66 -0.34 -3.74 5.56
CA VAL A 66 0.68 -2.66 5.73
C VAL A 66 1.78 -3.15 6.68
N ALA A 67 3.01 -2.95 6.28
CA ALA A 67 4.17 -3.37 7.12
C ALA A 67 4.49 -2.27 8.12
N PRO A 68 5.19 -2.61 9.17
CA PRO A 68 5.59 -1.64 10.23
C PRO A 68 6.46 -0.49 9.69
N VAL A 69 6.14 0.71 10.08
CA VAL A 69 6.92 1.90 9.61
C VAL A 69 7.15 2.88 10.75
N ALA A 70 8.33 3.43 10.82
CA ALA A 70 8.67 4.40 11.90
C ALA A 70 7.86 5.67 11.72
N ASP A 71 7.65 6.37 12.80
CA ASP A 71 6.86 7.64 12.75
C ASP A 71 7.59 8.66 11.88
N ASN A 72 8.90 8.64 11.92
CA ASN A 72 9.71 9.60 11.13
C ASN A 72 10.30 8.87 9.92
N ALA A 73 9.63 7.86 9.45
CA ALA A 73 10.13 7.09 8.28
C ALA A 73 10.01 7.96 7.02
N THR A 74 9.30 9.05 7.12
CA THR A 74 9.12 9.97 5.96
C THR A 74 8.62 9.18 4.76
N GLU A 75 8.23 7.95 4.98
CA GLU A 75 7.72 7.10 3.87
C GLU A 75 6.76 6.06 4.40
N LEU A 76 6.23 5.25 3.52
CA LEU A 76 5.29 4.18 3.94
C LEU A 76 5.46 2.95 3.05
N HIS A 77 5.52 1.79 3.66
CA HIS A 77 5.69 0.53 2.89
C HIS A 77 4.45 -0.35 3.11
N ALA A 78 3.76 -0.64 2.05
CA ALA A 78 2.54 -1.49 2.15
C ALA A 78 2.33 -2.26 0.85
N ARG A 79 1.54 -3.30 0.90
CA ARG A 79 1.27 -4.13 -0.32
C ARG A 79 -0.23 -4.33 -0.48
N PHE A 80 -0.68 -4.48 -1.69
CA PHE A 80 -2.13 -4.69 -1.97
C PHE A 80 -2.32 -5.95 -2.81
N LYS A 81 -3.45 -6.57 -2.65
CA LYS A 81 -3.75 -7.82 -3.41
C LYS A 81 -4.91 -7.56 -4.38
N PHE A 82 -4.69 -7.88 -5.63
CA PHE A 82 -5.74 -7.68 -6.68
C PHE A 82 -5.99 -8.98 -7.41
N GLU A 83 -7.21 -9.17 -7.86
CA GLU A 83 -7.57 -10.41 -8.59
C GLU A 83 -6.91 -10.40 -9.97
N VAL A 84 -6.77 -9.24 -10.56
CA VAL A 84 -6.14 -9.16 -11.92
C VAL A 84 -5.06 -8.07 -11.94
N SER A 85 -4.21 -8.12 -12.93
CA SER A 85 -3.11 -7.13 -13.06
C SER A 85 -3.60 -5.91 -13.85
N ALA A 86 -4.70 -6.05 -14.53
CA ALA A 86 -5.24 -4.92 -15.35
C ALA A 86 -5.52 -3.73 -14.43
N GLU A 87 -6.17 -3.97 -13.32
CA GLU A 87 -6.50 -2.88 -12.36
C GLU A 87 -5.21 -2.33 -11.75
N LYS A 88 -4.21 -3.17 -11.62
CA LYS A 88 -2.92 -2.72 -11.03
C LYS A 88 -2.30 -1.65 -11.92
N LEU A 89 -2.29 -1.88 -13.20
CA LEU A 89 -1.68 -0.90 -14.15
C LEU A 89 -2.44 0.42 -14.09
N ILE A 90 -3.75 0.36 -14.21
CA ILE A 90 -4.57 1.62 -14.16
C ILE A 90 -4.55 2.20 -12.74
N PHE A 91 -4.71 1.36 -11.76
CA PHE A 91 -4.72 1.84 -10.34
C PHE A 91 -3.39 2.48 -9.99
N GLU A 92 -2.30 1.83 -10.35
CA GLU A 92 -0.96 2.38 -10.03
C GLU A 92 -0.74 3.67 -10.82
N LEU A 93 -1.16 3.70 -12.06
CA LEU A 93 -0.99 4.92 -12.89
C LEU A 93 -1.82 6.07 -12.31
N LYS A 94 -3.04 5.77 -11.93
CA LYS A 94 -3.95 6.82 -11.38
C LYS A 94 -3.44 7.28 -10.02
N THR A 95 -2.89 6.38 -9.24
CA THR A 95 -2.40 6.74 -7.88
C THR A 95 -1.27 7.77 -8.01
N ARG A 96 -0.30 7.50 -8.83
CA ARG A 96 0.82 8.45 -9.01
C ARG A 96 0.28 9.74 -9.63
N ALA A 97 -0.63 9.60 -10.55
CA ALA A 97 -1.22 10.80 -11.22
C ALA A 97 -1.92 11.65 -10.16
N LEU A 98 -2.60 11.01 -9.24
CA LEU A 98 -3.31 11.76 -8.17
C LEU A 98 -2.31 12.54 -7.34
N ALA A 99 -1.22 11.91 -6.99
CA ALA A 99 -0.18 12.58 -6.16
C ALA A 99 0.43 13.75 -6.94
N ARG A 100 0.65 13.55 -8.21
CA ARG A 100 1.24 14.64 -9.05
C ARG A 100 0.28 15.82 -9.11
N LEU A 101 -0.99 15.54 -9.25
CA LEU A 101 -2.01 16.64 -9.32
C LEU A 101 -2.55 16.91 -7.91
N GLU A 102 -2.38 18.12 -7.45
CA GLU A 102 -2.87 18.49 -6.08
C GLU A 102 -3.43 19.91 -6.09
N HIS A 103 -4.74 20.03 -6.05
CA HIS A 103 -5.40 21.36 -6.06
C HIS A 103 -6.06 21.64 -4.71
N HIS A 104 -5.70 22.73 -4.10
CA HIS A 104 -6.27 23.10 -2.77
C HIS A 104 -7.63 23.77 -2.96
N HIS A 105 -8.63 23.24 -2.30
CA HIS A 105 -10.01 23.80 -2.42
C HIS A 105 -10.05 25.19 -1.78
N HIS A 106 -9.42 25.36 -0.65
CA HIS A 106 -9.41 26.68 0.04
C HIS A 106 -8.03 27.33 -0.09
N HIS A 107 -8.01 28.54 -0.60
CA HIS A 107 -6.72 29.27 -0.77
C HIS A 107 -6.15 29.60 0.61
N HIS A 108 -6.99 29.97 1.53
CA HIS A 108 -6.50 30.30 2.91
C HIS A 108 -7.68 30.26 3.89
N MET A 1 22.18 -18.00 18.44
CA MET A 1 23.46 -17.61 19.07
C MET A 1 23.60 -18.32 20.41
N SER A 2 22.65 -18.13 21.28
CA SER A 2 22.70 -18.78 22.63
C SER A 2 22.47 -20.29 22.50
N ASN A 3 23.00 -21.03 23.42
CA ASN A 3 22.84 -22.51 23.42
C ASN A 3 23.13 -23.08 22.03
N GLN A 4 22.82 -24.33 21.84
CA GLN A 4 23.07 -24.98 20.53
C GLN A 4 22.07 -24.47 19.49
N THR A 5 22.01 -25.15 18.37
CA THR A 5 21.10 -24.73 17.28
C THR A 5 21.27 -23.24 16.97
N CYS A 6 22.12 -22.94 16.02
CA CYS A 6 22.35 -21.52 15.64
C CYS A 6 23.21 -21.49 14.37
N VAL A 7 22.66 -21.94 13.27
CA VAL A 7 23.42 -21.96 12.00
C VAL A 7 23.20 -20.65 11.23
N GLU A 8 24.26 -19.96 10.93
CA GLU A 8 24.15 -18.67 10.17
C GLU A 8 24.36 -18.97 8.68
N ASN A 9 24.74 -20.18 8.36
CA ASN A 9 25.00 -20.55 6.94
C ASN A 9 23.68 -20.61 6.15
N GLU A 10 23.74 -20.28 4.89
CA GLU A 10 22.50 -20.31 4.05
C GLU A 10 22.89 -20.47 2.57
N VAL A 11 22.53 -21.58 1.98
CA VAL A 11 22.86 -21.84 0.55
C VAL A 11 22.00 -20.96 -0.36
N CYS A 12 22.60 -20.37 -1.36
CA CYS A 12 21.84 -19.50 -2.28
C CYS A 12 22.48 -19.55 -3.67
N GLU A 13 21.78 -19.06 -4.66
CA GLU A 13 22.34 -19.08 -6.05
C GLU A 13 21.77 -17.90 -6.83
N ALA A 14 22.13 -16.70 -6.45
CA ALA A 14 21.63 -15.47 -7.14
C ALA A 14 20.13 -15.61 -7.41
N CYS A 15 19.49 -16.52 -6.75
CA CYS A 15 18.02 -16.72 -6.95
C CYS A 15 17.36 -17.11 -5.63
N GLY A 16 16.22 -16.54 -5.35
CA GLY A 16 15.49 -16.86 -4.09
C GLY A 16 16.18 -16.16 -2.92
N CYS A 17 16.93 -15.13 -3.19
CA CYS A 17 17.63 -14.40 -2.09
C CYS A 17 16.59 -13.76 -1.17
N ALA A 18 15.54 -13.21 -1.72
CA ALA A 18 14.49 -12.55 -0.88
C ALA A 18 13.69 -13.61 -0.12
N GLY A 19 13.32 -13.30 1.09
CA GLY A 19 12.53 -14.26 1.92
C GLY A 19 12.44 -13.72 3.35
N GLU A 20 12.20 -12.44 3.49
CA GLU A 20 12.11 -11.82 4.85
C GLU A 20 10.96 -12.45 5.63
N ILE A 21 11.11 -12.56 6.92
CA ILE A 21 10.04 -13.18 7.77
C ILE A 21 9.16 -12.09 8.39
N GLY A 22 7.87 -12.21 8.19
CA GLY A 22 6.93 -11.21 8.74
C GLY A 22 5.54 -11.43 8.14
N PHE A 23 5.06 -10.48 7.37
CA PHE A 23 3.71 -10.60 6.75
C PHE A 23 3.83 -11.02 5.28
N ILE A 24 2.86 -11.74 4.79
CA ILE A 24 2.91 -12.20 3.37
C ILE A 24 1.50 -12.63 2.93
N ILE A 25 0.98 -12.00 1.91
CA ILE A 25 -0.38 -12.35 1.40
C ILE A 25 -0.29 -13.56 0.46
N ARG A 26 0.18 -13.34 -0.74
CA ARG A 26 0.29 -14.47 -1.71
C ARG A 26 1.37 -14.14 -2.75
N GLU A 27 1.72 -12.88 -2.85
CA GLU A 27 2.77 -12.46 -3.83
C GLU A 27 2.39 -12.90 -5.24
N GLY A 28 2.97 -12.26 -6.24
CA GLY A 28 2.67 -12.62 -7.66
C GLY A 28 2.02 -11.46 -8.40
N ASP A 29 1.53 -11.72 -9.58
CA ASP A 29 0.87 -10.65 -10.40
C ASP A 29 -0.47 -10.29 -9.75
N ASP A 30 -0.95 -11.15 -8.88
CA ASP A 30 -2.24 -10.87 -8.19
C ASP A 30 -1.97 -9.94 -7.00
N VAL A 31 -0.72 -9.59 -6.80
CA VAL A 31 -0.34 -8.68 -5.67
C VAL A 31 0.44 -7.50 -6.22
N ALA A 32 0.12 -6.32 -5.77
CA ALA A 32 0.84 -5.09 -6.26
C ALA A 32 1.67 -4.49 -5.13
N GLU A 33 2.68 -3.75 -5.49
CA GLU A 33 3.58 -3.12 -4.47
C GLU A 33 3.31 -1.62 -4.41
N VAL A 34 2.97 -1.12 -3.25
CA VAL A 34 2.69 0.34 -3.08
C VAL A 34 3.52 0.89 -1.94
N SER A 35 4.17 2.00 -2.15
CA SER A 35 5.00 2.62 -1.09
C SER A 35 4.99 4.13 -1.26
N LEU A 36 4.93 4.85 -0.17
CA LEU A 36 4.90 6.34 -0.24
C LEU A 36 5.95 6.93 0.70
N PHE A 37 6.45 8.08 0.36
CA PHE A 37 7.47 8.74 1.21
C PHE A 37 7.26 10.25 1.19
N GLY A 38 7.79 10.93 2.18
CA GLY A 38 7.66 12.41 2.26
C GLY A 38 6.82 12.80 3.48
N SER A 39 7.05 13.97 3.98
CA SER A 39 6.29 14.47 5.16
C SER A 39 6.35 13.46 6.31
N ASP A 40 5.54 13.68 7.32
CA ASP A 40 5.52 12.76 8.48
C ASP A 40 4.59 11.59 8.21
N LYS A 41 4.49 10.68 9.15
CA LYS A 41 3.61 9.49 8.97
C LYS A 41 2.15 9.93 8.82
N ALA A 42 1.74 10.92 9.58
CA ALA A 42 0.33 11.39 9.50
C ALA A 42 -0.03 11.71 8.06
N HIS A 43 0.85 12.33 7.34
CA HIS A 43 0.56 12.67 5.91
C HIS A 43 0.48 11.38 5.09
N LEU A 44 1.34 10.44 5.35
CA LEU A 44 1.32 9.16 4.59
C LEU A 44 0.01 8.43 4.88
N GLU A 45 -0.45 8.47 6.10
CA GLU A 45 -1.72 7.79 6.46
C GLU A 45 -2.87 8.40 5.67
N GLY A 46 -2.86 9.70 5.49
CA GLY A 46 -3.95 10.36 4.73
C GLY A 46 -3.99 9.81 3.29
N LYS A 47 -2.87 9.77 2.65
CA LYS A 47 -2.81 9.24 1.26
C LYS A 47 -3.15 7.76 1.26
N LEU A 48 -2.71 7.04 2.25
CA LEU A 48 -2.98 5.59 2.30
C LEU A 48 -4.50 5.34 2.39
N ALA A 49 -5.16 6.09 3.23
CA ALA A 49 -6.63 5.91 3.37
C ALA A 49 -7.32 6.21 2.04
N GLU A 50 -6.88 7.24 1.37
CA GLU A 50 -7.49 7.61 0.06
C GLU A 50 -7.11 6.54 -0.98
N TYR A 51 -5.92 6.04 -0.90
CA TYR A 51 -5.46 5.01 -1.87
C TYR A 51 -6.34 3.75 -1.74
N ILE A 52 -6.63 3.36 -0.53
CA ILE A 52 -7.48 2.16 -0.32
C ILE A 52 -8.89 2.41 -0.88
N SER A 53 -9.42 3.57 -0.64
CA SER A 53 -10.79 3.89 -1.13
C SER A 53 -10.82 3.82 -2.67
N LEU A 54 -9.81 4.33 -3.31
CA LEU A 54 -9.78 4.29 -4.80
C LEU A 54 -9.70 2.83 -5.28
N ALA A 55 -8.89 2.06 -4.62
CA ALA A 55 -8.75 0.62 -5.00
C ALA A 55 -10.06 -0.11 -4.72
N LYS A 56 -10.71 0.23 -3.64
CA LYS A 56 -11.98 -0.44 -3.28
C LYS A 56 -13.03 -0.17 -4.36
N GLN A 57 -13.12 1.05 -4.82
CA GLN A 57 -14.12 1.39 -5.87
C GLN A 57 -13.74 0.67 -7.18
N VAL A 58 -12.49 0.69 -7.52
CA VAL A 58 -12.04 0.01 -8.76
C VAL A 58 -12.25 -1.50 -8.62
N TYR A 59 -11.87 -2.05 -7.49
CA TYR A 59 -12.03 -3.52 -7.26
C TYR A 59 -12.83 -3.76 -5.98
N ALA A 60 -13.87 -4.55 -6.08
CA ALA A 60 -14.74 -4.83 -4.90
C ALA A 60 -13.97 -5.63 -3.84
N ASN A 61 -14.32 -5.42 -2.60
CA ASN A 61 -13.64 -6.14 -1.48
C ASN A 61 -12.13 -6.18 -1.72
N VAL A 62 -11.49 -5.03 -1.67
CA VAL A 62 -10.02 -4.97 -1.88
C VAL A 62 -9.29 -5.23 -0.57
N GLU A 63 -8.26 -6.03 -0.61
CA GLU A 63 -7.49 -6.35 0.63
C GLU A 63 -6.09 -5.73 0.56
N TYR A 64 -5.58 -5.31 1.67
CA TYR A 64 -4.22 -4.69 1.69
C TYR A 64 -3.53 -4.95 3.03
N GLU A 65 -2.24 -4.79 3.05
CA GLU A 65 -1.46 -5.02 4.31
C GLU A 65 -0.36 -3.96 4.41
N VAL A 66 -0.04 -3.55 5.60
CA VAL A 66 1.02 -2.52 5.79
C VAL A 66 2.07 -3.01 6.79
N ALA A 67 3.32 -2.89 6.44
CA ALA A 67 4.40 -3.34 7.35
C ALA A 67 4.62 -2.27 8.44
N PRO A 68 5.36 -2.61 9.47
CA PRO A 68 5.65 -1.67 10.59
C PRO A 68 6.21 -0.33 10.11
N VAL A 69 5.61 0.76 10.52
CA VAL A 69 6.10 2.12 10.12
C VAL A 69 6.19 3.02 11.35
N ALA A 70 7.29 3.71 11.48
CA ALA A 70 7.46 4.63 12.64
C ALA A 70 6.77 5.96 12.37
N ASP A 71 6.44 6.68 13.41
CA ASP A 71 5.76 8.00 13.25
C ASP A 71 6.69 8.98 12.51
N ASN A 72 7.96 8.90 12.80
CA ASN A 72 8.93 9.83 12.14
C ASN A 72 9.52 9.14 10.89
N ALA A 73 8.92 8.06 10.46
CA ALA A 73 9.43 7.33 9.26
C ALA A 73 9.31 8.22 8.02
N THR A 74 10.24 8.08 7.10
CA THR A 74 10.20 8.90 5.84
C THR A 74 9.65 8.04 4.69
N GLU A 75 9.39 6.78 4.94
CA GLU A 75 8.85 5.91 3.85
C GLU A 75 7.86 4.91 4.43
N LEU A 76 6.87 4.55 3.66
CA LEU A 76 5.84 3.58 4.13
C LEU A 76 5.73 2.43 3.14
N HIS A 77 5.68 1.23 3.65
CA HIS A 77 5.57 0.02 2.76
C HIS A 77 4.17 -0.56 2.85
N ALA A 78 3.56 -0.81 1.74
CA ALA A 78 2.19 -1.38 1.73
C ALA A 78 2.01 -2.26 0.50
N ARG A 79 1.13 -3.23 0.58
CA ARG A 79 0.88 -4.15 -0.57
C ARG A 79 -0.63 -4.28 -0.79
N PHE A 80 -1.02 -4.49 -2.01
CA PHE A 80 -2.47 -4.63 -2.35
C PHE A 80 -2.70 -5.93 -3.13
N LYS A 81 -3.85 -6.51 -3.00
CA LYS A 81 -4.17 -7.77 -3.72
C LYS A 81 -5.21 -7.49 -4.80
N PHE A 82 -4.82 -7.61 -6.04
CA PHE A 82 -5.76 -7.37 -7.18
C PHE A 82 -6.06 -8.68 -7.89
N GLU A 83 -7.26 -8.82 -8.37
CA GLU A 83 -7.65 -10.06 -9.09
C GLU A 83 -6.86 -10.18 -10.40
N VAL A 84 -6.66 -9.09 -11.08
CA VAL A 84 -5.91 -9.13 -12.38
C VAL A 84 -4.90 -7.98 -12.45
N SER A 85 -3.94 -8.11 -13.33
CA SER A 85 -2.90 -7.06 -13.49
C SER A 85 -3.51 -5.82 -14.14
N ALA A 86 -4.67 -5.96 -14.74
CA ALA A 86 -5.32 -4.78 -15.39
C ALA A 86 -5.59 -3.70 -14.35
N GLU A 87 -6.07 -4.09 -13.20
CA GLU A 87 -6.35 -3.09 -12.13
C GLU A 87 -5.03 -2.53 -11.59
N LYS A 88 -4.01 -3.34 -11.54
CA LYS A 88 -2.70 -2.87 -11.03
C LYS A 88 -2.18 -1.73 -11.91
N LEU A 89 -2.22 -1.91 -13.20
CA LEU A 89 -1.72 -0.85 -14.11
C LEU A 89 -2.57 0.41 -13.95
N ILE A 90 -3.87 0.27 -13.93
CA ILE A 90 -4.77 1.43 -13.78
C ILE A 90 -4.58 2.06 -12.39
N PHE A 91 -4.53 1.24 -11.38
CA PHE A 91 -4.35 1.75 -9.99
C PHE A 91 -3.01 2.48 -9.87
N GLU A 92 -1.98 1.90 -10.41
CA GLU A 92 -0.62 2.52 -10.33
C GLU A 92 -0.65 3.94 -10.90
N LEU A 93 -1.01 4.08 -12.14
CA LEU A 93 -1.05 5.44 -12.76
C LEU A 93 -2.11 6.33 -12.08
N LYS A 94 -3.23 5.76 -11.73
CA LYS A 94 -4.30 6.58 -11.09
C LYS A 94 -3.80 7.17 -9.75
N THR A 95 -3.19 6.37 -8.93
CA THR A 95 -2.70 6.89 -7.62
C THR A 95 -1.54 7.86 -7.84
N ARG A 96 -0.66 7.52 -8.76
CA ARG A 96 0.49 8.42 -9.05
C ARG A 96 -0.02 9.74 -9.63
N ALA A 97 -1.00 9.66 -10.48
CA ALA A 97 -1.56 10.91 -11.10
C ALA A 97 -2.14 11.79 -10.00
N LEU A 98 -2.74 11.20 -9.00
CA LEU A 98 -3.33 12.01 -7.89
C LEU A 98 -2.22 12.78 -7.17
N ALA A 99 -1.13 12.12 -6.90
CA ALA A 99 -0.01 12.81 -6.20
C ALA A 99 0.60 13.87 -7.12
N ARG A 100 0.38 13.74 -8.39
CA ARG A 100 0.92 14.74 -9.36
C ARG A 100 0.00 15.96 -9.41
N LEU A 101 -1.02 15.97 -8.59
CA LEU A 101 -1.97 17.12 -8.56
C LEU A 101 -1.41 18.20 -7.63
N GLU A 102 -0.31 17.91 -6.98
CA GLU A 102 0.29 18.90 -6.04
C GLU A 102 0.65 20.18 -6.79
N HIS A 103 0.30 21.30 -6.22
CA HIS A 103 0.60 22.62 -6.87
C HIS A 103 1.82 23.25 -6.18
N HIS A 104 2.94 22.58 -6.22
CA HIS A 104 4.19 23.11 -5.59
C HIS A 104 5.31 23.12 -6.64
N HIS A 105 4.97 22.81 -7.87
CA HIS A 105 6.00 22.80 -8.96
C HIS A 105 7.18 21.94 -8.53
N HIS A 106 7.05 21.22 -7.44
CA HIS A 106 8.16 20.34 -6.95
C HIS A 106 7.61 18.97 -6.58
N HIS A 107 8.39 17.95 -6.81
CA HIS A 107 7.97 16.57 -6.48
C HIS A 107 7.85 16.41 -4.96
N HIS A 108 8.75 17.01 -4.23
CA HIS A 108 8.69 16.90 -2.74
C HIS A 108 7.69 17.93 -2.18
N MET A 1 -23.81 -26.02 -4.58
CA MET A 1 -25.11 -26.40 -3.96
C MET A 1 -25.53 -25.32 -2.96
N SER A 2 -24.80 -25.20 -1.88
CA SER A 2 -25.12 -24.18 -0.84
C SER A 2 -26.59 -24.30 -0.44
N ASN A 3 -27.01 -25.49 -0.09
CA ASN A 3 -28.42 -25.71 0.33
C ASN A 3 -28.71 -24.95 1.62
N GLN A 4 -27.76 -24.94 2.53
CA GLN A 4 -27.97 -24.23 3.83
C GLN A 4 -27.96 -22.71 3.59
N THR A 5 -28.97 -22.04 4.07
CA THR A 5 -29.06 -20.56 3.89
C THR A 5 -28.14 -19.85 4.87
N CYS A 6 -27.89 -18.59 4.64
CA CYS A 6 -26.99 -17.79 5.55
C CYS A 6 -27.68 -16.49 5.96
N VAL A 7 -27.75 -16.23 7.23
CA VAL A 7 -28.40 -15.00 7.74
C VAL A 7 -27.39 -13.87 7.89
N GLU A 8 -27.72 -12.71 7.36
CA GLU A 8 -26.82 -11.54 7.43
C GLU A 8 -25.39 -11.94 7.06
N ASN A 9 -25.10 -11.94 5.79
CA ASN A 9 -23.73 -12.31 5.31
C ASN A 9 -22.85 -11.05 5.25
N GLU A 10 -23.44 -9.89 5.47
CA GLU A 10 -22.66 -8.62 5.44
C GLU A 10 -22.19 -8.27 6.86
N VAL A 11 -22.63 -9.02 7.83
CA VAL A 11 -22.22 -8.72 9.24
C VAL A 11 -20.77 -9.13 9.46
N CYS A 12 -19.99 -8.22 9.98
CA CYS A 12 -18.54 -8.52 10.23
C CYS A 12 -18.34 -8.92 11.70
N GLU A 13 -18.61 -10.15 12.02
CA GLU A 13 -18.45 -10.61 13.43
C GLU A 13 -16.99 -10.98 13.71
N ALA A 14 -16.48 -10.55 14.84
CA ALA A 14 -15.07 -10.84 15.20
C ALA A 14 -14.93 -12.24 15.80
N CYS A 15 -14.27 -13.12 15.09
CA CYS A 15 -14.09 -14.52 15.59
C CYS A 15 -12.68 -15.03 15.23
N GLY A 16 -12.21 -15.98 15.98
CA GLY A 16 -10.85 -16.55 15.72
C GLY A 16 -9.80 -15.76 16.50
N CYS A 17 -10.21 -14.67 17.12
CA CYS A 17 -9.27 -13.82 17.92
C CYS A 17 -7.90 -13.73 17.23
N ALA A 18 -7.68 -12.68 16.49
CA ALA A 18 -6.39 -12.51 15.77
C ALA A 18 -5.22 -12.56 16.75
N GLY A 19 -4.15 -13.20 16.37
CA GLY A 19 -2.96 -13.30 17.25
C GLY A 19 -1.77 -13.80 16.44
N GLU A 20 -1.27 -12.96 15.56
CA GLU A 20 -0.10 -13.35 14.72
C GLU A 20 -0.41 -14.65 13.97
N ILE A 21 -1.64 -14.81 13.57
CA ILE A 21 -2.03 -16.03 12.82
C ILE A 21 -1.35 -16.03 11.45
N GLY A 22 -0.58 -15.01 11.17
CA GLY A 22 0.13 -14.93 9.87
C GLY A 22 -0.76 -14.20 8.84
N PHE A 23 -0.94 -12.92 9.02
CA PHE A 23 -1.77 -12.13 8.07
C PHE A 23 -0.93 -11.76 6.85
N ILE A 24 0.18 -12.41 6.67
CA ILE A 24 1.08 -12.11 5.51
C ILE A 24 0.52 -12.73 4.23
N ILE A 25 0.60 -12.00 3.15
CA ILE A 25 0.07 -12.52 1.85
C ILE A 25 1.20 -13.08 1.00
N ARG A 26 1.00 -14.26 0.47
CA ARG A 26 2.05 -14.91 -0.37
C ARG A 26 2.31 -14.08 -1.62
N GLU A 27 3.55 -14.02 -2.02
CA GLU A 27 3.94 -13.24 -3.21
C GLU A 27 3.50 -13.95 -4.50
N GLY A 28 3.49 -13.24 -5.59
CA GLY A 28 3.09 -13.84 -6.89
C GLY A 28 1.60 -13.64 -7.13
N ASP A 29 1.03 -14.47 -7.96
CA ASP A 29 -0.41 -14.38 -8.29
C ASP A 29 -0.86 -12.93 -8.43
N ASP A 30 -2.07 -12.65 -8.03
CA ASP A 30 -2.60 -11.27 -8.14
C ASP A 30 -2.14 -10.44 -6.95
N VAL A 31 -0.88 -10.09 -6.93
CA VAL A 31 -0.32 -9.28 -5.81
C VAL A 31 0.35 -8.02 -6.37
N ALA A 32 0.09 -6.89 -5.76
CA ALA A 32 0.69 -5.61 -6.23
C ALA A 32 1.32 -4.87 -5.05
N GLU A 33 2.44 -4.27 -5.27
CA GLU A 33 3.15 -3.53 -4.19
C GLU A 33 2.80 -2.04 -4.25
N VAL A 34 2.61 -1.44 -3.11
CA VAL A 34 2.26 0.02 -3.04
C VAL A 34 3.24 0.73 -2.12
N SER A 35 3.76 1.84 -2.57
CA SER A 35 4.73 2.61 -1.72
C SER A 35 4.46 4.11 -1.87
N LEU A 36 4.32 4.78 -0.76
CA LEU A 36 4.06 6.26 -0.78
C LEU A 36 5.27 7.01 -0.24
N PHE A 37 5.43 8.23 -0.66
CA PHE A 37 6.59 9.05 -0.20
C PHE A 37 6.08 10.35 0.41
N GLY A 38 6.55 10.67 1.59
CA GLY A 38 6.12 11.91 2.28
C GLY A 38 7.08 12.26 3.43
N SER A 39 6.71 13.22 4.23
CA SER A 39 7.57 13.65 5.37
C SER A 39 7.30 12.79 6.61
N ASP A 40 6.37 13.21 7.43
CA ASP A 40 6.05 12.45 8.67
C ASP A 40 5.05 11.32 8.37
N LYS A 41 4.87 10.45 9.32
CA LYS A 41 3.93 9.30 9.13
C LYS A 41 2.49 9.80 8.99
N ALA A 42 2.13 10.82 9.74
CA ALA A 42 0.73 11.35 9.68
C ALA A 42 0.36 11.72 8.23
N HIS A 43 1.28 12.33 7.52
CA HIS A 43 0.99 12.73 6.11
C HIS A 43 0.82 11.50 5.23
N LEU A 44 1.65 10.51 5.42
CA LEU A 44 1.55 9.26 4.59
C LEU A 44 0.21 8.56 4.85
N GLU A 45 -0.20 8.54 6.09
CA GLU A 45 -1.49 7.87 6.45
C GLU A 45 -2.64 8.56 5.72
N GLY A 46 -2.64 9.87 5.71
CA GLY A 46 -3.73 10.62 5.02
C GLY A 46 -3.76 10.29 3.53
N LYS A 47 -2.62 10.35 2.89
CA LYS A 47 -2.55 10.04 1.43
C LYS A 47 -2.88 8.56 1.20
N LEU A 48 -2.55 7.74 2.16
CA LEU A 48 -2.82 6.28 2.03
C LEU A 48 -4.31 6.04 1.90
N ALA A 49 -5.10 6.79 2.62
CA ALA A 49 -6.58 6.61 2.56
C ALA A 49 -7.04 6.64 1.10
N GLU A 50 -6.38 7.41 0.28
CA GLU A 50 -6.76 7.50 -1.15
C GLU A 50 -6.56 6.14 -1.83
N TYR A 51 -5.46 5.49 -1.53
CA TYR A 51 -5.20 4.15 -2.15
C TYR A 51 -6.29 3.16 -1.72
N ILE A 52 -6.60 3.14 -0.46
CA ILE A 52 -7.63 2.20 0.05
C ILE A 52 -9.00 2.55 -0.55
N SER A 53 -9.32 3.82 -0.57
CA SER A 53 -10.64 4.25 -1.14
C SER A 53 -10.72 3.87 -2.62
N LEU A 54 -9.68 4.17 -3.35
CA LEU A 54 -9.65 3.84 -4.80
C LEU A 54 -9.60 2.33 -4.98
N ALA A 55 -8.85 1.66 -4.14
CA ALA A 55 -8.72 0.18 -4.22
C ALA A 55 -10.11 -0.47 -4.06
N LYS A 56 -10.86 -0.03 -3.09
CA LYS A 56 -12.22 -0.60 -2.87
C LYS A 56 -13.11 -0.28 -4.08
N GLN A 57 -13.01 0.91 -4.60
CA GLN A 57 -13.84 1.28 -5.76
C GLN A 57 -13.44 0.44 -6.97
N VAL A 58 -12.16 0.32 -7.21
CA VAL A 58 -11.69 -0.49 -8.38
C VAL A 58 -12.04 -1.96 -8.15
N TYR A 59 -11.82 -2.45 -6.96
CA TYR A 59 -12.15 -3.88 -6.66
C TYR A 59 -13.07 -3.97 -5.45
N ALA A 60 -14.10 -4.74 -5.56
CA ALA A 60 -15.09 -4.90 -4.45
C ALA A 60 -14.38 -5.11 -3.11
N ASN A 61 -14.30 -6.34 -2.68
CA ASN A 61 -13.66 -6.64 -1.37
C ASN A 61 -12.15 -6.80 -1.56
N VAL A 62 -11.43 -5.71 -1.44
CA VAL A 62 -9.95 -5.76 -1.61
C VAL A 62 -9.28 -6.01 -0.26
N GLU A 63 -8.26 -6.81 -0.26
CA GLU A 63 -7.52 -7.12 1.01
C GLU A 63 -6.12 -6.52 0.95
N TYR A 64 -5.72 -5.88 2.01
CA TYR A 64 -4.36 -5.26 2.04
C TYR A 64 -3.80 -5.27 3.45
N GLU A 65 -2.52 -5.08 3.58
CA GLU A 65 -1.87 -5.07 4.92
C GLU A 65 -0.75 -4.02 4.93
N VAL A 66 -0.43 -3.51 6.09
CA VAL A 66 0.64 -2.48 6.20
C VAL A 66 1.77 -2.99 7.10
N ALA A 67 2.98 -2.88 6.64
CA ALA A 67 4.14 -3.35 7.44
C ALA A 67 4.57 -2.24 8.41
N PRO A 68 5.46 -2.56 9.33
CA PRO A 68 5.96 -1.58 10.34
C PRO A 68 6.46 -0.26 9.71
N VAL A 69 6.02 0.84 10.25
CA VAL A 69 6.44 2.18 9.72
C VAL A 69 6.87 3.09 10.87
N ALA A 70 8.01 3.72 10.73
CA ALA A 70 8.51 4.63 11.80
C ALA A 70 7.72 5.94 11.79
N ASP A 71 7.64 6.59 12.91
CA ASP A 71 6.89 7.87 13.00
C ASP A 71 7.58 8.92 12.12
N ASN A 72 8.88 8.88 12.06
CA ASN A 72 9.64 9.87 11.23
C ASN A 72 9.92 9.26 9.86
N ALA A 73 9.25 8.17 9.54
CA ALA A 73 9.47 7.49 8.23
C ALA A 73 9.17 8.45 7.07
N THR A 74 9.91 8.31 6.00
CA THR A 74 9.72 9.19 4.80
C THR A 74 8.87 8.44 3.77
N GLU A 75 8.49 7.22 4.06
CA GLU A 75 7.66 6.43 3.10
C GLU A 75 6.85 5.39 3.85
N LEU A 76 5.84 4.86 3.21
CA LEU A 76 4.98 3.83 3.86
C LEU A 76 4.90 2.59 2.97
N HIS A 77 5.18 1.45 3.52
CA HIS A 77 5.14 0.18 2.74
C HIS A 77 3.81 -0.54 2.98
N ALA A 78 3.11 -0.81 1.92
CA ALA A 78 1.79 -1.51 2.04
C ALA A 78 1.65 -2.47 0.87
N ARG A 79 0.81 -3.46 1.02
CA ARG A 79 0.59 -4.46 -0.07
C ARG A 79 -0.90 -4.61 -0.34
N PHE A 80 -1.26 -4.68 -1.59
CA PHE A 80 -2.70 -4.82 -1.98
C PHE A 80 -2.87 -6.05 -2.86
N LYS A 81 -4.00 -6.70 -2.73
CA LYS A 81 -4.28 -7.93 -3.53
C LYS A 81 -5.46 -7.65 -4.47
N PHE A 82 -5.28 -7.96 -5.74
CA PHE A 82 -6.36 -7.72 -6.75
C PHE A 82 -6.71 -9.03 -7.45
N GLU A 83 -6.58 -9.05 -8.76
CA GLU A 83 -6.91 -10.28 -9.53
C GLU A 83 -6.04 -10.32 -10.80
N VAL A 84 -5.85 -9.18 -11.41
CA VAL A 84 -5.02 -9.12 -12.65
C VAL A 84 -4.10 -7.90 -12.60
N SER A 85 -3.03 -7.94 -13.34
CA SER A 85 -2.07 -6.79 -13.37
C SER A 85 -2.74 -5.56 -13.94
N ALA A 86 -3.50 -5.72 -14.99
CA ALA A 86 -4.19 -4.56 -15.64
C ALA A 86 -4.71 -3.57 -14.59
N GLU A 87 -5.33 -4.07 -13.56
CA GLU A 87 -5.87 -3.18 -12.49
C GLU A 87 -4.72 -2.44 -11.80
N LYS A 88 -3.58 -3.08 -11.69
CA LYS A 88 -2.42 -2.42 -11.03
C LYS A 88 -1.99 -1.19 -11.83
N LEU A 89 -1.95 -1.32 -13.13
CA LEU A 89 -1.53 -0.17 -13.99
C LEU A 89 -2.51 1.00 -13.85
N ILE A 90 -3.79 0.73 -13.95
CA ILE A 90 -4.79 1.82 -13.81
C ILE A 90 -4.81 2.30 -12.36
N PHE A 91 -4.80 1.37 -11.44
CA PHE A 91 -4.83 1.75 -10.00
C PHE A 91 -3.63 2.63 -9.69
N GLU A 92 -2.47 2.22 -10.12
CA GLU A 92 -1.24 3.01 -9.88
C GLU A 92 -1.28 4.30 -10.70
N LEU A 93 -1.89 4.24 -11.86
CA LEU A 93 -1.96 5.45 -12.74
C LEU A 93 -2.75 6.56 -12.02
N LYS A 94 -3.87 6.20 -11.45
CA LYS A 94 -4.70 7.21 -10.74
C LYS A 94 -3.96 7.76 -9.52
N THR A 95 -3.30 6.90 -8.79
CA THR A 95 -2.56 7.36 -7.58
C THR A 95 -1.38 8.25 -7.99
N ARG A 96 -0.72 7.91 -9.06
CA ARG A 96 0.44 8.72 -9.51
C ARG A 96 -0.04 10.10 -9.95
N ALA A 97 -1.17 10.15 -10.60
CA ALA A 97 -1.71 11.47 -11.06
C ALA A 97 -2.06 12.32 -9.85
N LEU A 98 -2.63 11.71 -8.85
CA LEU A 98 -3.01 12.47 -7.61
C LEU A 98 -1.74 12.98 -6.92
N ALA A 99 -0.74 12.16 -6.85
CA ALA A 99 0.54 12.56 -6.19
C ALA A 99 1.28 13.56 -7.07
N ARG A 100 1.40 13.27 -8.34
CA ARG A 100 2.11 14.19 -9.27
C ARG A 100 1.34 15.51 -9.40
N LEU A 101 0.04 15.42 -9.53
CA LEU A 101 -0.78 16.66 -9.68
C LEU A 101 -1.44 17.01 -8.35
N GLU A 102 -1.30 18.25 -7.96
CA GLU A 102 -1.91 18.70 -6.67
C GLU A 102 -3.32 19.20 -6.93
N HIS A 103 -3.68 19.40 -8.18
CA HIS A 103 -5.06 19.89 -8.50
C HIS A 103 -5.49 19.38 -9.88
N HIS A 104 -6.77 19.42 -10.13
CA HIS A 104 -7.30 18.93 -11.44
C HIS A 104 -7.30 20.08 -12.46
N HIS A 105 -6.57 19.92 -13.52
CA HIS A 105 -6.50 20.96 -14.58
C HIS A 105 -7.47 20.60 -15.71
N HIS A 106 -8.30 19.62 -15.48
CA HIS A 106 -9.28 19.21 -16.52
C HIS A 106 -10.22 20.38 -16.81
N HIS A 107 -10.61 21.10 -15.80
CA HIS A 107 -11.53 22.25 -15.99
C HIS A 107 -10.80 23.40 -16.69
N HIS A 108 -11.43 23.97 -17.69
CA HIS A 108 -10.80 25.09 -18.43
C HIS A 108 -11.20 26.43 -17.80
N MET A 1 19.87 28.60 -14.01
CA MET A 1 19.05 27.36 -14.19
C MET A 1 19.92 26.13 -13.92
N SER A 2 19.63 25.44 -12.86
CA SER A 2 20.41 24.22 -12.50
C SER A 2 19.60 23.31 -11.59
N ASN A 3 20.02 22.08 -11.47
CA ASN A 3 19.29 21.09 -10.61
C ASN A 3 19.82 21.19 -9.18
N GLN A 4 18.97 21.57 -8.26
CA GLN A 4 19.36 21.70 -6.83
C GLN A 4 19.21 20.35 -6.15
N THR A 5 18.74 19.38 -6.87
CA THR A 5 18.54 18.00 -6.30
C THR A 5 17.86 18.06 -4.95
N CYS A 6 18.26 17.22 -4.04
CA CYS A 6 17.65 17.20 -2.69
C CYS A 6 18.59 16.54 -1.69
N VAL A 7 18.20 16.50 -0.45
CA VAL A 7 19.06 15.89 0.60
C VAL A 7 19.09 14.37 0.41
N GLU A 8 18.10 13.83 -0.25
CA GLU A 8 18.05 12.36 -0.48
C GLU A 8 18.89 12.00 -1.70
N ASN A 9 19.88 11.17 -1.52
CA ASN A 9 20.74 10.75 -2.65
C ASN A 9 21.30 9.35 -2.36
N GLU A 10 21.85 9.16 -1.18
CA GLU A 10 22.44 7.84 -0.81
C GLU A 10 21.33 6.81 -0.55
N VAL A 11 21.65 5.56 -0.82
CA VAL A 11 20.66 4.46 -0.64
C VAL A 11 20.45 4.18 0.85
N CYS A 12 19.22 4.08 1.26
CA CYS A 12 18.89 3.81 2.69
C CYS A 12 18.70 2.31 2.92
N GLU A 13 19.14 1.85 4.06
CA GLU A 13 19.00 0.41 4.39
C GLU A 13 19.17 0.22 5.91
N ALA A 14 18.10 0.42 6.65
CA ALA A 14 18.17 0.25 8.12
C ALA A 14 17.99 -1.21 8.49
N CYS A 15 19.06 -1.84 8.89
CA CYS A 15 19.02 -3.29 9.28
C CYS A 15 18.13 -4.06 8.30
N GLY A 16 18.45 -3.99 7.04
CA GLY A 16 17.64 -4.70 5.99
C GLY A 16 17.76 -6.21 6.16
N CYS A 17 16.67 -6.89 5.95
CA CYS A 17 16.66 -8.39 6.07
C CYS A 17 16.99 -9.01 4.73
N ALA A 18 17.73 -10.08 4.75
CA ALA A 18 18.10 -10.77 3.49
C ALA A 18 16.92 -11.60 3.00
N GLY A 19 16.71 -12.74 3.60
CA GLY A 19 15.59 -13.64 3.18
C GLY A 19 14.28 -13.25 3.86
N GLU A 20 13.23 -13.21 3.08
CA GLU A 20 11.89 -12.84 3.63
C GLU A 20 11.35 -13.97 4.51
N ILE A 21 10.51 -13.61 5.44
CA ILE A 21 9.92 -14.61 6.37
C ILE A 21 8.59 -15.13 5.79
N GLY A 22 8.19 -14.56 4.69
CA GLY A 22 6.93 -14.99 4.01
C GLY A 22 5.71 -14.70 4.90
N PHE A 23 4.95 -13.71 4.53
CA PHE A 23 3.74 -13.34 5.32
C PHE A 23 2.60 -14.32 5.04
N ILE A 24 1.46 -14.09 5.63
CA ILE A 24 0.30 -15.01 5.43
C ILE A 24 -0.16 -14.94 3.98
N ILE A 25 -0.24 -13.76 3.43
CA ILE A 25 -0.69 -13.63 2.00
C ILE A 25 0.48 -13.96 1.07
N ARG A 26 0.25 -14.89 0.17
CA ARG A 26 1.31 -15.31 -0.79
C ARG A 26 1.46 -14.30 -1.91
N GLU A 27 2.69 -13.94 -2.20
CA GLU A 27 2.97 -12.95 -3.27
C GLU A 27 2.87 -13.61 -4.63
N GLY A 28 2.44 -12.86 -5.61
CA GLY A 28 2.31 -13.40 -6.99
C GLY A 28 1.89 -12.29 -7.96
N ASP A 29 1.59 -12.68 -9.17
CA ASP A 29 1.18 -11.69 -10.20
C ASP A 29 -0.18 -11.12 -9.83
N ASP A 30 -0.88 -11.77 -8.93
CA ASP A 30 -2.23 -11.30 -8.51
C ASP A 30 -2.08 -10.31 -7.35
N VAL A 31 -0.86 -10.03 -6.96
CA VAL A 31 -0.63 -9.07 -5.83
C VAL A 31 0.28 -7.94 -6.30
N ALA A 32 -0.10 -6.72 -5.98
CA ALA A 32 0.71 -5.53 -6.38
C ALA A 32 1.24 -4.81 -5.14
N GLU A 33 2.37 -4.17 -5.28
CA GLU A 33 3.00 -3.43 -4.15
C GLU A 33 2.67 -1.94 -4.25
N VAL A 34 2.43 -1.31 -3.13
CA VAL A 34 2.10 0.14 -3.11
C VAL A 34 3.07 0.87 -2.17
N SER A 35 3.59 1.98 -2.61
CA SER A 35 4.53 2.77 -1.77
C SER A 35 4.22 4.25 -1.89
N LEU A 36 4.10 4.91 -0.76
CA LEU A 36 3.79 6.37 -0.75
C LEU A 36 4.81 7.09 0.14
N PHE A 37 5.24 8.24 -0.29
CA PHE A 37 6.23 9.03 0.48
C PHE A 37 5.87 10.52 0.44
N GLY A 38 6.19 11.21 1.49
CA GLY A 38 5.89 12.68 1.55
C GLY A 38 5.77 13.12 3.01
N SER A 39 6.49 14.15 3.37
CA SER A 39 6.44 14.67 4.77
C SER A 39 6.58 13.52 5.76
N ASP A 40 5.93 13.63 6.89
CA ASP A 40 6.04 12.56 7.93
C ASP A 40 5.00 11.47 7.69
N LYS A 41 4.96 10.49 8.56
CA LYS A 41 3.99 9.36 8.40
C LYS A 41 2.56 9.88 8.46
N ALA A 42 2.29 10.79 9.36
CA ALA A 42 0.90 11.33 9.52
C ALA A 42 0.36 11.76 8.15
N HIS A 43 1.18 12.39 7.37
CA HIS A 43 0.76 12.86 6.02
C HIS A 43 0.41 11.66 5.14
N LEU A 44 1.21 10.63 5.21
CA LEU A 44 0.95 9.41 4.40
C LEU A 44 -0.37 8.77 4.80
N GLU A 45 -0.64 8.75 6.08
CA GLU A 45 -1.92 8.13 6.56
C GLU A 45 -3.11 8.90 6.01
N GLY A 46 -3.00 10.20 5.96
CA GLY A 46 -4.12 11.04 5.44
C GLY A 46 -4.38 10.69 3.97
N LYS A 47 -3.34 10.52 3.21
CA LYS A 47 -3.51 10.19 1.77
C LYS A 47 -3.73 8.68 1.62
N LEU A 48 -3.38 7.92 2.62
CA LEU A 48 -3.56 6.45 2.57
C LEU A 48 -5.04 6.14 2.48
N ALA A 49 -5.84 6.87 3.21
CA ALA A 49 -7.32 6.63 3.21
C ALA A 49 -7.86 6.76 1.79
N GLU A 50 -7.40 7.73 1.06
CA GLU A 50 -7.88 7.93 -0.35
C GLU A 50 -7.38 6.77 -1.22
N TYR A 51 -6.18 6.32 -0.97
CA TYR A 51 -5.61 5.20 -1.78
C TYR A 51 -6.47 3.95 -1.61
N ILE A 52 -6.88 3.65 -0.40
CA ILE A 52 -7.73 2.46 -0.15
C ILE A 52 -9.07 2.64 -0.86
N SER A 53 -9.62 3.82 -0.79
CA SER A 53 -10.93 4.10 -1.42
C SER A 53 -10.82 3.84 -2.92
N LEU A 54 -9.75 4.25 -3.52
CA LEU A 54 -9.55 4.03 -4.99
C LEU A 54 -9.50 2.53 -5.27
N ALA A 55 -8.82 1.79 -4.42
CA ALA A 55 -8.69 0.32 -4.62
C ALA A 55 -10.06 -0.35 -4.47
N LYS A 56 -10.86 0.10 -3.55
CA LYS A 56 -12.21 -0.49 -3.35
C LYS A 56 -13.08 -0.26 -4.57
N GLN A 57 -13.01 0.92 -5.14
CA GLN A 57 -13.82 1.24 -6.34
C GLN A 57 -13.43 0.30 -7.48
N VAL A 58 -12.15 0.14 -7.69
CA VAL A 58 -11.66 -0.76 -8.77
C VAL A 58 -12.03 -2.20 -8.44
N TYR A 59 -11.83 -2.60 -7.20
CA TYR A 59 -12.16 -4.00 -6.77
C TYR A 59 -12.78 -3.99 -5.38
N ALA A 60 -14.00 -4.45 -5.28
CA ALA A 60 -14.71 -4.49 -3.96
C ALA A 60 -14.11 -5.57 -3.05
N ASN A 61 -14.17 -5.32 -1.76
CA ASN A 61 -13.62 -6.29 -0.77
C ASN A 61 -12.12 -6.46 -1.01
N VAL A 62 -11.44 -5.37 -1.26
CA VAL A 62 -9.98 -5.42 -1.51
C VAL A 62 -9.22 -5.51 -0.20
N GLU A 63 -8.22 -6.34 -0.17
CA GLU A 63 -7.39 -6.51 1.07
C GLU A 63 -5.99 -5.96 0.85
N TYR A 64 -5.42 -5.42 1.89
CA TYR A 64 -4.06 -4.83 1.80
C TYR A 64 -3.36 -4.92 3.15
N GLU A 65 -2.05 -4.81 3.16
CA GLU A 65 -1.28 -4.89 4.44
C GLU A 65 -0.17 -3.84 4.46
N VAL A 66 0.18 -3.40 5.65
CA VAL A 66 1.24 -2.35 5.79
C VAL A 66 2.36 -2.87 6.69
N ALA A 67 3.58 -2.72 6.23
CA ALA A 67 4.74 -3.19 7.03
C ALA A 67 5.11 -2.14 8.09
N PRO A 68 5.99 -2.48 8.99
CA PRO A 68 6.43 -1.57 10.08
C PRO A 68 7.00 -0.24 9.54
N VAL A 69 6.42 0.86 9.96
CA VAL A 69 6.90 2.20 9.49
C VAL A 69 6.99 3.17 10.68
N ALA A 70 8.08 3.88 10.76
CA ALA A 70 8.30 4.88 11.86
C ALA A 70 7.40 6.09 11.67
N ASP A 71 7.04 6.73 12.75
CA ASP A 71 6.16 7.92 12.70
C ASP A 71 6.83 9.04 11.91
N ASN A 72 8.13 9.16 12.03
CA ASN A 72 8.88 10.22 11.30
C ASN A 72 9.37 9.67 9.96
N ALA A 73 8.88 8.53 9.56
CA ALA A 73 9.30 7.92 8.27
C ALA A 73 8.80 8.78 7.11
N THR A 74 9.59 8.88 6.07
CA THR A 74 9.19 9.70 4.90
C THR A 74 8.63 8.78 3.82
N GLU A 75 8.65 7.50 4.07
CA GLU A 75 8.11 6.52 3.08
C GLU A 75 7.27 5.47 3.81
N LEU A 76 6.30 4.95 3.12
CA LEU A 76 5.40 3.92 3.72
C LEU A 76 5.27 2.73 2.78
N HIS A 77 5.51 1.55 3.30
CA HIS A 77 5.42 0.31 2.48
C HIS A 77 4.05 -0.33 2.67
N ALA A 78 3.41 -0.68 1.59
CA ALA A 78 2.07 -1.31 1.67
C ALA A 78 1.89 -2.28 0.50
N ARG A 79 1.02 -3.24 0.69
CA ARG A 79 0.76 -4.26 -0.38
C ARG A 79 -0.74 -4.36 -0.64
N PHE A 80 -1.09 -4.44 -1.89
CA PHE A 80 -2.53 -4.54 -2.28
C PHE A 80 -2.72 -5.71 -3.24
N LYS A 81 -3.86 -6.34 -3.17
CA LYS A 81 -4.16 -7.50 -4.06
C LYS A 81 -5.45 -7.25 -4.83
N PHE A 82 -5.52 -7.73 -6.04
CA PHE A 82 -6.75 -7.53 -6.87
C PHE A 82 -7.16 -8.86 -7.51
N GLU A 83 -6.78 -9.08 -8.74
CA GLU A 83 -7.13 -10.36 -9.44
C GLU A 83 -6.50 -10.35 -10.83
N VAL A 84 -6.30 -9.18 -11.40
CA VAL A 84 -5.68 -9.09 -12.76
C VAL A 84 -4.60 -8.00 -12.77
N SER A 85 -3.72 -8.07 -13.73
CA SER A 85 -2.62 -7.07 -13.85
C SER A 85 -3.15 -5.79 -14.50
N ALA A 86 -4.28 -5.87 -15.14
CA ALA A 86 -4.86 -4.67 -15.81
C ALA A 86 -5.19 -3.61 -14.75
N GLU A 87 -5.76 -4.03 -13.66
CA GLU A 87 -6.13 -3.06 -12.58
C GLU A 87 -4.86 -2.48 -11.96
N LYS A 88 -3.80 -3.24 -11.97
CA LYS A 88 -2.52 -2.77 -11.37
C LYS A 88 -2.02 -1.55 -12.15
N LEU A 89 -2.04 -1.62 -13.45
CA LEU A 89 -1.54 -0.49 -14.27
C LEU A 89 -2.42 0.75 -14.06
N ILE A 90 -3.70 0.57 -14.15
CA ILE A 90 -4.63 1.72 -13.95
C ILE A 90 -4.60 2.17 -12.48
N PHE A 91 -4.62 1.23 -11.58
CA PHE A 91 -4.61 1.58 -10.13
C PHE A 91 -3.32 2.32 -9.81
N GLU A 92 -2.22 1.82 -10.32
CA GLU A 92 -0.90 2.46 -10.07
C GLU A 92 -0.90 3.86 -10.67
N LEU A 93 -1.51 4.03 -11.81
CA LEU A 93 -1.55 5.36 -12.47
C LEU A 93 -2.30 6.35 -11.58
N LYS A 94 -3.43 5.95 -11.08
CA LYS A 94 -4.24 6.86 -10.21
C LYS A 94 -3.51 7.13 -8.90
N THR A 95 -2.96 6.12 -8.29
CA THR A 95 -2.24 6.32 -7.00
C THR A 95 -0.95 7.11 -7.23
N ARG A 96 -0.24 6.80 -8.29
CA ARG A 96 1.03 7.53 -8.58
C ARG A 96 0.71 8.96 -8.97
N ALA A 97 -0.31 9.15 -9.76
CA ALA A 97 -0.70 10.52 -10.20
C ALA A 97 -1.13 11.33 -8.98
N LEU A 98 -1.86 10.72 -8.10
CA LEU A 98 -2.33 11.44 -6.88
C LEU A 98 -1.12 11.84 -6.03
N ALA A 99 -0.17 10.96 -5.93
CA ALA A 99 1.04 11.27 -5.11
C ALA A 99 1.75 12.49 -5.68
N ARG A 100 1.75 12.62 -6.99
CA ARG A 100 2.43 13.77 -7.64
C ARG A 100 1.82 15.09 -7.18
N LEU A 101 0.53 15.17 -7.15
CA LEU A 101 -0.15 16.43 -6.71
C LEU A 101 -0.65 16.28 -5.28
N GLU A 102 -0.23 17.17 -4.43
CA GLU A 102 -0.65 17.13 -3.00
C GLU A 102 -1.86 18.03 -2.77
N HIS A 103 -2.94 17.42 -2.35
CA HIS A 103 -4.20 18.18 -2.08
C HIS A 103 -3.97 19.11 -0.88
N HIS A 104 -3.27 18.64 0.11
CA HIS A 104 -3.02 19.48 1.32
C HIS A 104 -1.91 20.49 1.04
N HIS A 105 -1.94 21.59 1.75
CA HIS A 105 -0.93 22.66 1.57
C HIS A 105 -0.73 22.93 0.08
N HIS A 106 -1.81 23.10 -0.63
CA HIS A 106 -1.74 23.37 -2.09
C HIS A 106 -1.03 24.71 -2.31
N HIS A 107 -1.35 25.69 -1.51
CA HIS A 107 -0.73 27.04 -1.67
C HIS A 107 0.77 26.95 -1.40
N HIS A 108 1.16 26.25 -0.36
CA HIS A 108 2.61 26.12 -0.02
C HIS A 108 3.21 24.93 -0.76
N MET A 1 2.73 6.63 25.22
CA MET A 1 1.31 6.33 24.88
C MET A 1 0.38 7.23 25.69
N SER A 2 0.20 8.44 25.24
CA SER A 2 -0.66 9.40 25.98
C SER A 2 -2.14 8.95 25.92
N ASN A 3 -2.86 9.21 26.98
CA ASN A 3 -4.30 8.80 27.02
C ASN A 3 -5.18 9.96 26.56
N GLN A 4 -6.43 9.67 26.33
CA GLN A 4 -7.40 10.71 25.89
C GLN A 4 -6.79 11.55 24.76
N THR A 5 -7.43 12.64 24.45
CA THR A 5 -6.95 13.54 23.37
C THR A 5 -6.92 12.82 22.01
N CYS A 6 -5.81 12.90 21.32
CA CYS A 6 -5.70 12.24 20.00
C CYS A 6 -5.90 10.74 20.16
N VAL A 7 -5.59 10.20 21.30
CA VAL A 7 -5.75 8.74 21.53
C VAL A 7 -7.05 8.47 22.31
N GLU A 8 -7.84 7.55 21.83
CA GLU A 8 -9.12 7.21 22.52
C GLU A 8 -9.75 5.99 21.82
N ASN A 9 -9.78 6.00 20.52
CA ASN A 9 -10.38 4.83 19.78
C ASN A 9 -9.36 3.69 19.72
N GLU A 10 -8.15 3.94 20.12
CA GLU A 10 -7.10 2.88 20.07
C GLU A 10 -7.13 2.08 21.38
N VAL A 11 -6.73 0.84 21.30
CA VAL A 11 -6.73 -0.05 22.50
C VAL A 11 -5.30 -0.37 22.93
N CYS A 12 -5.02 -0.19 24.20
CA CYS A 12 -3.65 -0.46 24.74
C CYS A 12 -3.40 -1.97 24.82
N GLU A 13 -4.00 -2.63 25.79
CA GLU A 13 -3.81 -4.09 25.96
C GLU A 13 -2.35 -4.47 25.67
N ALA A 14 -1.46 -4.09 26.55
CA ALA A 14 -0.02 -4.39 26.35
C ALA A 14 0.20 -5.90 26.35
N CYS A 15 1.06 -6.37 25.49
CA CYS A 15 1.34 -7.83 25.40
C CYS A 15 2.65 -8.16 26.14
N GLY A 16 2.69 -9.33 26.71
CA GLY A 16 3.91 -9.75 27.47
C GLY A 16 4.89 -10.46 26.52
N CYS A 17 4.57 -11.65 26.11
CA CYS A 17 5.48 -12.41 25.20
C CYS A 17 5.57 -11.68 23.86
N ALA A 18 4.48 -11.09 23.43
CA ALA A 18 4.47 -10.37 22.13
C ALA A 18 5.11 -11.23 21.04
N GLY A 19 5.31 -12.49 21.33
CA GLY A 19 5.92 -13.41 20.32
C GLY A 19 4.82 -13.96 19.41
N GLU A 20 3.60 -13.52 19.62
CA GLU A 20 2.47 -14.00 18.78
C GLU A 20 2.88 -14.05 17.31
N ILE A 21 3.32 -15.20 16.85
CA ILE A 21 3.75 -15.34 15.43
C ILE A 21 2.56 -15.74 14.56
N GLY A 22 2.36 -15.04 13.48
CA GLY A 22 1.23 -15.35 12.55
C GLY A 22 1.12 -14.26 11.49
N PHE A 23 1.51 -14.56 10.28
CA PHE A 23 1.44 -13.56 9.18
C PHE A 23 0.21 -13.85 8.32
N ILE A 24 -0.66 -12.89 8.19
CA ILE A 24 -1.90 -13.07 7.39
C ILE A 24 -1.63 -12.81 5.91
N ILE A 25 -2.33 -13.51 5.06
CA ILE A 25 -2.16 -13.35 3.60
C ILE A 25 -0.68 -13.52 3.22
N ARG A 26 -0.34 -14.67 2.71
CA ARG A 26 1.08 -14.95 2.33
C ARG A 26 1.55 -13.96 1.27
N GLU A 27 2.26 -14.46 0.27
CA GLU A 27 2.78 -13.58 -0.81
C GLU A 27 2.48 -14.22 -2.17
N GLY A 28 1.22 -14.44 -2.44
CA GLY A 28 0.82 -15.06 -3.73
C GLY A 28 1.12 -14.11 -4.90
N ASP A 29 1.01 -14.62 -6.10
CA ASP A 29 1.29 -13.78 -7.30
C ASP A 29 0.06 -12.91 -7.60
N ASP A 30 -0.97 -13.07 -6.84
CA ASP A 30 -2.21 -12.25 -7.06
C ASP A 30 -2.15 -11.02 -6.16
N VAL A 31 -0.96 -10.60 -5.80
CA VAL A 31 -0.80 -9.41 -4.91
C VAL A 31 0.19 -8.44 -5.53
N ALA A 32 0.06 -7.18 -5.19
CA ALA A 32 0.99 -6.14 -5.75
C ALA A 32 1.48 -5.24 -4.62
N GLU A 33 2.68 -4.75 -4.75
CA GLU A 33 3.26 -3.86 -3.70
C GLU A 33 2.97 -2.40 -4.03
N VAL A 34 2.81 -1.59 -3.02
CA VAL A 34 2.52 -0.14 -3.22
C VAL A 34 3.53 0.70 -2.44
N SER A 35 4.10 1.68 -3.08
CA SER A 35 5.10 2.57 -2.41
C SER A 35 4.66 4.02 -2.54
N LEU A 36 4.50 4.69 -1.43
CA LEU A 36 4.08 6.13 -1.45
C LEU A 36 5.14 6.98 -0.76
N PHE A 37 5.51 8.07 -1.38
CA PHE A 37 6.55 8.96 -0.79
C PHE A 37 5.89 10.07 0.02
N GLY A 38 6.55 10.50 1.06
CA GLY A 38 5.98 11.59 1.90
C GLY A 38 6.94 11.92 3.05
N SER A 39 6.55 12.84 3.89
CA SER A 39 7.41 13.23 5.03
C SER A 39 7.22 12.27 6.21
N ASP A 40 6.47 12.68 7.20
CA ASP A 40 6.24 11.81 8.39
C ASP A 40 5.10 10.83 8.13
N LYS A 41 4.88 9.94 9.06
CA LYS A 41 3.79 8.93 8.91
C LYS A 41 2.42 9.61 8.82
N ALA A 42 2.20 10.63 9.61
CA ALA A 42 0.88 11.34 9.59
C ALA A 42 0.57 11.81 8.17
N HIS A 43 1.54 12.36 7.49
CA HIS A 43 1.31 12.86 6.11
C HIS A 43 1.03 11.67 5.16
N LEU A 44 1.79 10.62 5.31
CA LEU A 44 1.59 9.42 4.42
C LEU A 44 0.21 8.82 4.67
N GLU A 45 -0.21 8.76 5.90
CA GLU A 45 -1.55 8.18 6.22
C GLU A 45 -2.64 9.04 5.61
N GLY A 46 -2.44 10.33 5.61
CA GLY A 46 -3.46 11.26 5.04
C GLY A 46 -3.66 10.94 3.55
N LYS A 47 -2.59 10.70 2.85
CA LYS A 47 -2.69 10.36 1.41
C LYS A 47 -2.99 8.88 1.25
N LEU A 48 -2.77 8.12 2.28
CA LEU A 48 -3.04 6.64 2.21
C LEU A 48 -4.53 6.40 2.03
N ALA A 49 -5.34 7.18 2.69
CA ALA A 49 -6.82 6.99 2.58
C ALA A 49 -7.23 7.04 1.11
N GLU A 50 -6.50 7.75 0.30
CA GLU A 50 -6.82 7.84 -1.15
C GLU A 50 -6.63 6.46 -1.80
N TYR A 51 -5.56 5.80 -1.46
CA TYR A 51 -5.28 4.45 -2.04
C TYR A 51 -6.41 3.48 -1.67
N ILE A 52 -6.83 3.50 -0.44
CA ILE A 52 -7.91 2.58 0.01
C ILE A 52 -9.23 2.91 -0.69
N SER A 53 -9.55 4.18 -0.79
CA SER A 53 -10.84 4.57 -1.45
C SER A 53 -10.86 4.10 -2.91
N LEU A 54 -9.83 4.42 -3.65
CA LEU A 54 -9.76 4.00 -5.08
C LEU A 54 -9.65 2.48 -5.17
N ALA A 55 -8.91 1.88 -4.27
CA ALA A 55 -8.73 0.41 -4.29
C ALA A 55 -10.10 -0.30 -4.27
N LYS A 56 -10.96 0.10 -3.38
CA LYS A 56 -12.31 -0.55 -3.30
C LYS A 56 -13.11 -0.25 -4.57
N GLN A 57 -13.05 0.96 -5.05
CA GLN A 57 -13.82 1.32 -6.27
C GLN A 57 -13.24 0.56 -7.47
N VAL A 58 -11.95 0.54 -7.59
CA VAL A 58 -11.30 -0.18 -8.72
C VAL A 58 -11.58 -1.69 -8.59
N TYR A 59 -11.42 -2.21 -7.40
CA TYR A 59 -11.67 -3.68 -7.17
C TYR A 59 -12.53 -3.85 -5.92
N ALA A 60 -13.68 -4.42 -6.08
CA ALA A 60 -14.61 -4.61 -4.93
C ALA A 60 -14.06 -5.68 -3.96
N ASN A 61 -14.30 -5.48 -2.69
CA ASN A 61 -13.82 -6.43 -1.65
C ASN A 61 -12.30 -6.59 -1.77
N VAL A 62 -11.62 -5.50 -1.96
CA VAL A 62 -10.13 -5.52 -2.09
C VAL A 62 -9.49 -5.74 -0.72
N GLU A 63 -8.48 -6.56 -0.69
CA GLU A 63 -7.76 -6.85 0.59
C GLU A 63 -6.35 -6.28 0.53
N TYR A 64 -5.92 -5.66 1.60
CA TYR A 64 -4.55 -5.06 1.62
C TYR A 64 -3.98 -5.09 3.04
N GLU A 65 -2.68 -4.96 3.15
CA GLU A 65 -2.03 -4.98 4.49
C GLU A 65 -0.88 -3.96 4.48
N VAL A 66 -0.60 -3.38 5.61
CA VAL A 66 0.50 -2.37 5.71
C VAL A 66 1.65 -2.93 6.55
N ALA A 67 2.84 -2.82 6.03
CA ALA A 67 4.03 -3.33 6.76
C ALA A 67 4.48 -2.30 7.80
N PRO A 68 5.23 -2.72 8.79
CA PRO A 68 5.75 -1.80 9.84
C PRO A 68 6.47 -0.58 9.25
N VAL A 69 6.09 0.60 9.68
CA VAL A 69 6.72 1.85 9.15
C VAL A 69 7.12 2.76 10.32
N ALA A 70 8.31 3.30 10.25
CA ALA A 70 8.80 4.20 11.32
C ALA A 70 8.01 5.52 11.29
N ASP A 71 7.90 6.16 12.42
CA ASP A 71 7.16 7.46 12.50
C ASP A 71 7.88 8.50 11.65
N ASN A 72 9.19 8.44 11.59
CA ASN A 72 9.96 9.44 10.79
C ASN A 72 10.25 8.86 9.40
N ALA A 73 9.54 7.84 9.03
CA ALA A 73 9.75 7.22 7.69
C ALA A 73 9.33 8.19 6.59
N THR A 74 10.04 8.18 5.49
CA THR A 74 9.71 9.09 4.35
C THR A 74 8.93 8.31 3.29
N GLU A 75 8.71 7.04 3.50
CA GLU A 75 7.97 6.21 2.51
C GLU A 75 7.02 5.27 3.22
N LEU A 76 6.04 4.78 2.51
CA LEU A 76 5.05 3.84 3.13
C LEU A 76 5.01 2.54 2.32
N HIS A 77 5.11 1.43 3.01
CA HIS A 77 5.08 0.11 2.33
C HIS A 77 3.74 -0.57 2.57
N ALA A 78 3.09 -0.98 1.52
CA ALA A 78 1.77 -1.66 1.66
C ALA A 78 1.57 -2.66 0.53
N ARG A 79 0.68 -3.59 0.73
CA ARG A 79 0.41 -4.63 -0.31
C ARG A 79 -1.09 -4.70 -0.60
N PHE A 80 -1.45 -4.89 -1.84
CA PHE A 80 -2.89 -4.95 -2.24
C PHE A 80 -3.15 -6.23 -3.03
N LYS A 81 -4.36 -6.74 -2.92
CA LYS A 81 -4.72 -8.00 -3.65
C LYS A 81 -5.74 -7.68 -4.74
N PHE A 82 -5.51 -8.19 -5.93
CA PHE A 82 -6.45 -7.93 -7.06
C PHE A 82 -6.69 -9.22 -7.84
N GLU A 83 -6.51 -9.17 -9.14
CA GLU A 83 -6.72 -10.38 -9.99
C GLU A 83 -5.78 -10.31 -11.20
N VAL A 84 -5.55 -9.11 -11.70
CA VAL A 84 -4.64 -8.96 -12.89
C VAL A 84 -3.66 -7.81 -12.67
N SER A 85 -2.58 -7.84 -13.38
CA SER A 85 -1.55 -6.77 -13.27
C SER A 85 -2.04 -5.49 -13.94
N ALA A 86 -3.04 -5.59 -14.77
CA ALA A 86 -3.58 -4.39 -15.47
C ALA A 86 -4.16 -3.41 -14.43
N GLU A 87 -4.80 -3.94 -13.42
CA GLU A 87 -5.39 -3.07 -12.36
C GLU A 87 -4.27 -2.40 -11.57
N LYS A 88 -3.18 -3.10 -11.38
CA LYS A 88 -2.05 -2.51 -10.63
C LYS A 88 -1.54 -1.28 -11.37
N LEU A 89 -1.39 -1.39 -12.66
CA LEU A 89 -0.87 -0.25 -13.45
C LEU A 89 -1.82 0.94 -13.34
N ILE A 90 -3.09 0.72 -13.56
CA ILE A 90 -4.09 1.82 -13.47
C ILE A 90 -4.21 2.29 -12.03
N PHE A 91 -4.24 1.38 -11.09
CA PHE A 91 -4.36 1.77 -9.65
C PHE A 91 -3.19 2.67 -9.26
N GLU A 92 -2.00 2.27 -9.63
CA GLU A 92 -0.81 3.08 -9.29
C GLU A 92 -0.87 4.41 -10.04
N LEU A 93 -1.27 4.37 -11.28
CA LEU A 93 -1.34 5.61 -12.09
C LEU A 93 -2.38 6.56 -11.49
N LYS A 94 -3.53 6.05 -11.18
CA LYS A 94 -4.60 6.91 -10.60
C LYS A 94 -4.17 7.42 -9.23
N THR A 95 -3.60 6.55 -8.43
CA THR A 95 -3.16 6.97 -7.08
C THR A 95 -1.97 7.93 -7.18
N ARG A 96 -1.12 7.70 -8.15
CA ARG A 96 0.07 8.59 -8.33
C ARG A 96 -0.42 10.00 -8.69
N ALA A 97 -1.38 10.08 -9.56
CA ALA A 97 -1.91 11.42 -9.98
C ALA A 97 -2.51 12.13 -8.76
N LEU A 98 -3.19 11.40 -7.93
CA LEU A 98 -3.81 12.02 -6.72
C LEU A 98 -2.71 12.52 -5.80
N ALA A 99 -1.66 11.76 -5.66
CA ALA A 99 -0.53 12.17 -4.78
C ALA A 99 0.39 13.12 -5.54
N ARG A 100 0.12 13.31 -6.81
CA ARG A 100 0.97 14.22 -7.64
C ARG A 100 0.44 15.65 -7.49
N LEU A 101 -0.76 15.78 -6.99
CA LEU A 101 -1.38 17.13 -6.80
C LEU A 101 -1.48 17.85 -8.15
N GLU A 102 -2.69 18.20 -8.52
CA GLU A 102 -2.91 18.91 -9.81
C GLU A 102 -2.13 20.22 -9.83
N HIS A 103 -1.43 20.48 -10.90
CA HIS A 103 -0.64 21.75 -11.01
C HIS A 103 -1.47 22.79 -11.76
N HIS A 104 -1.57 22.65 -13.05
CA HIS A 104 -2.34 23.62 -13.88
C HIS A 104 -2.07 25.05 -13.42
N HIS A 105 -3.02 25.93 -13.62
CA HIS A 105 -2.84 27.35 -13.22
C HIS A 105 -4.19 27.96 -12.87
N HIS A 106 -4.18 29.09 -12.22
CA HIS A 106 -5.45 29.75 -11.83
C HIS A 106 -6.11 30.43 -13.04
N HIS A 107 -7.38 30.18 -13.22
CA HIS A 107 -8.10 30.80 -14.37
C HIS A 107 -9.58 30.99 -14.00
N HIS A 108 -10.26 31.83 -14.74
CA HIS A 108 -11.70 32.09 -14.48
C HIS A 108 -12.30 32.85 -15.66
N MET A 1 38.03 2.48 25.18
CA MET A 1 37.88 2.37 23.69
C MET A 1 39.15 1.79 23.09
N SER A 2 40.16 2.62 22.90
CA SER A 2 41.44 2.13 22.32
C SER A 2 42.09 1.11 23.26
N ASN A 3 41.91 1.30 24.54
CA ASN A 3 42.50 0.35 25.53
C ASN A 3 41.88 -1.03 25.34
N GLN A 4 40.60 -1.08 25.10
CA GLN A 4 39.91 -2.39 24.92
C GLN A 4 40.12 -2.89 23.50
N THR A 5 40.74 -4.04 23.35
CA THR A 5 40.98 -4.62 22.00
C THR A 5 39.95 -5.71 21.73
N CYS A 6 39.22 -6.10 22.75
CA CYS A 6 38.18 -7.16 22.58
C CYS A 6 36.83 -6.51 22.23
N VAL A 7 36.82 -5.23 22.01
CA VAL A 7 35.55 -4.51 21.68
C VAL A 7 35.04 -4.95 20.31
N GLU A 8 33.76 -5.19 20.21
CA GLU A 8 33.17 -5.62 18.92
C GLU A 8 31.71 -5.15 18.85
N ASN A 9 30.94 -5.76 18.01
CA ASN A 9 29.50 -5.37 17.87
C ASN A 9 28.70 -5.83 19.09
N GLU A 10 27.71 -6.66 18.87
CA GLU A 10 26.86 -7.16 19.97
C GLU A 10 26.47 -6.00 20.89
N VAL A 11 25.45 -5.27 20.51
CA VAL A 11 24.98 -4.10 21.33
C VAL A 11 23.55 -4.33 21.80
N CYS A 12 23.31 -4.09 23.07
CA CYS A 12 21.95 -4.27 23.64
C CYS A 12 21.38 -5.63 23.19
N GLU A 13 22.24 -6.54 22.82
CA GLU A 13 21.79 -7.89 22.38
C GLU A 13 20.76 -7.76 21.26
N ALA A 14 19.50 -7.68 21.62
CA ALA A 14 18.42 -7.57 20.58
C ALA A 14 18.61 -8.64 19.51
N CYS A 15 18.15 -9.83 19.79
CA CYS A 15 18.29 -10.96 18.82
C CYS A 15 17.04 -11.06 17.94
N GLY A 16 17.23 -11.37 16.68
CA GLY A 16 16.09 -11.50 15.74
C GLY A 16 15.48 -12.89 15.86
N CYS A 17 15.43 -13.41 17.06
CA CYS A 17 14.85 -14.77 17.25
C CYS A 17 13.37 -14.76 16.82
N ALA A 18 12.69 -13.68 17.10
CA ALA A 18 11.24 -13.59 16.73
C ALA A 18 11.08 -13.65 15.21
N GLY A 19 10.07 -14.34 14.76
CA GLY A 19 9.80 -14.46 13.29
C GLY A 19 8.86 -13.34 12.85
N GLU A 20 8.37 -12.58 13.79
CA GLU A 20 7.43 -11.46 13.45
C GLU A 20 6.35 -11.98 12.49
N ILE A 21 6.16 -13.26 12.47
CA ILE A 21 5.13 -13.87 11.58
C ILE A 21 5.41 -13.51 10.12
N GLY A 22 5.22 -14.46 9.24
CA GLY A 22 5.47 -14.22 7.80
C GLY A 22 4.39 -13.33 7.20
N PHE A 23 4.44 -13.15 5.91
CA PHE A 23 3.43 -12.29 5.22
C PHE A 23 2.19 -13.11 4.87
N ILE A 24 1.04 -12.59 5.20
CA ILE A 24 -0.25 -13.30 4.89
C ILE A 24 -0.49 -13.30 3.39
N ILE A 25 -0.23 -12.19 2.75
CA ILE A 25 -0.45 -12.10 1.27
C ILE A 25 0.43 -13.12 0.55
N ARG A 26 1.66 -13.23 0.98
CA ARG A 26 2.60 -14.20 0.35
C ARG A 26 2.78 -13.87 -1.14
N GLU A 27 3.98 -13.60 -1.54
CA GLU A 27 4.27 -13.25 -2.97
C GLU A 27 3.94 -14.43 -3.88
N GLY A 28 3.32 -14.15 -4.99
CA GLY A 28 2.96 -15.24 -5.94
C GLY A 28 1.79 -14.79 -6.83
N ASP A 29 0.66 -14.53 -6.22
CA ASP A 29 -0.54 -14.10 -6.99
C ASP A 29 -0.37 -12.68 -7.54
N ASP A 30 -1.44 -12.12 -8.04
CA ASP A 30 -1.39 -10.74 -8.61
C ASP A 30 -1.31 -9.72 -7.48
N VAL A 31 -0.12 -9.31 -7.12
CA VAL A 31 0.06 -8.31 -6.03
C VAL A 31 0.84 -7.11 -6.57
N ALA A 32 0.51 -5.94 -6.10
CA ALA A 32 1.21 -4.70 -6.57
C ALA A 32 1.95 -4.06 -5.40
N GLU A 33 2.96 -3.30 -5.69
CA GLU A 33 3.75 -2.62 -4.61
C GLU A 33 3.45 -1.13 -4.63
N VAL A 34 3.26 -0.56 -3.47
CA VAL A 34 2.95 0.90 -3.36
C VAL A 34 3.92 1.57 -2.38
N SER A 35 4.45 2.69 -2.77
CA SER A 35 5.39 3.43 -1.88
C SER A 35 5.05 4.91 -1.92
N LEU A 36 4.76 5.49 -0.78
CA LEU A 36 4.39 6.95 -0.73
C LEU A 36 5.42 7.71 0.10
N PHE A 37 5.71 8.92 -0.30
CA PHE A 37 6.70 9.76 0.44
C PHE A 37 5.97 10.85 1.22
N GLY A 38 6.49 11.19 2.36
CA GLY A 38 5.86 12.25 3.19
C GLY A 38 6.76 12.57 4.40
N SER A 39 6.37 13.55 5.18
CA SER A 39 7.18 13.92 6.37
C SER A 39 6.87 12.99 7.54
N ASP A 40 5.94 13.37 8.37
CA ASP A 40 5.57 12.51 9.54
C ASP A 40 4.61 11.40 9.12
N LYS A 41 4.40 10.45 10.00
CA LYS A 41 3.48 9.31 9.69
C LYS A 41 2.04 9.81 9.50
N ALA A 42 1.64 10.77 10.29
CA ALA A 42 0.25 11.30 10.19
C ALA A 42 -0.01 11.79 8.76
N HIS A 43 0.96 12.40 8.16
CA HIS A 43 0.78 12.92 6.76
C HIS A 43 0.63 11.73 5.80
N LEU A 44 1.46 10.74 5.93
CA LEU A 44 1.39 9.55 5.03
C LEU A 44 0.06 8.82 5.23
N GLU A 45 -0.35 8.68 6.46
CA GLU A 45 -1.64 7.98 6.76
C GLU A 45 -2.80 8.75 6.15
N GLY A 46 -2.72 10.06 6.21
CA GLY A 46 -3.83 10.90 5.65
C GLY A 46 -4.02 10.58 4.16
N LYS A 47 -2.98 10.67 3.40
CA LYS A 47 -3.08 10.35 1.94
C LYS A 47 -3.38 8.87 1.74
N LEU A 48 -2.80 8.04 2.57
CA LEU A 48 -3.04 6.57 2.43
C LEU A 48 -4.55 6.30 2.34
N ALA A 49 -5.32 7.07 3.07
CA ALA A 49 -6.80 6.87 3.04
C ALA A 49 -7.30 6.93 1.59
N GLU A 50 -6.77 7.83 0.82
CA GLU A 50 -7.21 7.97 -0.61
C GLU A 50 -6.79 6.72 -1.40
N TYR A 51 -5.62 6.22 -1.14
CA TYR A 51 -5.13 5.01 -1.88
C TYR A 51 -6.06 3.82 -1.61
N ILE A 52 -6.40 3.60 -0.37
CA ILE A 52 -7.29 2.46 -0.02
C ILE A 52 -8.68 2.70 -0.60
N SER A 53 -9.18 3.90 -0.49
CA SER A 53 -10.54 4.20 -1.02
C SER A 53 -10.59 3.91 -2.52
N LEU A 54 -9.57 4.31 -3.23
CA LEU A 54 -9.52 4.05 -4.70
C LEU A 54 -9.45 2.54 -4.95
N ALA A 55 -8.71 1.84 -4.14
CA ALA A 55 -8.58 0.37 -4.32
C ALA A 55 -9.96 -0.27 -4.21
N LYS A 56 -10.74 0.15 -3.27
CA LYS A 56 -12.12 -0.43 -3.11
C LYS A 56 -12.96 -0.10 -4.34
N GLN A 57 -12.90 1.12 -4.78
CA GLN A 57 -13.69 1.53 -5.98
C GLN A 57 -13.21 0.76 -7.21
N VAL A 58 -11.92 0.65 -7.37
CA VAL A 58 -11.37 -0.09 -8.55
C VAL A 58 -11.76 -1.57 -8.43
N TYR A 59 -11.60 -2.15 -7.27
CA TYR A 59 -11.96 -3.59 -7.09
C TYR A 59 -12.63 -3.78 -5.73
N ALA A 60 -13.84 -4.26 -5.74
CA ALA A 60 -14.59 -4.49 -4.47
C ALA A 60 -13.96 -5.62 -3.66
N ASN A 61 -14.04 -5.52 -2.36
CA ASN A 61 -13.46 -6.57 -1.47
C ASN A 61 -11.96 -6.68 -1.72
N VAL A 62 -11.30 -5.57 -1.91
CA VAL A 62 -9.83 -5.59 -2.16
C VAL A 62 -9.08 -5.89 -0.87
N GLU A 63 -8.06 -6.69 -0.95
CA GLU A 63 -7.26 -7.05 0.27
C GLU A 63 -5.88 -6.40 0.18
N TYR A 64 -5.43 -5.85 1.27
CA TYR A 64 -4.10 -5.18 1.28
C TYR A 64 -3.43 -5.31 2.65
N GLU A 65 -2.16 -5.07 2.70
CA GLU A 65 -1.41 -5.17 3.99
C GLU A 65 -0.36 -4.05 4.04
N VAL A 66 -0.08 -3.55 5.23
CA VAL A 66 0.93 -2.45 5.37
C VAL A 66 2.08 -2.90 6.28
N ALA A 67 3.28 -2.71 5.83
CA ALA A 67 4.46 -3.13 6.63
C ALA A 67 4.67 -2.11 7.78
N PRO A 68 5.25 -2.54 8.87
CA PRO A 68 5.51 -1.64 10.04
C PRO A 68 6.04 -0.26 9.63
N VAL A 69 5.45 0.78 10.18
CA VAL A 69 5.90 2.18 9.84
C VAL A 69 6.24 2.93 11.12
N ALA A 70 7.37 3.56 11.14
CA ALA A 70 7.80 4.34 12.33
C ALA A 70 7.04 5.67 12.39
N ASP A 71 6.93 6.23 13.56
CA ASP A 71 6.22 7.53 13.72
C ASP A 71 6.96 8.63 12.94
N ASN A 72 8.27 8.58 12.93
CA ASN A 72 9.05 9.61 12.20
C ASN A 72 9.38 9.08 10.79
N ALA A 73 8.74 8.01 10.39
CA ALA A 73 9.01 7.43 9.04
C ALA A 73 8.71 8.47 7.95
N THR A 74 9.51 8.49 6.93
CA THR A 74 9.30 9.46 5.81
C THR A 74 8.73 8.71 4.61
N GLU A 75 8.53 7.43 4.74
CA GLU A 75 7.96 6.64 3.61
C GLU A 75 7.04 5.55 4.15
N LEU A 76 6.05 5.18 3.38
CA LEU A 76 5.09 4.13 3.82
C LEU A 76 5.04 3.02 2.77
N HIS A 77 5.18 1.79 3.19
CA HIS A 77 5.14 0.65 2.24
C HIS A 77 3.84 -0.12 2.38
N ALA A 78 3.18 -0.40 1.29
CA ALA A 78 1.89 -1.13 1.35
C ALA A 78 1.75 -2.00 0.11
N ARG A 79 0.95 -3.03 0.20
CA ARG A 79 0.77 -3.96 -0.97
C ARG A 79 -0.72 -4.15 -1.23
N PHE A 80 -1.09 -4.31 -2.48
CA PHE A 80 -2.52 -4.51 -2.83
C PHE A 80 -2.65 -5.72 -3.74
N LYS A 81 -3.74 -6.44 -3.61
CA LYS A 81 -3.95 -7.65 -4.46
C LYS A 81 -5.19 -7.46 -5.33
N PHE A 82 -5.01 -7.55 -6.62
CA PHE A 82 -6.15 -7.37 -7.57
C PHE A 82 -6.45 -8.71 -8.25
N GLU A 83 -7.70 -8.91 -8.59
CA GLU A 83 -8.11 -10.18 -9.26
C GLU A 83 -7.43 -10.27 -10.63
N VAL A 84 -7.20 -9.16 -11.27
CA VAL A 84 -6.54 -9.18 -12.61
C VAL A 84 -5.42 -8.13 -12.68
N SER A 85 -4.48 -8.34 -13.55
CA SER A 85 -3.35 -7.37 -13.70
C SER A 85 -3.85 -6.07 -14.33
N ALA A 86 -4.95 -6.13 -15.05
CA ALA A 86 -5.49 -4.91 -15.70
C ALA A 86 -5.81 -3.85 -14.62
N GLU A 87 -6.46 -4.26 -13.57
CA GLU A 87 -6.79 -3.31 -12.47
C GLU A 87 -5.51 -2.90 -11.73
N LYS A 88 -4.58 -3.80 -11.66
CA LYS A 88 -3.30 -3.49 -10.95
C LYS A 88 -2.59 -2.33 -11.65
N LEU A 89 -2.48 -2.40 -12.95
CA LEU A 89 -1.78 -1.32 -13.71
C LEU A 89 -2.56 -0.01 -13.56
N ILE A 90 -3.86 -0.08 -13.67
CA ILE A 90 -4.71 1.14 -13.54
C ILE A 90 -4.60 1.70 -12.12
N PHE A 91 -4.67 0.84 -11.15
CA PHE A 91 -4.59 1.29 -9.72
C PHE A 91 -3.25 1.99 -9.46
N GLU A 92 -2.17 1.41 -9.93
CA GLU A 92 -0.84 2.02 -9.70
C GLU A 92 -0.74 3.34 -10.47
N LEU A 93 -1.17 3.35 -11.70
CA LEU A 93 -1.12 4.60 -12.52
C LEU A 93 -2.04 5.66 -11.92
N LYS A 94 -3.21 5.27 -11.51
CA LYS A 94 -4.17 6.24 -10.91
C LYS A 94 -3.64 6.74 -9.57
N THR A 95 -3.13 5.86 -8.76
CA THR A 95 -2.60 6.28 -7.43
C THR A 95 -1.35 7.15 -7.64
N ARG A 96 -0.49 6.76 -8.52
CA ARG A 96 0.75 7.56 -8.79
C ARG A 96 0.37 8.91 -9.39
N ALA A 97 -0.61 8.91 -10.25
CA ALA A 97 -1.05 10.20 -10.89
C ALA A 97 -1.61 11.14 -9.83
N LEU A 98 -2.31 10.60 -8.87
CA LEU A 98 -2.89 11.45 -7.80
C LEU A 98 -1.77 12.11 -7.00
N ALA A 99 -0.74 11.36 -6.69
CA ALA A 99 0.40 11.92 -5.91
C ALA A 99 1.25 12.83 -6.81
N ARG A 100 1.50 12.40 -8.02
CA ARG A 100 2.34 13.21 -8.95
C ARG A 100 1.62 14.51 -9.32
N LEU A 101 0.34 14.44 -9.53
CA LEU A 101 -0.45 15.66 -9.89
C LEU A 101 0.11 16.32 -11.15
N GLU A 102 -0.36 17.51 -11.45
CA GLU A 102 0.13 18.23 -12.67
C GLU A 102 1.07 19.37 -12.25
N HIS A 103 2.07 19.04 -11.48
CA HIS A 103 3.05 20.07 -11.01
C HIS A 103 2.33 21.19 -10.26
N HIS A 104 2.67 21.35 -9.00
CA HIS A 104 2.03 22.42 -8.18
C HIS A 104 2.36 23.79 -8.77
N HIS A 105 3.62 24.01 -9.08
CA HIS A 105 4.06 25.32 -9.67
C HIS A 105 3.30 26.47 -9.01
N HIS A 106 3.78 26.93 -7.89
CA HIS A 106 3.10 28.05 -7.19
C HIS A 106 4.11 28.84 -6.36
N HIS A 107 4.05 30.14 -6.43
CA HIS A 107 5.00 30.99 -5.65
C HIS A 107 4.35 32.36 -5.39
N HIS A 108 3.21 32.61 -6.00
CA HIS A 108 2.50 33.91 -5.80
C HIS A 108 1.64 33.84 -4.54
N MET A 1 25.45 15.73 -5.92
CA MET A 1 24.01 15.60 -5.52
C MET A 1 23.89 15.79 -4.02
N SER A 2 23.47 14.76 -3.32
CA SER A 2 23.33 14.86 -1.84
C SER A 2 23.41 13.45 -1.25
N ASN A 3 24.28 12.63 -1.78
CA ASN A 3 24.43 11.23 -1.28
C ASN A 3 23.04 10.63 -1.00
N GLN A 4 22.11 10.86 -1.89
CA GLN A 4 20.73 10.31 -1.69
C GLN A 4 20.78 8.77 -1.62
N THR A 5 20.15 8.12 -2.55
CA THR A 5 20.12 6.62 -2.58
C THR A 5 19.96 6.06 -1.18
N CYS A 6 20.25 4.79 -1.01
CA CYS A 6 20.10 4.14 0.33
C CYS A 6 21.30 4.50 1.21
N VAL A 7 21.05 4.82 2.45
CA VAL A 7 22.17 5.18 3.37
C VAL A 7 22.86 3.91 3.86
N GLU A 8 24.17 3.88 3.83
CA GLU A 8 24.90 2.67 4.30
C GLU A 8 24.71 2.49 5.80
N ASN A 9 24.31 1.32 6.23
CA ASN A 9 24.09 1.08 7.68
C ASN A 9 25.36 0.51 8.31
N GLU A 10 25.92 1.20 9.27
CA GLU A 10 27.16 0.70 9.94
C GLU A 10 26.77 0.02 11.26
N VAL A 11 25.62 0.34 11.77
CA VAL A 11 25.15 -0.28 13.05
C VAL A 11 23.95 -1.18 12.77
N CYS A 12 23.99 -2.40 13.24
CA CYS A 12 22.86 -3.34 13.02
C CYS A 12 22.70 -4.24 14.24
N GLU A 13 21.70 -3.98 15.04
CA GLU A 13 21.48 -4.81 16.26
C GLU A 13 20.71 -6.08 15.86
N ALA A 14 20.36 -6.19 14.61
CA ALA A 14 19.61 -7.39 14.15
C ALA A 14 18.34 -7.55 14.99
N CYS A 15 17.70 -6.46 15.31
CA CYS A 15 16.45 -6.53 16.12
C CYS A 15 15.25 -6.79 15.21
N GLY A 16 14.41 -7.73 15.57
CA GLY A 16 13.21 -8.04 14.73
C GLY A 16 12.40 -9.14 15.40
N CYS A 17 12.46 -10.34 14.87
CA CYS A 17 11.71 -11.49 15.46
C CYS A 17 10.23 -11.12 15.69
N ALA A 18 9.48 -12.01 16.28
CA ALA A 18 8.03 -11.75 16.54
C ALA A 18 7.40 -11.14 15.30
N GLY A 19 7.45 -11.83 14.19
CA GLY A 19 6.86 -11.29 12.94
C GLY A 19 5.33 -11.18 13.08
N GLU A 20 4.75 -10.20 12.45
CA GLU A 20 3.28 -10.02 12.53
C GLU A 20 2.55 -11.18 11.85
N ILE A 21 1.46 -11.62 12.43
CA ILE A 21 0.70 -12.75 11.82
C ILE A 21 0.14 -12.32 10.46
N GLY A 22 -0.40 -11.13 10.38
CA GLY A 22 -0.97 -10.66 9.08
C GLY A 22 0.12 -9.98 8.23
N PHE A 23 0.67 -10.69 7.30
CA PHE A 23 1.72 -10.08 6.42
C PHE A 23 2.07 -11.08 5.32
N ILE A 24 2.11 -12.34 5.64
CA ILE A 24 2.43 -13.37 4.62
C ILE A 24 1.28 -13.47 3.62
N ILE A 25 0.07 -13.37 4.09
CA ILE A 25 -1.12 -13.48 3.17
C ILE A 25 -0.96 -14.73 2.30
N ARG A 26 -0.01 -15.57 2.62
CA ARG A 26 0.20 -16.82 1.82
C ARG A 26 0.30 -16.48 0.33
N GLU A 27 0.66 -15.27 0.01
CA GLU A 27 0.80 -14.86 -1.41
C GLU A 27 -0.50 -15.16 -2.17
N GLY A 28 -1.53 -14.39 -1.92
CA GLY A 28 -2.84 -14.61 -2.59
C GLY A 28 -2.67 -14.62 -4.12
N ASP A 29 -3.74 -14.83 -4.82
CA ASP A 29 -3.67 -14.88 -6.31
C ASP A 29 -3.31 -13.50 -6.88
N ASP A 30 -2.19 -13.40 -7.56
CA ASP A 30 -1.77 -12.10 -8.14
C ASP A 30 -1.80 -11.00 -7.08
N VAL A 31 -0.66 -10.61 -6.59
CA VAL A 31 -0.58 -9.53 -5.55
C VAL A 31 0.41 -8.47 -6.02
N ALA A 32 0.10 -7.21 -5.82
CA ALA A 32 1.01 -6.11 -6.24
C ALA A 32 1.52 -5.36 -5.01
N GLU A 33 2.67 -4.77 -5.12
CA GLU A 33 3.26 -4.02 -3.96
C GLU A 33 3.07 -2.52 -4.17
N VAL A 34 2.85 -1.79 -3.12
CA VAL A 34 2.66 -0.31 -3.22
C VAL A 34 3.64 0.40 -2.29
N SER A 35 4.30 1.40 -2.78
CA SER A 35 5.29 2.16 -1.94
C SER A 35 4.99 3.65 -2.04
N LEU A 36 4.93 4.33 -0.93
CA LEU A 36 4.64 5.80 -0.94
C LEU A 36 5.74 6.53 -0.16
N PHE A 37 6.29 7.56 -0.74
CA PHE A 37 7.38 8.34 -0.07
C PHE A 37 6.89 9.75 0.21
N GLY A 38 7.31 10.34 1.30
CA GLY A 38 6.87 11.73 1.62
C GLY A 38 7.60 12.22 2.86
N SER A 39 7.37 13.44 3.24
CA SER A 39 8.07 14.01 4.43
C SER A 39 7.72 13.21 5.69
N ASP A 40 6.79 13.71 6.47
CA ASP A 40 6.42 13.02 7.74
C ASP A 40 5.52 11.81 7.45
N LYS A 41 5.55 10.84 8.33
CA LYS A 41 4.72 9.62 8.14
C LYS A 41 3.24 9.98 8.20
N ALA A 42 2.88 10.92 9.04
CA ALA A 42 1.44 11.31 9.17
C ALA A 42 0.90 11.71 7.80
N HIS A 43 1.69 12.40 7.02
CA HIS A 43 1.23 12.82 5.67
C HIS A 43 0.97 11.58 4.82
N LEU A 44 1.79 10.58 4.95
CA LEU A 44 1.59 9.34 4.15
C LEU A 44 0.24 8.73 4.49
N GLU A 45 -0.12 8.73 5.75
CA GLU A 45 -1.42 8.14 6.15
C GLU A 45 -2.56 8.93 5.50
N GLY A 46 -2.40 10.22 5.37
CA GLY A 46 -3.48 11.04 4.73
C GLY A 46 -3.70 10.57 3.30
N LYS A 47 -2.64 10.29 2.59
CA LYS A 47 -2.81 9.82 1.17
C LYS A 47 -3.24 8.35 1.17
N LEU A 48 -2.91 7.63 2.21
CA LEU A 48 -3.29 6.18 2.27
C LEU A 48 -4.81 6.06 2.24
N ALA A 49 -5.50 6.94 2.91
CA ALA A 49 -6.98 6.86 2.94
C ALA A 49 -7.53 6.81 1.51
N GLU A 50 -7.00 7.61 0.63
CA GLU A 50 -7.48 7.62 -0.78
C GLU A 50 -7.10 6.32 -1.48
N TYR A 51 -5.89 5.86 -1.27
CA TYR A 51 -5.45 4.61 -1.93
C TYR A 51 -6.50 3.52 -1.69
N ILE A 52 -6.90 3.35 -0.47
CA ILE A 52 -7.92 2.31 -0.15
C ILE A 52 -9.26 2.68 -0.82
N SER A 53 -9.65 3.92 -0.74
CA SER A 53 -10.95 4.33 -1.33
C SER A 53 -10.99 4.00 -2.84
N LEU A 54 -9.98 4.38 -3.56
CA LEU A 54 -9.97 4.07 -5.03
C LEU A 54 -9.92 2.56 -5.21
N ALA A 55 -9.13 1.89 -4.42
CA ALA A 55 -9.02 0.41 -4.55
C ALA A 55 -10.37 -0.24 -4.26
N LYS A 56 -11.11 0.31 -3.33
CA LYS A 56 -12.44 -0.25 -2.99
C LYS A 56 -13.37 -0.18 -4.20
N GLN A 57 -13.39 0.94 -4.86
CA GLN A 57 -14.28 1.08 -6.05
C GLN A 57 -13.76 0.19 -7.18
N VAL A 58 -12.47 0.16 -7.38
CA VAL A 58 -11.89 -0.68 -8.46
C VAL A 58 -12.17 -2.15 -8.16
N TYR A 59 -11.95 -2.57 -6.94
CA TYR A 59 -12.18 -4.01 -6.57
C TYR A 59 -13.09 -4.09 -5.34
N ALA A 60 -14.04 -4.97 -5.37
CA ALA A 60 -15.00 -5.10 -4.23
C ALA A 60 -14.25 -5.16 -2.90
N ASN A 61 -14.12 -6.33 -2.33
CA ASN A 61 -13.42 -6.46 -1.02
C ASN A 61 -11.92 -6.58 -1.25
N VAL A 62 -11.24 -5.48 -1.35
CA VAL A 62 -9.76 -5.52 -1.58
C VAL A 62 -9.04 -5.76 -0.26
N GLU A 63 -8.06 -6.62 -0.25
CA GLU A 63 -7.29 -6.91 1.00
C GLU A 63 -5.90 -6.30 0.88
N TYR A 64 -5.42 -5.67 1.93
CA TYR A 64 -4.08 -5.05 1.88
C TYR A 64 -3.47 -5.00 3.28
N GLU A 65 -2.19 -4.79 3.38
CA GLU A 65 -1.53 -4.73 4.72
C GLU A 65 -0.53 -3.59 4.71
N VAL A 66 -0.23 -3.05 5.87
CA VAL A 66 0.75 -1.91 5.96
C VAL A 66 1.85 -2.28 6.97
N ALA A 67 3.08 -2.15 6.57
CA ALA A 67 4.21 -2.49 7.50
C ALA A 67 4.56 -1.24 8.35
N PRO A 68 4.45 -1.29 9.66
CA PRO A 68 4.78 -0.11 10.54
C PRO A 68 6.13 0.54 10.18
N VAL A 69 6.18 1.85 10.14
CA VAL A 69 7.45 2.58 9.80
C VAL A 69 7.69 3.70 10.80
N ALA A 70 8.91 4.19 10.88
CA ALA A 70 9.23 5.30 11.83
C ALA A 70 8.41 6.56 11.49
N ASP A 71 8.03 7.30 12.49
CA ASP A 71 7.24 8.54 12.24
C ASP A 71 8.13 9.59 11.58
N ASN A 72 9.40 9.56 11.86
CA ASN A 72 10.35 10.54 11.27
C ASN A 72 10.97 9.95 10.02
N ALA A 73 10.51 8.80 9.62
CA ALA A 73 11.08 8.16 8.39
C ALA A 73 10.30 8.65 7.19
N THR A 74 10.91 8.63 6.04
CA THR A 74 10.21 9.11 4.82
C THR A 74 9.23 8.10 4.28
N GLU A 75 8.75 7.09 4.95
CA GLU A 75 7.87 6.16 4.12
C GLU A 75 6.86 5.24 4.83
N LEU A 76 6.03 4.78 3.95
CA LEU A 76 4.90 3.89 4.23
C LEU A 76 4.90 2.88 3.08
N HIS A 77 4.82 1.60 3.33
CA HIS A 77 4.80 0.62 2.20
C HIS A 77 3.68 -0.38 2.48
N ALA A 78 2.89 -0.70 1.49
CA ALA A 78 1.76 -1.65 1.73
C ALA A 78 1.62 -2.58 0.53
N ARG A 79 0.85 -3.64 0.68
CA ARG A 79 0.64 -4.60 -0.45
C ARG A 79 -0.85 -4.70 -0.73
N PHE A 80 -1.21 -4.95 -1.97
CA PHE A 80 -2.66 -5.06 -2.33
C PHE A 80 -2.88 -6.34 -3.13
N LYS A 81 -4.05 -6.92 -3.03
CA LYS A 81 -4.34 -8.18 -3.79
C LYS A 81 -5.28 -7.86 -4.96
N PHE A 82 -4.83 -8.12 -6.15
CA PHE A 82 -5.68 -7.85 -7.37
C PHE A 82 -5.74 -9.10 -8.23
N GLU A 83 -6.78 -9.24 -8.99
CA GLU A 83 -6.92 -10.46 -9.85
C GLU A 83 -5.82 -10.45 -10.92
N VAL A 84 -5.54 -9.31 -11.50
CA VAL A 84 -4.48 -9.25 -12.58
C VAL A 84 -3.59 -8.02 -12.38
N SER A 85 -2.43 -8.03 -12.96
CA SER A 85 -1.48 -6.88 -12.84
C SER A 85 -2.10 -5.63 -13.48
N ALA A 86 -2.74 -5.78 -14.61
CA ALA A 86 -3.36 -4.60 -15.31
C ALA A 86 -4.01 -3.68 -14.30
N GLU A 87 -4.61 -4.22 -13.26
CA GLU A 87 -5.24 -3.36 -12.23
C GLU A 87 -4.17 -2.55 -11.53
N LYS A 88 -3.03 -3.13 -11.29
CA LYS A 88 -1.94 -2.39 -10.60
C LYS A 88 -1.50 -1.21 -11.47
N LEU A 89 -1.30 -1.45 -12.73
CA LEU A 89 -0.86 -0.33 -13.63
C LEU A 89 -1.93 0.76 -13.65
N ILE A 90 -3.17 0.39 -13.82
CA ILE A 90 -4.25 1.41 -13.84
C ILE A 90 -4.40 2.04 -12.46
N PHE A 91 -4.39 1.22 -11.43
CA PHE A 91 -4.54 1.76 -10.05
C PHE A 91 -3.39 2.70 -9.74
N GLU A 92 -2.19 2.32 -10.04
CA GLU A 92 -1.02 3.21 -9.77
C GLU A 92 -1.12 4.45 -10.65
N LEU A 93 -1.53 4.28 -11.88
CA LEU A 93 -1.64 5.44 -12.79
C LEU A 93 -2.69 6.42 -12.25
N LYS A 94 -3.84 5.91 -11.90
CA LYS A 94 -4.91 6.79 -11.35
C LYS A 94 -4.54 7.27 -9.96
N THR A 95 -4.04 6.39 -9.14
CA THR A 95 -3.65 6.78 -7.76
C THR A 95 -2.52 7.80 -7.82
N ARG A 96 -1.56 7.58 -8.67
CA ARG A 96 -0.42 8.54 -8.79
C ARG A 96 -0.98 9.92 -9.16
N ALA A 97 -1.91 9.96 -10.06
CA ALA A 97 -2.50 11.26 -10.46
C ALA A 97 -3.04 11.97 -9.22
N LEU A 98 -3.76 11.25 -8.40
CA LEU A 98 -4.32 11.86 -7.16
C LEU A 98 -3.16 12.28 -6.26
N ALA A 99 -2.15 11.47 -6.17
CA ALA A 99 -0.99 11.82 -5.29
C ALA A 99 -0.43 13.18 -5.68
N ARG A 100 -0.18 13.39 -6.94
CA ARG A 100 0.37 14.72 -7.38
C ARG A 100 -0.78 15.64 -7.77
N LEU A 101 -1.57 15.25 -8.74
CA LEU A 101 -2.70 16.11 -9.18
C LEU A 101 -3.50 15.39 -10.26
N GLU A 102 -4.79 15.55 -10.27
CA GLU A 102 -5.64 14.89 -11.30
C GLU A 102 -5.62 15.72 -12.59
N HIS A 103 -6.75 16.26 -12.98
CA HIS A 103 -6.84 17.08 -14.23
C HIS A 103 -6.00 16.45 -15.35
N HIS A 104 -5.71 17.20 -16.37
CA HIS A 104 -4.91 16.66 -17.52
C HIS A 104 -3.43 17.00 -17.31
N HIS A 105 -2.57 16.07 -17.59
CA HIS A 105 -1.10 16.34 -17.42
C HIS A 105 -0.56 17.00 -18.69
N HIS A 106 0.02 18.17 -18.56
CA HIS A 106 0.58 18.89 -19.75
C HIS A 106 2.06 19.22 -19.48
N HIS A 107 2.95 18.72 -20.29
CA HIS A 107 4.41 19.02 -20.09
C HIS A 107 5.12 18.98 -21.44
N HIS A 108 6.07 19.84 -21.63
CA HIS A 108 6.81 19.86 -22.93
C HIS A 108 8.15 20.58 -22.73
N MET A 1 -22.97 -5.88 25.56
CA MET A 1 -23.45 -5.65 24.18
C MET A 1 -24.17 -6.90 23.67
N SER A 2 -25.44 -6.77 23.37
CA SER A 2 -26.23 -7.94 22.88
C SER A 2 -25.88 -8.19 21.40
N ASN A 3 -25.29 -7.22 20.75
CA ASN A 3 -24.93 -7.39 19.32
C ASN A 3 -23.88 -8.51 19.19
N GLN A 4 -22.95 -8.56 20.09
CA GLN A 4 -21.89 -9.61 20.03
C GLN A 4 -22.54 -10.99 19.88
N THR A 5 -22.91 -11.59 20.99
CA THR A 5 -23.54 -12.94 20.95
C THR A 5 -22.76 -13.84 19.99
N CYS A 6 -21.64 -14.38 20.44
CA CYS A 6 -20.82 -15.27 19.57
C CYS A 6 -20.35 -16.48 20.38
N VAL A 7 -20.17 -17.61 19.73
CA VAL A 7 -19.72 -18.84 20.44
C VAL A 7 -18.21 -19.01 20.27
N GLU A 8 -17.53 -19.32 21.36
CA GLU A 8 -16.05 -19.50 21.30
C GLU A 8 -15.68 -20.58 20.27
N ASN A 9 -14.61 -20.35 19.55
CA ASN A 9 -14.15 -21.33 18.52
C ASN A 9 -15.35 -21.86 17.72
N GLU A 10 -15.60 -23.14 17.81
CA GLU A 10 -16.73 -23.75 17.05
C GLU A 10 -16.53 -23.52 15.55
N VAL A 11 -16.73 -22.31 15.10
CA VAL A 11 -16.57 -22.00 13.66
C VAL A 11 -17.41 -22.98 12.83
N CYS A 12 -18.24 -23.75 13.50
CA CYS A 12 -19.09 -24.76 12.80
C CYS A 12 -18.32 -25.42 11.66
N GLU A 13 -17.68 -26.52 11.95
CA GLU A 13 -16.90 -27.25 10.90
C GLU A 13 -15.88 -26.31 10.27
N ALA A 14 -14.78 -26.09 10.95
CA ALA A 14 -13.73 -25.18 10.44
C ALA A 14 -13.09 -25.77 9.18
N CYS A 15 -12.84 -24.94 8.19
CA CYS A 15 -12.21 -25.43 6.94
C CYS A 15 -11.28 -24.35 6.38
N GLY A 16 -10.11 -24.74 5.95
CA GLY A 16 -9.15 -23.75 5.38
C GLY A 16 -9.03 -22.53 6.29
N CYS A 17 -9.81 -21.52 6.02
CA CYS A 17 -9.77 -20.28 6.84
C CYS A 17 -8.40 -19.61 6.73
N ALA A 18 -8.38 -18.37 6.30
CA ALA A 18 -7.10 -17.63 6.17
C ALA A 18 -6.71 -17.06 7.53
N GLY A 19 -7.57 -17.21 8.51
CA GLY A 19 -7.26 -16.70 9.87
C GLY A 19 -7.74 -15.26 10.03
N GLU A 20 -7.62 -14.73 11.23
CA GLU A 20 -8.06 -13.33 11.51
C GLU A 20 -7.39 -12.37 10.53
N ILE A 21 -6.15 -12.01 10.78
CA ILE A 21 -5.44 -11.06 9.89
C ILE A 21 -4.45 -11.80 8.99
N GLY A 22 -4.52 -11.55 7.70
CA GLY A 22 -3.59 -12.23 6.76
C GLY A 22 -2.23 -11.53 6.75
N PHE A 23 -1.30 -12.04 7.51
CA PHE A 23 0.06 -11.43 7.57
C PHE A 23 1.00 -12.27 6.70
N ILE A 24 0.49 -13.35 6.15
CA ILE A 24 1.34 -14.24 5.30
C ILE A 24 1.40 -13.64 3.90
N ILE A 25 0.51 -12.73 3.60
CA ILE A 25 0.50 -12.13 2.24
C ILE A 25 1.82 -11.41 1.96
N ARG A 26 2.79 -12.13 1.44
CA ARG A 26 4.12 -11.53 1.12
C ARG A 26 4.29 -11.47 -0.39
N GLU A 27 4.95 -12.46 -0.96
CA GLU A 27 5.20 -12.47 -2.42
C GLU A 27 4.05 -13.18 -3.15
N GLY A 28 3.76 -12.76 -4.35
CA GLY A 28 2.68 -13.42 -5.12
C GLY A 28 2.35 -12.57 -6.36
N ASP A 29 2.00 -13.22 -7.45
CA ASP A 29 1.65 -12.49 -8.69
C ASP A 29 0.33 -11.76 -8.49
N ASP A 30 -0.41 -12.16 -7.48
CA ASP A 30 -1.73 -11.51 -7.20
C ASP A 30 -1.53 -10.39 -6.17
N VAL A 31 -0.30 -10.03 -5.91
CA VAL A 31 -0.02 -8.95 -4.91
C VAL A 31 0.66 -7.77 -5.60
N ALA A 32 0.21 -6.57 -5.30
CA ALA A 32 0.81 -5.35 -5.91
C ALA A 32 1.62 -4.59 -4.86
N GLU A 33 2.57 -3.80 -5.29
CA GLU A 33 3.42 -3.04 -4.33
C GLU A 33 3.05 -1.55 -4.35
N VAL A 34 2.79 -0.99 -3.20
CA VAL A 34 2.41 0.46 -3.11
C VAL A 34 3.38 1.18 -2.18
N SER A 35 3.85 2.34 -2.58
CA SER A 35 4.80 3.12 -1.72
C SER A 35 4.33 4.57 -1.63
N LEU A 36 4.48 5.17 -0.48
CA LEU A 36 4.05 6.60 -0.30
C LEU A 36 5.22 7.42 0.23
N PHE A 37 5.29 8.67 -0.12
CA PHE A 37 6.40 9.55 0.34
C PHE A 37 5.82 10.80 0.99
N GLY A 38 6.48 11.30 2.01
CA GLY A 38 5.98 12.52 2.68
C GLY A 38 6.68 12.68 4.04
N SER A 39 6.05 13.39 4.94
CA SER A 39 6.65 13.62 6.29
C SER A 39 6.44 12.40 7.19
N ASP A 40 6.18 12.63 8.44
CA ASP A 40 5.98 11.51 9.40
C ASP A 40 4.90 10.55 8.89
N LYS A 41 4.64 9.51 9.63
CA LYS A 41 3.62 8.51 9.22
C LYS A 41 2.24 9.17 9.12
N ALA A 42 1.92 10.05 10.02
CA ALA A 42 0.58 10.71 10.00
C ALA A 42 0.26 11.20 8.59
N HIS A 43 1.17 11.90 7.98
CA HIS A 43 0.92 12.44 6.60
C HIS A 43 0.71 11.26 5.63
N LEU A 44 1.49 10.23 5.76
CA LEU A 44 1.35 9.05 4.87
C LEU A 44 -0.01 8.40 5.08
N GLU A 45 -0.45 8.34 6.32
CA GLU A 45 -1.76 7.70 6.60
C GLU A 45 -2.86 8.43 5.82
N GLY A 46 -2.79 9.73 5.77
CA GLY A 46 -3.83 10.50 5.02
C GLY A 46 -3.78 10.12 3.55
N LYS A 47 -2.60 10.00 2.99
CA LYS A 47 -2.48 9.61 1.57
C LYS A 47 -3.00 8.19 1.38
N LEU A 48 -2.70 7.32 2.32
CA LEU A 48 -3.15 5.91 2.21
C LEU A 48 -4.68 5.86 2.20
N ALA A 49 -5.31 6.66 3.02
CA ALA A 49 -6.80 6.66 3.07
C ALA A 49 -7.37 6.94 1.68
N GLU A 50 -6.76 7.86 0.98
CA GLU A 50 -7.26 8.19 -0.40
C GLU A 50 -6.99 7.01 -1.33
N TYR A 51 -5.87 6.36 -1.15
CA TYR A 51 -5.52 5.20 -2.02
C TYR A 51 -6.56 4.10 -1.87
N ILE A 52 -6.96 3.83 -0.66
CA ILE A 52 -7.98 2.77 -0.43
C ILE A 52 -9.28 3.18 -1.10
N SER A 53 -9.65 4.43 -0.95
CA SER A 53 -10.93 4.91 -1.56
C SER A 53 -10.99 4.49 -3.03
N LEU A 54 -10.00 4.86 -3.79
CA LEU A 54 -9.98 4.49 -5.23
C LEU A 54 -9.86 2.96 -5.36
N ALA A 55 -9.09 2.36 -4.49
CA ALA A 55 -8.92 0.88 -4.55
C ALA A 55 -10.29 0.21 -4.48
N LYS A 56 -11.11 0.64 -3.55
CA LYS A 56 -12.47 0.04 -3.40
C LYS A 56 -13.29 0.31 -4.66
N GLN A 57 -13.19 1.50 -5.19
CA GLN A 57 -13.97 1.85 -6.41
C GLN A 57 -13.53 0.95 -7.58
N VAL A 58 -12.24 0.82 -7.77
CA VAL A 58 -11.74 -0.03 -8.88
C VAL A 58 -12.08 -1.49 -8.61
N TYR A 59 -11.88 -1.95 -7.41
CA TYR A 59 -12.18 -3.38 -7.07
C TYR A 59 -12.80 -3.47 -5.67
N ALA A 60 -14.01 -3.97 -5.59
CA ALA A 60 -14.70 -4.10 -4.28
C ALA A 60 -14.07 -5.21 -3.43
N ASN A 61 -14.20 -5.10 -2.13
CA ASN A 61 -13.63 -6.14 -1.22
C ASN A 61 -12.11 -6.20 -1.42
N VAL A 62 -11.50 -5.07 -1.66
CA VAL A 62 -10.03 -5.04 -1.87
C VAL A 62 -9.31 -5.29 -0.53
N GLU A 63 -8.27 -6.09 -0.56
CA GLU A 63 -7.51 -6.39 0.69
C GLU A 63 -6.11 -5.78 0.59
N TYR A 64 -5.57 -5.33 1.69
CA TYR A 64 -4.21 -4.74 1.66
C TYR A 64 -3.52 -4.95 3.00
N GLU A 65 -2.21 -4.79 3.03
CA GLU A 65 -1.46 -4.97 4.30
C GLU A 65 -0.33 -3.94 4.35
N VAL A 66 0.02 -3.50 5.54
CA VAL A 66 1.10 -2.49 5.69
C VAL A 66 2.27 -3.09 6.46
N ALA A 67 3.46 -2.94 5.95
CA ALA A 67 4.66 -3.48 6.64
C ALA A 67 5.13 -2.46 7.69
N PRO A 68 5.84 -2.91 8.70
CA PRO A 68 6.35 -2.01 9.77
C PRO A 68 6.93 -0.69 9.23
N VAL A 69 6.65 0.39 9.90
CA VAL A 69 7.15 1.73 9.44
C VAL A 69 7.94 2.40 10.57
N ALA A 70 9.08 2.94 10.25
CA ALA A 70 9.92 3.62 11.27
C ALA A 70 9.28 4.96 11.65
N ASP A 71 7.98 5.01 11.68
CA ASP A 71 7.24 6.27 12.04
C ASP A 71 7.72 7.42 11.16
N ASN A 72 8.90 7.89 11.42
CA ASN A 72 9.47 9.01 10.62
C ASN A 72 10.18 8.40 9.41
N ALA A 73 9.86 7.18 9.08
CA ALA A 73 10.50 6.51 7.91
C ALA A 73 10.35 7.40 6.67
N THR A 74 9.61 8.47 6.79
CA THR A 74 9.40 9.39 5.63
C THR A 74 8.71 8.64 4.49
N GLU A 75 8.49 7.36 4.65
CA GLU A 75 7.81 6.58 3.58
C GLU A 75 7.02 5.43 4.21
N LEU A 76 5.95 5.04 3.59
CA LEU A 76 5.11 3.92 4.12
C LEU A 76 5.01 2.82 3.07
N HIS A 77 5.28 1.60 3.47
CA HIS A 77 5.22 0.46 2.51
C HIS A 77 3.88 -0.26 2.68
N ALA A 78 3.19 -0.51 1.59
CA ALA A 78 1.88 -1.21 1.66
C ALA A 78 1.69 -2.07 0.42
N ARG A 79 0.91 -3.12 0.54
CA ARG A 79 0.67 -4.02 -0.62
C ARG A 79 -0.85 -4.23 -0.79
N PHE A 80 -1.29 -4.41 -2.01
CA PHE A 80 -2.74 -4.61 -2.28
C PHE A 80 -2.93 -5.90 -3.08
N LYS A 81 -4.06 -6.55 -2.90
CA LYS A 81 -4.33 -7.82 -3.64
C LYS A 81 -5.35 -7.56 -4.74
N PHE A 82 -5.01 -7.87 -5.97
CA PHE A 82 -5.95 -7.65 -7.10
C PHE A 82 -6.15 -8.96 -7.87
N GLU A 83 -7.34 -9.17 -8.36
CA GLU A 83 -7.64 -10.42 -9.11
C GLU A 83 -6.84 -10.45 -10.42
N VAL A 84 -6.55 -9.30 -10.97
CA VAL A 84 -5.79 -9.26 -12.27
C VAL A 84 -4.63 -8.26 -12.17
N SER A 85 -3.58 -8.53 -12.89
CA SER A 85 -2.39 -7.63 -12.88
C SER A 85 -2.72 -6.34 -13.64
N ALA A 86 -3.55 -6.42 -14.64
CA ALA A 86 -3.91 -5.20 -15.42
C ALA A 86 -4.42 -4.13 -14.45
N GLU A 87 -5.11 -4.55 -13.43
CA GLU A 87 -5.64 -3.58 -12.43
C GLU A 87 -4.47 -2.90 -11.71
N LYS A 88 -3.38 -3.61 -11.54
CA LYS A 88 -2.21 -3.02 -10.86
C LYS A 88 -1.67 -1.85 -11.68
N LEU A 89 -1.57 -2.03 -12.97
CA LEU A 89 -1.04 -0.93 -13.82
C LEU A 89 -1.95 0.30 -13.74
N ILE A 90 -3.24 0.10 -13.90
CA ILE A 90 -4.19 1.25 -13.83
C ILE A 90 -4.29 1.74 -12.38
N PHE A 91 -4.34 0.84 -11.44
CA PHE A 91 -4.45 1.25 -10.02
C PHE A 91 -3.28 2.15 -9.67
N GLU A 92 -2.10 1.76 -10.07
CA GLU A 92 -0.90 2.60 -9.79
C GLU A 92 -0.98 3.88 -10.60
N LEU A 93 -1.54 3.80 -11.78
CA LEU A 93 -1.65 5.02 -12.64
C LEU A 93 -2.53 6.06 -11.93
N LYS A 94 -3.61 5.62 -11.37
CA LYS A 94 -4.52 6.57 -10.67
C LYS A 94 -3.82 7.18 -9.46
N THR A 95 -3.10 6.37 -8.71
CA THR A 95 -2.40 6.90 -7.52
C THR A 95 -1.31 7.87 -7.96
N ARG A 96 -0.57 7.51 -8.98
CA ARG A 96 0.51 8.40 -9.46
C ARG A 96 -0.09 9.73 -9.94
N ALA A 97 -1.16 9.65 -10.68
CA ALA A 97 -1.80 10.90 -11.19
C ALA A 97 -2.29 11.72 -10.00
N LEU A 98 -2.84 11.05 -9.01
CA LEU A 98 -3.33 11.77 -7.81
C LEU A 98 -2.16 12.45 -7.12
N ALA A 99 -1.06 11.74 -6.99
CA ALA A 99 0.14 12.31 -6.32
C ALA A 99 0.68 13.47 -7.15
N ARG A 100 0.62 13.36 -8.45
CA ARG A 100 1.15 14.44 -9.32
C ARG A 100 0.14 15.58 -9.37
N LEU A 101 -1.03 15.36 -8.83
CA LEU A 101 -2.09 16.42 -8.81
C LEU A 101 -2.14 17.13 -10.17
N GLU A 102 -1.39 18.18 -10.32
CA GLU A 102 -1.41 18.95 -11.59
C GLU A 102 -1.16 18.03 -12.78
N HIS A 103 -1.83 18.29 -13.88
CA HIS A 103 -1.68 17.46 -15.09
C HIS A 103 -0.36 17.76 -15.80
N HIS A 104 0.24 16.76 -16.39
CA HIS A 104 1.52 16.95 -17.13
C HIS A 104 2.60 17.47 -16.17
N HIS A 105 3.25 16.57 -15.48
CA HIS A 105 4.32 16.99 -14.53
C HIS A 105 5.56 17.40 -15.34
N HIS A 106 5.53 17.18 -16.63
CA HIS A 106 6.71 17.54 -17.47
C HIS A 106 6.79 19.06 -17.61
N HIS A 107 7.98 19.60 -17.50
CA HIS A 107 8.16 21.07 -17.60
C HIS A 107 8.35 21.46 -19.07
N HIS A 108 7.50 22.32 -19.57
CA HIS A 108 7.62 22.77 -20.98
C HIS A 108 6.90 24.11 -21.14
N MET A 1 25.23 -12.12 -11.91
CA MET A 1 26.29 -12.12 -10.86
C MET A 1 26.86 -10.71 -10.73
N SER A 2 26.97 -10.21 -9.51
CA SER A 2 27.51 -8.84 -9.25
C SER A 2 27.12 -7.88 -10.38
N ASN A 3 27.92 -7.80 -11.41
CA ASN A 3 27.61 -6.88 -12.55
C ASN A 3 27.09 -5.54 -12.04
N GLN A 4 25.84 -5.25 -12.25
CA GLN A 4 25.26 -3.96 -11.80
C GLN A 4 24.88 -4.04 -10.31
N THR A 5 23.68 -4.47 -10.03
CA THR A 5 23.23 -4.55 -8.61
C THR A 5 24.06 -5.60 -7.84
N CYS A 6 24.51 -5.24 -6.67
CA CYS A 6 25.30 -6.20 -5.85
C CYS A 6 25.03 -5.92 -4.36
N VAL A 7 23.78 -5.70 -4.01
CA VAL A 7 23.43 -5.42 -2.59
C VAL A 7 22.72 -6.64 -1.99
N GLU A 8 23.16 -7.09 -0.85
CA GLU A 8 22.51 -8.27 -0.21
C GLU A 8 23.13 -8.47 1.17
N ASN A 9 22.33 -8.78 2.15
CA ASN A 9 22.85 -8.98 3.54
C ASN A 9 23.11 -7.63 4.18
N GLU A 10 23.73 -6.73 3.46
CA GLU A 10 24.05 -5.39 4.02
C GLU A 10 22.77 -4.56 4.14
N VAL A 11 22.70 -3.70 5.13
CA VAL A 11 21.50 -2.84 5.32
C VAL A 11 20.26 -3.71 5.56
N CYS A 12 19.82 -4.42 4.56
CA CYS A 12 18.61 -5.27 4.71
C CYS A 12 18.91 -6.46 5.64
N GLU A 13 18.01 -6.75 6.54
CA GLU A 13 18.22 -7.87 7.51
C GLU A 13 18.56 -9.18 6.78
N ALA A 14 19.45 -9.95 7.36
CA ALA A 14 19.85 -11.26 6.75
C ALA A 14 18.87 -12.35 7.19
N CYS A 15 18.96 -12.79 8.42
CA CYS A 15 18.05 -13.87 8.89
C CYS A 15 16.70 -13.28 9.33
N GLY A 16 15.65 -14.02 9.10
CA GLY A 16 14.28 -13.54 9.47
C GLY A 16 14.15 -13.33 10.98
N CYS A 17 13.09 -12.68 11.39
CA CYS A 17 12.87 -12.42 12.84
C CYS A 17 12.49 -13.71 13.57
N ALA A 18 13.06 -13.94 14.72
CA ALA A 18 12.77 -15.18 15.49
C ALA A 18 11.32 -15.19 15.97
N GLY A 19 10.72 -16.35 16.02
CA GLY A 19 9.30 -16.46 16.49
C GLY A 19 8.38 -16.16 15.32
N GLU A 20 8.87 -16.25 14.11
CA GLU A 20 8.01 -15.96 12.93
C GLU A 20 6.93 -17.02 12.78
N ILE A 21 5.69 -16.61 12.74
CA ILE A 21 4.56 -17.57 12.58
C ILE A 21 4.17 -17.66 11.10
N GLY A 22 4.75 -16.81 10.27
CA GLY A 22 4.43 -16.83 8.81
C GLY A 22 3.80 -15.50 8.40
N PHE A 23 3.76 -15.23 7.11
CA PHE A 23 3.18 -13.96 6.59
C PHE A 23 1.90 -14.25 5.81
N ILE A 24 0.87 -13.48 6.03
CA ILE A 24 -0.42 -13.70 5.31
C ILE A 24 -0.34 -13.15 3.88
N ILE A 25 -1.09 -13.74 2.99
CA ILE A 25 -1.10 -13.28 1.58
C ILE A 25 0.31 -13.32 0.99
N ARG A 26 0.66 -14.40 0.35
CA ARG A 26 2.02 -14.52 -0.24
C ARG A 26 2.11 -13.71 -1.54
N GLU A 27 3.28 -13.27 -1.89
CA GLU A 27 3.44 -12.46 -3.13
C GLU A 27 3.03 -13.26 -4.37
N GLY A 28 2.41 -12.61 -5.32
CA GLY A 28 1.99 -13.33 -6.55
C GLY A 28 1.36 -12.34 -7.55
N ASP A 29 0.76 -12.86 -8.59
CA ASP A 29 0.13 -11.96 -9.61
C ASP A 29 -1.08 -11.25 -9.02
N ASP A 30 -1.76 -11.86 -8.10
CA ASP A 30 -2.96 -11.21 -7.49
C ASP A 30 -2.52 -10.25 -6.39
N VAL A 31 -1.22 -10.10 -6.20
CA VAL A 31 -0.70 -9.17 -5.14
C VAL A 31 0.16 -8.10 -5.79
N ALA A 32 -0.04 -6.86 -5.42
CA ALA A 32 0.76 -5.74 -6.01
C ALA A 32 1.39 -4.93 -4.88
N GLU A 33 2.54 -4.35 -5.14
CA GLU A 33 3.23 -3.53 -4.10
C GLU A 33 2.80 -2.07 -4.22
N VAL A 34 2.61 -1.41 -3.10
CA VAL A 34 2.21 0.02 -3.12
C VAL A 34 3.13 0.80 -2.17
N SER A 35 3.60 1.93 -2.60
CA SER A 35 4.51 2.75 -1.73
C SER A 35 4.07 4.21 -1.78
N LEU A 36 4.16 4.90 -0.66
CA LEU A 36 3.75 6.34 -0.62
C LEU A 36 4.95 7.19 -0.21
N PHE A 37 4.93 8.45 -0.56
CA PHE A 37 6.06 9.36 -0.22
C PHE A 37 5.56 10.50 0.66
N GLY A 38 6.31 10.87 1.67
CA GLY A 38 5.86 11.97 2.56
C GLY A 38 6.92 12.24 3.62
N SER A 39 6.65 13.12 4.55
CA SER A 39 7.62 13.45 5.62
C SER A 39 7.27 12.67 6.90
N ASP A 40 6.28 13.13 7.61
CA ASP A 40 5.87 12.45 8.88
C ASP A 40 5.01 11.23 8.56
N LYS A 41 4.96 10.28 9.45
CA LYS A 41 4.15 9.06 9.22
C LYS A 41 2.66 9.43 9.09
N ALA A 42 2.19 10.33 9.93
CA ALA A 42 0.74 10.71 9.86
C ALA A 42 0.39 11.20 8.46
N HIS A 43 1.25 11.96 7.84
CA HIS A 43 0.95 12.47 6.48
C HIS A 43 0.79 11.30 5.52
N LEU A 44 1.64 10.32 5.62
CA LEU A 44 1.56 9.14 4.73
C LEU A 44 0.24 8.41 4.95
N GLU A 45 -0.18 8.29 6.19
CA GLU A 45 -1.46 7.58 6.47
C GLU A 45 -2.60 8.32 5.77
N GLY A 46 -2.54 9.62 5.73
CA GLY A 46 -3.63 10.39 5.07
C GLY A 46 -3.67 10.02 3.58
N LYS A 47 -2.53 9.91 2.96
CA LYS A 47 -2.50 9.53 1.52
C LYS A 47 -3.04 8.11 1.35
N LEU A 48 -2.73 7.25 2.27
CA LEU A 48 -3.19 5.84 2.17
C LEU A 48 -4.72 5.80 2.14
N ALA A 49 -5.36 6.60 2.93
CA ALA A 49 -6.84 6.59 2.96
C ALA A 49 -7.38 6.85 1.55
N GLU A 50 -6.79 7.77 0.84
CA GLU A 50 -7.25 8.07 -0.54
C GLU A 50 -6.97 6.86 -1.44
N TYR A 51 -5.85 6.23 -1.26
CA TYR A 51 -5.49 5.05 -2.10
C TYR A 51 -6.53 3.94 -1.89
N ILE A 52 -6.95 3.73 -0.68
CA ILE A 52 -7.95 2.67 -0.41
C ILE A 52 -9.26 2.99 -1.14
N SER A 53 -9.68 4.23 -1.11
CA SER A 53 -10.95 4.60 -1.79
C SER A 53 -10.90 4.25 -3.28
N LEU A 54 -9.86 4.64 -3.96
CA LEU A 54 -9.76 4.31 -5.41
C LEU A 54 -9.61 2.80 -5.59
N ALA A 55 -8.83 2.18 -4.75
CA ALA A 55 -8.64 0.71 -4.87
C ALA A 55 -9.97 0.00 -4.60
N LYS A 56 -10.73 0.48 -3.66
CA LYS A 56 -12.03 -0.16 -3.34
C LYS A 56 -12.98 -0.07 -4.54
N GLN A 57 -13.04 1.08 -5.16
CA GLN A 57 -13.95 1.24 -6.33
C GLN A 57 -13.46 0.36 -7.48
N VAL A 58 -12.18 0.33 -7.70
CA VAL A 58 -11.63 -0.49 -8.82
C VAL A 58 -11.88 -1.98 -8.57
N TYR A 59 -11.63 -2.46 -7.37
CA TYR A 59 -11.84 -3.91 -7.08
C TYR A 59 -12.72 -4.07 -5.84
N ALA A 60 -13.74 -4.89 -5.94
CA ALA A 60 -14.66 -5.10 -4.78
C ALA A 60 -13.94 -5.86 -3.67
N ASN A 61 -14.39 -5.71 -2.45
CA ASN A 61 -13.74 -6.40 -1.30
C ASN A 61 -12.23 -6.26 -1.40
N VAL A 62 -11.75 -5.04 -1.44
CA VAL A 62 -10.29 -4.79 -1.55
C VAL A 62 -9.60 -5.10 -0.23
N GLU A 63 -8.47 -5.78 -0.28
CA GLU A 63 -7.71 -6.13 0.95
C GLU A 63 -6.29 -5.60 0.83
N TYR A 64 -5.75 -5.08 1.90
CA TYR A 64 -4.38 -4.54 1.86
C TYR A 64 -3.74 -4.70 3.24
N GLU A 65 -2.44 -4.62 3.31
CA GLU A 65 -1.75 -4.77 4.63
C GLU A 65 -0.57 -3.80 4.66
N VAL A 66 -0.25 -3.27 5.82
CA VAL A 66 0.89 -2.32 5.94
C VAL A 66 1.95 -2.91 6.87
N ALA A 67 3.18 -2.95 6.42
CA ALA A 67 4.26 -3.52 7.27
C ALA A 67 4.74 -2.45 8.26
N PRO A 68 5.52 -2.82 9.25
CA PRO A 68 6.04 -1.86 10.27
C PRO A 68 6.75 -0.65 9.63
N VAL A 69 6.42 0.54 10.06
CA VAL A 69 7.06 1.77 9.50
C VAL A 69 7.47 2.70 10.65
N ALA A 70 8.66 3.26 10.57
CA ALA A 70 9.13 4.17 11.64
C ALA A 70 8.30 5.47 11.66
N ASP A 71 8.17 6.07 12.81
CA ASP A 71 7.38 7.34 12.92
C ASP A 71 8.04 8.44 12.09
N ASN A 72 9.35 8.47 12.05
CA ASN A 72 10.07 9.52 11.27
C ASN A 72 10.22 9.03 9.83
N ALA A 73 9.58 7.95 9.49
CA ALA A 73 9.70 7.40 8.11
C ALA A 73 9.13 8.40 7.10
N THR A 74 9.75 8.49 5.95
CA THR A 74 9.26 9.42 4.89
C THR A 74 8.59 8.60 3.79
N GLU A 75 8.45 7.31 4.00
CA GLU A 75 7.80 6.44 2.99
C GLU A 75 6.95 5.39 3.70
N LEU A 76 6.01 4.79 3.01
CA LEU A 76 5.15 3.76 3.65
C LEU A 76 5.14 2.50 2.77
N HIS A 77 5.29 1.35 3.38
CA HIS A 77 5.29 0.08 2.60
C HIS A 77 3.97 -0.66 2.83
N ALA A 78 3.27 -0.95 1.77
CA ALA A 78 1.97 -1.67 1.91
C ALA A 78 1.73 -2.51 0.65
N ARG A 79 0.85 -3.47 0.74
CA ARG A 79 0.54 -4.34 -0.45
C ARG A 79 -0.96 -4.37 -0.68
N PHE A 80 -1.37 -4.53 -1.91
CA PHE A 80 -2.83 -4.57 -2.24
C PHE A 80 -3.14 -5.81 -3.06
N LYS A 81 -4.34 -6.31 -2.96
CA LYS A 81 -4.74 -7.53 -3.71
C LYS A 81 -5.68 -7.16 -4.86
N PHE A 82 -5.51 -7.78 -6.00
CA PHE A 82 -6.38 -7.49 -7.16
C PHE A 82 -6.68 -8.78 -7.93
N GLU A 83 -7.18 -8.66 -9.13
CA GLU A 83 -7.50 -9.87 -9.93
C GLU A 83 -6.38 -10.13 -10.94
N VAL A 84 -6.00 -9.12 -11.69
CA VAL A 84 -4.90 -9.28 -12.70
C VAL A 84 -3.91 -8.11 -12.63
N SER A 85 -2.76 -8.28 -13.23
CA SER A 85 -1.73 -7.21 -13.21
C SER A 85 -2.28 -5.95 -13.90
N ALA A 86 -3.31 -6.10 -14.69
CA ALA A 86 -3.89 -4.93 -15.39
C ALA A 86 -4.41 -3.92 -14.37
N GLU A 87 -4.96 -4.38 -13.29
CA GLU A 87 -5.49 -3.45 -12.24
C GLU A 87 -4.32 -2.70 -11.60
N LYS A 88 -3.20 -3.34 -11.46
CA LYS A 88 -2.02 -2.67 -10.84
C LYS A 88 -1.60 -1.48 -11.71
N LEU A 89 -1.50 -1.68 -12.99
CA LEU A 89 -1.08 -0.57 -13.89
C LEU A 89 -2.12 0.55 -13.83
N ILE A 90 -3.38 0.21 -13.89
CA ILE A 90 -4.45 1.24 -13.83
C ILE A 90 -4.45 1.92 -12.47
N PHE A 91 -4.35 1.15 -11.41
CA PHE A 91 -4.34 1.72 -10.04
C PHE A 91 -3.11 2.58 -9.86
N GLU A 92 -1.98 2.10 -10.30
CA GLU A 92 -0.71 2.88 -10.14
C GLU A 92 -0.87 4.23 -10.83
N LEU A 93 -1.51 4.24 -11.97
CA LEU A 93 -1.70 5.52 -12.70
C LEU A 93 -2.56 6.47 -11.86
N LYS A 94 -3.60 5.97 -11.27
CA LYS A 94 -4.47 6.83 -10.45
C LYS A 94 -3.69 7.35 -9.23
N THR A 95 -2.90 6.51 -8.63
CA THR A 95 -2.10 6.94 -7.44
C THR A 95 -1.10 8.01 -7.87
N ARG A 96 -0.45 7.82 -9.00
CA ARG A 96 0.53 8.81 -9.49
C ARG A 96 -0.20 10.12 -9.79
N ALA A 97 -1.38 10.05 -10.33
CA ALA A 97 -2.14 11.29 -10.65
C ALA A 97 -2.52 12.01 -9.35
N LEU A 98 -2.98 11.29 -8.37
CA LEU A 98 -3.37 11.93 -7.09
C LEU A 98 -2.12 12.52 -6.42
N ALA A 99 -1.04 11.79 -6.44
CA ALA A 99 0.20 12.29 -5.80
C ALA A 99 0.80 13.43 -6.64
N ARG A 100 0.97 13.20 -7.91
CA ARG A 100 1.55 14.25 -8.79
C ARG A 100 0.57 15.41 -8.93
N LEU A 101 -0.70 15.10 -9.02
CA LEU A 101 -1.74 16.17 -9.17
C LEU A 101 -1.24 17.25 -10.13
N GLU A 102 -0.94 16.87 -11.35
CA GLU A 102 -0.46 17.87 -12.36
C GLU A 102 -1.57 18.15 -13.38
N HIS A 103 -2.43 19.09 -13.07
CA HIS A 103 -3.53 19.42 -14.01
C HIS A 103 -3.04 20.44 -15.05
N HIS A 104 -3.48 21.66 -14.94
CA HIS A 104 -3.05 22.71 -15.89
C HIS A 104 -1.73 23.32 -15.39
N HIS A 105 -1.12 22.69 -14.44
CA HIS A 105 0.17 23.22 -13.91
C HIS A 105 1.17 23.29 -15.05
N HIS A 106 1.20 22.28 -15.89
CA HIS A 106 2.14 22.26 -17.04
C HIS A 106 3.53 22.72 -16.56
N HIS A 107 3.95 22.25 -15.42
CA HIS A 107 5.28 22.65 -14.88
C HIS A 107 5.94 21.43 -14.21
N HIS A 108 7.21 21.24 -14.45
CA HIS A 108 7.93 20.09 -13.84
C HIS A 108 7.71 20.06 -12.33
N MET A 1 -21.25 -15.08 32.39
CA MET A 1 -22.20 -14.16 33.06
C MET A 1 -23.10 -13.51 32.01
N SER A 2 -22.58 -13.32 30.83
CA SER A 2 -23.40 -12.71 29.74
C SER A 2 -22.93 -13.23 28.39
N ASN A 3 -23.83 -13.30 27.43
CA ASN A 3 -23.45 -13.81 26.08
C ASN A 3 -22.98 -12.65 25.21
N GLN A 4 -21.69 -12.60 24.94
CA GLN A 4 -21.14 -11.51 24.10
C GLN A 4 -19.81 -11.98 23.51
N THR A 5 -19.04 -12.69 24.28
CA THR A 5 -17.72 -13.19 23.78
C THR A 5 -17.90 -14.60 23.22
N CYS A 6 -19.08 -15.15 23.37
CA CYS A 6 -19.35 -16.52 22.85
C CYS A 6 -19.26 -16.49 21.32
N VAL A 7 -19.72 -15.43 20.72
CA VAL A 7 -19.69 -15.33 19.23
C VAL A 7 -18.26 -15.01 18.75
N GLU A 8 -17.85 -15.65 17.68
CA GLU A 8 -16.48 -15.41 17.15
C GLU A 8 -16.29 -13.95 16.75
N ASN A 9 -15.12 -13.42 16.99
CA ASN A 9 -14.85 -12.00 16.64
C ASN A 9 -14.40 -11.88 15.17
N GLU A 10 -13.12 -11.75 14.96
CA GLU A 10 -12.60 -11.61 13.57
C GLU A 10 -12.89 -12.86 12.76
N VAL A 11 -13.09 -12.70 11.47
CA VAL A 11 -13.39 -13.87 10.59
C VAL A 11 -12.09 -14.37 9.96
N CYS A 12 -11.82 -15.63 10.06
CA CYS A 12 -10.59 -16.19 9.46
C CYS A 12 -10.66 -17.72 9.45
N GLU A 13 -10.11 -18.34 8.44
CA GLU A 13 -10.17 -19.82 8.35
C GLU A 13 -8.92 -20.44 8.99
N ALA A 14 -9.11 -21.28 9.96
CA ALA A 14 -7.95 -21.91 10.66
C ALA A 14 -7.23 -22.87 9.71
N CYS A 15 -5.91 -22.90 9.78
CA CYS A 15 -5.12 -23.80 8.90
C CYS A 15 -3.87 -24.27 9.66
N GLY A 16 -3.03 -23.34 10.01
CA GLY A 16 -1.77 -23.71 10.74
C GLY A 16 -2.08 -24.18 12.16
N CYS A 17 -1.35 -25.17 12.63
CA CYS A 17 -1.58 -25.68 14.01
C CYS A 17 -1.16 -24.60 15.03
N ALA A 18 -0.14 -23.86 14.71
CA ALA A 18 0.34 -22.82 15.66
C ALA A 18 -0.76 -21.78 15.92
N GLY A 19 -0.85 -21.31 17.13
CA GLY A 19 -1.90 -20.30 17.47
C GLY A 19 -1.37 -18.90 17.11
N GLU A 20 -0.19 -18.83 16.55
CA GLU A 20 0.38 -17.51 16.18
C GLU A 20 -0.58 -16.76 15.26
N ILE A 21 -0.82 -15.50 15.56
CA ILE A 21 -1.76 -14.69 14.72
C ILE A 21 -0.95 -13.71 13.85
N GLY A 22 -1.21 -13.70 12.57
CA GLY A 22 -0.47 -12.76 11.68
C GLY A 22 -0.99 -12.91 10.25
N PHE A 23 -0.61 -12.01 9.39
CA PHE A 23 -1.05 -12.06 7.96
C PHE A 23 0.15 -12.36 7.06
N ILE A 24 -0.01 -13.28 6.15
CA ILE A 24 1.11 -13.64 5.21
C ILE A 24 0.58 -13.61 3.79
N ILE A 25 -0.64 -14.03 3.60
CA ILE A 25 -1.26 -14.05 2.24
C ILE A 25 -0.40 -14.87 1.27
N ARG A 26 -0.98 -15.35 0.20
CA ARG A 26 -0.22 -16.18 -0.77
C ARG A 26 0.42 -15.28 -1.83
N GLU A 27 1.66 -15.55 -2.17
CA GLU A 27 2.37 -14.72 -3.18
C GLU A 27 1.97 -15.12 -4.60
N GLY A 28 1.90 -14.17 -5.48
CA GLY A 28 1.54 -14.48 -6.89
C GLY A 28 1.35 -13.18 -7.67
N ASP A 29 0.96 -13.29 -8.91
CA ASP A 29 0.74 -12.08 -9.75
C ASP A 29 -0.53 -11.36 -9.27
N ASP A 30 -1.27 -12.00 -8.40
CA ASP A 30 -2.52 -11.38 -7.90
C ASP A 30 -2.17 -10.48 -6.71
N VAL A 31 -0.91 -10.39 -6.37
CA VAL A 31 -0.47 -9.54 -5.23
C VAL A 31 0.62 -8.57 -5.70
N ALA A 32 0.49 -7.32 -5.35
CA ALA A 32 1.51 -6.31 -5.77
C ALA A 32 1.82 -5.37 -4.61
N GLU A 33 3.02 -4.84 -4.57
CA GLU A 33 3.42 -3.93 -3.46
C GLU A 33 3.17 -2.48 -3.88
N VAL A 34 2.79 -1.64 -2.93
CA VAL A 34 2.54 -0.19 -3.25
C VAL A 34 3.50 0.66 -2.44
N SER A 35 4.22 1.54 -3.09
CA SER A 35 5.19 2.43 -2.38
C SER A 35 4.76 3.87 -2.55
N LEU A 36 4.65 4.60 -1.47
CA LEU A 36 4.23 6.03 -1.54
C LEU A 36 5.28 6.90 -0.85
N PHE A 37 5.53 8.08 -1.39
CA PHE A 37 6.53 8.99 -0.78
C PHE A 37 5.82 10.14 -0.05
N GLY A 38 6.38 10.62 1.02
CA GLY A 38 5.75 11.74 1.77
C GLY A 38 6.69 12.23 2.86
N SER A 39 6.27 13.23 3.60
CA SER A 39 7.13 13.78 4.69
C SER A 39 7.07 12.87 5.92
N ASP A 40 6.26 13.23 6.88
CA ASP A 40 6.16 12.41 8.12
C ASP A 40 5.13 11.28 7.93
N LYS A 41 5.01 10.42 8.91
CA LYS A 41 4.04 9.30 8.82
C LYS A 41 2.63 9.86 8.73
N ALA A 42 2.33 10.87 9.52
CA ALA A 42 0.97 11.48 9.49
C ALA A 42 0.61 11.86 8.07
N HIS A 43 1.52 12.43 7.34
CA HIS A 43 1.24 12.84 5.94
C HIS A 43 0.93 11.60 5.11
N LEU A 44 1.71 10.56 5.28
CA LEU A 44 1.48 9.30 4.50
C LEU A 44 0.12 8.72 4.89
N GLU A 45 -0.22 8.78 6.14
CA GLU A 45 -1.53 8.21 6.59
C GLU A 45 -2.67 8.94 5.86
N GLY A 46 -2.53 10.22 5.65
CA GLY A 46 -3.61 10.98 4.96
C GLY A 46 -3.77 10.48 3.52
N LYS A 47 -2.68 10.43 2.80
CA LYS A 47 -2.74 9.93 1.39
C LYS A 47 -3.09 8.44 1.40
N LEU A 48 -2.65 7.74 2.40
CA LEU A 48 -2.94 6.28 2.47
C LEU A 48 -4.44 6.05 2.44
N ALA A 49 -5.18 6.87 3.13
CA ALA A 49 -6.67 6.70 3.17
C ALA A 49 -7.21 6.82 1.74
N GLU A 50 -6.69 7.73 0.97
CA GLU A 50 -7.16 7.89 -0.43
C GLU A 50 -6.74 6.68 -1.27
N TYR A 51 -5.55 6.19 -1.06
CA TYR A 51 -5.06 5.02 -1.83
C TYR A 51 -5.97 3.82 -1.57
N ILE A 52 -6.25 3.53 -0.33
CA ILE A 52 -7.11 2.37 0.00
C ILE A 52 -8.52 2.62 -0.53
N SER A 53 -9.03 3.81 -0.33
CA SER A 53 -10.40 4.15 -0.81
C SER A 53 -10.45 4.06 -2.33
N LEU A 54 -9.44 4.54 -2.99
CA LEU A 54 -9.41 4.50 -4.48
C LEU A 54 -9.39 3.05 -4.94
N ALA A 55 -8.61 2.23 -4.29
CA ALA A 55 -8.52 0.81 -4.69
C ALA A 55 -9.88 0.13 -4.53
N LYS A 56 -10.56 0.43 -3.47
CA LYS A 56 -11.89 -0.18 -3.24
C LYS A 56 -12.88 0.29 -4.31
N GLN A 57 -12.85 1.54 -4.66
CA GLN A 57 -13.79 2.06 -5.69
C GLN A 57 -13.47 1.38 -7.03
N VAL A 58 -12.22 1.25 -7.35
CA VAL A 58 -11.83 0.62 -8.64
C VAL A 58 -12.17 -0.87 -8.61
N TYR A 59 -11.85 -1.55 -7.54
CA TYR A 59 -12.12 -3.01 -7.44
C TYR A 59 -13.22 -3.27 -6.42
N ALA A 60 -13.01 -2.83 -5.20
CA ALA A 60 -14.02 -3.03 -4.12
C ALA A 60 -13.86 -4.43 -3.52
N ASN A 61 -14.09 -4.55 -2.22
CA ASN A 61 -13.93 -5.86 -1.55
C ASN A 61 -12.49 -6.34 -1.72
N VAL A 62 -11.56 -5.41 -1.75
CA VAL A 62 -10.13 -5.77 -1.93
C VAL A 62 -9.46 -5.99 -0.57
N GLU A 63 -8.43 -6.80 -0.53
CA GLU A 63 -7.71 -7.06 0.74
C GLU A 63 -6.29 -6.49 0.63
N TYR A 64 -5.87 -5.77 1.64
CA TYR A 64 -4.51 -5.17 1.61
C TYR A 64 -3.90 -5.21 3.00
N GLU A 65 -2.61 -5.07 3.08
CA GLU A 65 -1.93 -5.10 4.41
C GLU A 65 -0.86 -4.01 4.46
N VAL A 66 -0.49 -3.59 5.64
CA VAL A 66 0.54 -2.52 5.79
C VAL A 66 1.67 -3.02 6.69
N ALA A 67 2.89 -2.82 6.26
CA ALA A 67 4.04 -3.28 7.08
C ALA A 67 4.42 -2.19 8.10
N PRO A 68 5.30 -2.49 9.02
CA PRO A 68 5.73 -1.51 10.06
C PRO A 68 6.26 -0.21 9.44
N VAL A 69 5.81 0.92 9.94
CA VAL A 69 6.28 2.23 9.40
C VAL A 69 6.71 3.13 10.56
N ALA A 70 7.85 3.75 10.43
CA ALA A 70 8.36 4.65 11.51
C ALA A 70 7.56 5.97 11.53
N ASP A 71 7.53 6.62 12.66
CA ASP A 71 6.79 7.91 12.78
C ASP A 71 7.40 8.95 11.83
N ASN A 72 8.71 8.98 11.73
CA ASN A 72 9.37 9.98 10.84
C ASN A 72 9.65 9.35 9.47
N ALA A 73 9.02 8.24 9.18
CA ALA A 73 9.24 7.55 7.89
C ALA A 73 8.90 8.48 6.72
N THR A 74 9.66 8.40 5.65
CA THR A 74 9.40 9.27 4.46
C THR A 74 8.77 8.42 3.37
N GLU A 75 8.59 7.15 3.62
CA GLU A 75 7.98 6.25 2.59
C GLU A 75 7.00 5.30 3.26
N LEU A 76 6.08 4.76 2.50
CA LEU A 76 5.08 3.80 3.07
C LEU A 76 5.12 2.49 2.29
N HIS A 77 5.14 1.39 3.00
CA HIS A 77 5.18 0.05 2.35
C HIS A 77 3.85 -0.66 2.61
N ALA A 78 3.14 -1.02 1.58
CA ALA A 78 1.84 -1.72 1.75
C ALA A 78 1.64 -2.70 0.61
N ARG A 79 0.77 -3.65 0.78
CA ARG A 79 0.50 -4.66 -0.30
C ARG A 79 -0.99 -4.73 -0.60
N PHE A 80 -1.33 -4.88 -1.86
CA PHE A 80 -2.76 -4.97 -2.25
C PHE A 80 -2.97 -6.20 -3.13
N LYS A 81 -4.13 -6.80 -3.06
CA LYS A 81 -4.40 -8.02 -3.88
C LYS A 81 -5.29 -7.66 -5.06
N PHE A 82 -4.79 -7.82 -6.27
CA PHE A 82 -5.59 -7.49 -7.48
C PHE A 82 -5.91 -8.77 -8.25
N GLU A 83 -7.09 -8.84 -8.79
CA GLU A 83 -7.50 -10.04 -9.58
C GLU A 83 -6.64 -10.13 -10.84
N VAL A 84 -6.29 -9.00 -11.40
CA VAL A 84 -5.46 -8.99 -12.64
C VAL A 84 -4.34 -7.95 -12.51
N SER A 85 -3.32 -8.08 -13.31
CA SER A 85 -2.18 -7.12 -13.26
C SER A 85 -2.60 -5.79 -13.91
N ALA A 86 -3.61 -5.82 -14.73
CA ALA A 86 -4.06 -4.57 -15.42
C ALA A 86 -4.52 -3.56 -14.38
N GLU A 87 -5.19 -4.01 -13.36
CA GLU A 87 -5.67 -3.09 -12.30
C GLU A 87 -4.48 -2.52 -11.53
N LYS A 88 -3.43 -3.29 -11.40
CA LYS A 88 -2.24 -2.80 -10.66
C LYS A 88 -1.63 -1.61 -11.41
N LEU A 89 -1.42 -1.77 -12.69
CA LEU A 89 -0.83 -0.67 -13.49
C LEU A 89 -1.79 0.53 -13.50
N ILE A 90 -3.04 0.28 -13.71
CA ILE A 90 -4.04 1.38 -13.74
C ILE A 90 -4.14 2.02 -12.35
N PHE A 91 -4.19 1.19 -11.34
CA PHE A 91 -4.30 1.72 -9.95
C PHE A 91 -3.07 2.57 -9.62
N GLU A 92 -1.91 2.10 -9.97
CA GLU A 92 -0.66 2.86 -9.68
C GLU A 92 -0.70 4.20 -10.42
N LEU A 93 -1.06 4.17 -11.68
CA LEU A 93 -1.11 5.44 -12.47
C LEU A 93 -2.16 6.38 -11.88
N LYS A 94 -3.31 5.85 -11.54
CA LYS A 94 -4.37 6.71 -10.97
C LYS A 94 -3.91 7.27 -9.61
N THR A 95 -3.27 6.45 -8.82
CA THR A 95 -2.81 6.91 -7.49
C THR A 95 -1.73 7.99 -7.67
N ARG A 96 -0.93 7.87 -8.68
CA ARG A 96 0.13 8.88 -8.93
C ARG A 96 -0.53 10.23 -9.24
N ALA A 97 -1.56 10.21 -10.02
CA ALA A 97 -2.25 11.48 -10.36
C ALA A 97 -2.92 12.03 -9.11
N LEU A 98 -3.47 11.16 -8.31
CA LEU A 98 -4.17 11.61 -7.08
C LEU A 98 -3.14 12.28 -6.15
N ALA A 99 -2.01 11.65 -5.98
CA ALA A 99 -0.96 12.23 -5.09
C ALA A 99 -0.41 13.51 -5.71
N ARG A 100 -0.29 13.54 -7.01
CA ARG A 100 0.25 14.76 -7.69
C ARG A 100 -0.87 15.79 -7.82
N LEU A 101 -2.07 15.43 -7.46
CA LEU A 101 -3.23 16.36 -7.57
C LEU A 101 -3.18 17.08 -8.93
N GLU A 102 -3.54 16.39 -9.97
CA GLU A 102 -3.52 17.00 -11.33
C GLU A 102 -4.50 18.17 -11.39
N HIS A 103 -4.17 19.17 -12.17
CA HIS A 103 -5.07 20.34 -12.30
C HIS A 103 -6.05 20.13 -13.46
N HIS A 104 -7.28 19.77 -13.13
CA HIS A 104 -8.31 19.53 -14.19
C HIS A 104 -9.18 20.78 -14.33
N HIS A 105 -9.07 21.69 -13.39
CA HIS A 105 -9.87 22.95 -13.45
C HIS A 105 -11.36 22.65 -13.67
N HIS A 106 -12.14 23.69 -13.75
CA HIS A 106 -13.61 23.53 -13.95
C HIS A 106 -14.15 22.47 -13.01
N HIS A 107 -14.57 22.88 -11.83
CA HIS A 107 -15.13 21.91 -10.84
C HIS A 107 -16.56 22.29 -10.48
N HIS A 108 -17.47 21.36 -10.64
CA HIS A 108 -18.89 21.63 -10.32
C HIS A 108 -19.39 22.85 -11.09
N MET A 1 3.69 -36.76 -0.02
CA MET A 1 2.80 -35.84 -0.78
C MET A 1 3.09 -36.01 -2.27
N SER A 2 3.97 -36.91 -2.62
CA SER A 2 4.30 -37.13 -4.07
C SER A 2 4.34 -38.62 -4.37
N ASN A 3 3.92 -39.00 -5.54
CA ASN A 3 3.92 -40.45 -5.92
C ASN A 3 5.35 -40.97 -6.03
N GLN A 4 6.24 -40.18 -6.59
CA GLN A 4 7.66 -40.62 -6.73
C GLN A 4 8.56 -39.87 -5.75
N THR A 5 9.64 -40.48 -5.34
CA THR A 5 10.57 -39.83 -4.38
C THR A 5 11.76 -39.25 -5.16
N CYS A 6 11.74 -39.36 -6.46
CA CYS A 6 12.86 -38.82 -7.28
C CYS A 6 13.02 -37.31 -7.02
N VAL A 7 13.68 -36.96 -5.94
CA VAL A 7 13.89 -35.52 -5.62
C VAL A 7 15.27 -35.10 -6.15
N GLU A 8 16.09 -36.05 -6.47
CA GLU A 8 17.47 -35.77 -7.00
C GLU A 8 18.09 -34.57 -6.26
N ASN A 9 18.63 -33.64 -7.00
CA ASN A 9 19.28 -32.45 -6.38
C ASN A 9 18.24 -31.34 -6.18
N GLU A 10 17.87 -31.09 -4.95
CA GLU A 10 16.88 -30.01 -4.68
C GLU A 10 16.93 -29.65 -3.20
N VAL A 11 17.19 -28.40 -2.90
CA VAL A 11 17.28 -27.96 -1.48
C VAL A 11 15.88 -27.62 -0.97
N CYS A 12 15.50 -28.17 0.16
CA CYS A 12 14.15 -27.90 0.72
C CYS A 12 14.19 -26.66 1.62
N GLU A 13 13.28 -25.76 1.42
CA GLU A 13 13.25 -24.53 2.28
C GLU A 13 11.86 -23.91 2.21
N ALA A 14 11.10 -24.01 3.27
CA ALA A 14 9.74 -23.43 3.29
C ALA A 14 9.14 -23.68 4.67
N CYS A 15 9.89 -24.31 5.53
CA CYS A 15 9.40 -24.61 6.91
C CYS A 15 8.02 -25.26 6.84
N GLY A 16 6.99 -24.49 6.75
CA GLY A 16 5.62 -25.07 6.69
C GLY A 16 4.65 -24.05 6.09
N CYS A 17 3.42 -24.07 6.53
CA CYS A 17 2.41 -23.12 5.99
C CYS A 17 2.61 -21.72 6.57
N ALA A 18 2.32 -20.72 5.79
CA ALA A 18 2.51 -19.31 6.26
C ALA A 18 1.59 -19.02 7.45
N GLY A 19 2.05 -18.22 8.37
CA GLY A 19 1.22 -17.88 9.57
C GLY A 19 1.65 -16.53 10.13
N GLU A 20 1.85 -16.47 11.43
CA GLU A 20 2.28 -15.19 12.06
C GLU A 20 3.80 -15.02 11.91
N ILE A 21 4.45 -16.00 11.38
CA ILE A 21 5.93 -15.90 11.20
C ILE A 21 6.24 -14.81 10.17
N GLY A 22 5.50 -14.76 9.10
CA GLY A 22 5.78 -13.73 8.05
C GLY A 22 4.48 -13.33 7.35
N PHE A 23 4.58 -12.92 6.11
CA PHE A 23 3.36 -12.49 5.37
C PHE A 23 2.58 -13.72 4.89
N ILE A 24 1.27 -13.65 4.96
CA ILE A 24 0.43 -14.80 4.51
C ILE A 24 0.14 -14.68 3.01
N ILE A 25 0.38 -13.53 2.45
CA ILE A 25 0.11 -13.34 1.00
C ILE A 25 1.21 -13.98 0.16
N ARG A 26 2.39 -13.40 0.18
CA ARG A 26 3.54 -13.96 -0.62
C ARG A 26 3.05 -14.34 -2.02
N GLU A 27 2.91 -13.36 -2.88
CA GLU A 27 2.45 -13.61 -4.27
C GLU A 27 1.13 -14.40 -4.24
N GLY A 28 0.11 -13.83 -3.64
CA GLY A 28 -1.21 -14.52 -3.56
C GLY A 28 -2.11 -14.06 -4.71
N ASP A 29 -2.37 -14.93 -5.65
CA ASP A 29 -3.23 -14.57 -6.82
C ASP A 29 -2.92 -13.15 -7.31
N ASP A 30 -1.78 -12.98 -7.92
CA ASP A 30 -1.37 -11.65 -8.47
C ASP A 30 -1.39 -10.59 -7.35
N VAL A 31 -0.24 -10.03 -7.07
CA VAL A 31 -0.14 -8.99 -6.01
C VAL A 31 0.50 -7.72 -6.58
N ALA A 32 0.33 -6.60 -5.93
CA ALA A 32 0.91 -5.32 -6.42
C ALA A 32 1.71 -4.64 -5.30
N GLU A 33 2.74 -3.92 -5.67
CA GLU A 33 3.58 -3.22 -4.66
C GLU A 33 3.26 -1.72 -4.69
N VAL A 34 3.12 -1.11 -3.54
CA VAL A 34 2.81 0.35 -3.48
C VAL A 34 3.85 1.06 -2.61
N SER A 35 4.41 2.12 -3.11
CA SER A 35 5.43 2.88 -2.34
C SER A 35 5.10 4.37 -2.40
N LEU A 36 4.91 4.99 -1.26
CA LEU A 36 4.58 6.44 -1.24
C LEU A 36 5.63 7.19 -0.42
N PHE A 37 6.06 8.33 -0.88
CA PHE A 37 7.08 9.12 -0.14
C PHE A 37 6.41 10.29 0.58
N GLY A 38 6.92 10.68 1.71
CA GLY A 38 6.30 11.81 2.45
C GLY A 38 7.21 12.24 3.61
N SER A 39 6.74 13.13 4.46
CA SER A 39 7.57 13.61 5.61
C SER A 39 7.04 13.00 6.91
N ASP A 40 6.02 13.58 7.49
CA ASP A 40 5.49 13.05 8.78
C ASP A 40 4.51 11.90 8.52
N LYS A 41 4.25 11.11 9.52
CA LYS A 41 3.30 9.97 9.38
C LYS A 41 1.89 10.49 9.10
N ALA A 42 1.53 11.58 9.71
CA ALA A 42 0.17 12.15 9.50
C ALA A 42 -0.08 12.40 8.01
N HIS A 43 0.91 12.89 7.31
CA HIS A 43 0.73 13.16 5.87
C HIS A 43 0.56 11.83 5.11
N LEU A 44 1.32 10.84 5.47
CA LEU A 44 1.20 9.52 4.78
C LEU A 44 -0.19 8.93 5.04
N GLU A 45 -0.67 9.04 6.25
CA GLU A 45 -2.02 8.49 6.57
C GLU A 45 -3.08 9.18 5.71
N GLY A 46 -2.97 10.48 5.55
CA GLY A 46 -3.97 11.21 4.74
C GLY A 46 -3.92 10.73 3.29
N LYS A 47 -2.75 10.68 2.71
CA LYS A 47 -2.62 10.20 1.30
C LYS A 47 -2.99 8.72 1.23
N LEU A 48 -2.65 7.98 2.25
CA LEU A 48 -2.95 6.52 2.25
C LEU A 48 -4.47 6.31 2.14
N ALA A 49 -5.24 7.14 2.79
CA ALA A 49 -6.72 6.99 2.73
C ALA A 49 -7.18 6.94 1.27
N GLU A 50 -6.50 7.63 0.39
CA GLU A 50 -6.89 7.62 -1.05
C GLU A 50 -6.70 6.20 -1.62
N TYR A 51 -5.64 5.55 -1.25
CA TYR A 51 -5.38 4.17 -1.76
C TYR A 51 -6.49 3.23 -1.30
N ILE A 52 -6.91 3.35 -0.07
CA ILE A 52 -7.99 2.44 0.44
C ILE A 52 -9.29 2.69 -0.35
N SER A 53 -9.62 3.94 -0.55
CA SER A 53 -10.88 4.25 -1.30
C SER A 53 -10.75 3.78 -2.76
N LEU A 54 -9.64 4.05 -3.38
CA LEU A 54 -9.45 3.63 -4.81
C LEU A 54 -9.44 2.11 -4.90
N ALA A 55 -8.77 1.45 -3.98
CA ALA A 55 -8.69 -0.04 -4.02
C ALA A 55 -10.09 -0.66 -3.90
N LYS A 56 -10.86 -0.24 -2.94
CA LYS A 56 -12.22 -0.81 -2.76
C LYS A 56 -13.10 -0.46 -3.97
N GLN A 57 -13.03 0.77 -4.41
CA GLN A 57 -13.87 1.18 -5.58
C GLN A 57 -13.40 0.43 -6.82
N VAL A 58 -12.12 0.40 -7.05
CA VAL A 58 -11.57 -0.30 -8.24
C VAL A 58 -11.85 -1.81 -8.12
N TYR A 59 -11.61 -2.39 -6.97
CA TYR A 59 -11.83 -3.86 -6.80
C TYR A 59 -12.64 -4.12 -5.52
N ALA A 60 -13.75 -4.78 -5.65
CA ALA A 60 -14.60 -5.08 -4.48
C ALA A 60 -13.90 -6.05 -3.51
N ASN A 61 -14.17 -5.92 -2.24
CA ASN A 61 -13.55 -6.81 -1.22
C ASN A 61 -12.05 -6.94 -1.52
N VAL A 62 -11.38 -5.83 -1.66
CA VAL A 62 -9.92 -5.87 -1.95
C VAL A 62 -9.13 -6.15 -0.66
N GLU A 63 -8.11 -6.95 -0.75
CA GLU A 63 -7.28 -7.30 0.44
C GLU A 63 -5.91 -6.64 0.32
N TYR A 64 -5.46 -5.99 1.36
CA TYR A 64 -4.14 -5.33 1.34
C TYR A 64 -3.51 -5.37 2.73
N GLU A 65 -2.23 -5.11 2.82
CA GLU A 65 -1.54 -5.12 4.13
C GLU A 65 -0.56 -3.96 4.19
N VAL A 66 -0.29 -3.46 5.38
CA VAL A 66 0.65 -2.32 5.54
C VAL A 66 1.77 -2.70 6.50
N ALA A 67 2.99 -2.46 6.11
CA ALA A 67 4.15 -2.81 6.97
C ALA A 67 4.29 -1.76 8.09
N PRO A 68 5.16 -2.00 9.05
CA PRO A 68 5.39 -1.07 10.19
C PRO A 68 5.71 0.36 9.72
N VAL A 69 5.16 1.35 10.38
CA VAL A 69 5.44 2.77 10.01
C VAL A 69 5.87 3.57 11.25
N ALA A 70 6.92 4.31 11.14
CA ALA A 70 7.40 5.10 12.31
C ALA A 70 6.68 6.46 12.35
N ASP A 71 6.73 7.13 13.47
CA ASP A 71 6.06 8.45 13.60
C ASP A 71 6.70 9.45 12.63
N ASN A 72 8.00 9.42 12.51
CA ASN A 72 8.71 10.37 11.60
C ASN A 72 9.04 9.65 10.28
N ALA A 73 8.36 8.58 10.00
CA ALA A 73 8.64 7.83 8.73
C ALA A 73 8.54 8.78 7.54
N THR A 74 9.43 8.63 6.59
CA THR A 74 9.41 9.51 5.38
C THR A 74 8.95 8.68 4.17
N GLU A 75 8.68 7.41 4.39
CA GLU A 75 8.21 6.54 3.26
C GLU A 75 7.15 5.58 3.78
N LEU A 76 6.35 5.04 2.91
CA LEU A 76 5.30 4.07 3.34
C LEU A 76 5.39 2.82 2.48
N HIS A 77 5.42 1.67 3.09
CA HIS A 77 5.49 0.38 2.35
C HIS A 77 4.20 -0.40 2.55
N ALA A 78 3.42 -0.58 1.52
CA ALA A 78 2.14 -1.33 1.64
C ALA A 78 2.00 -2.29 0.46
N ARG A 79 1.19 -3.29 0.62
CA ARG A 79 1.00 -4.29 -0.48
C ARG A 79 -0.50 -4.44 -0.77
N PHE A 80 -0.85 -4.57 -2.02
CA PHE A 80 -2.30 -4.72 -2.40
C PHE A 80 -2.46 -5.97 -3.25
N LYS A 81 -3.59 -6.62 -3.12
CA LYS A 81 -3.85 -7.87 -3.90
C LYS A 81 -4.92 -7.58 -4.96
N PHE A 82 -4.63 -7.91 -6.19
CA PHE A 82 -5.61 -7.67 -7.29
C PHE A 82 -5.87 -8.97 -8.04
N GLU A 83 -7.06 -9.14 -8.53
CA GLU A 83 -7.40 -10.39 -9.26
C GLU A 83 -6.63 -10.43 -10.58
N VAL A 84 -6.45 -9.31 -11.22
CA VAL A 84 -5.70 -9.30 -12.53
C VAL A 84 -4.74 -8.11 -12.58
N SER A 85 -3.79 -8.18 -13.47
CA SER A 85 -2.79 -7.09 -13.62
C SER A 85 -3.47 -5.83 -14.19
N ALA A 86 -4.64 -5.97 -14.75
CA ALA A 86 -5.33 -4.79 -15.34
C ALA A 86 -5.64 -3.76 -14.24
N GLU A 87 -6.05 -4.24 -13.10
CA GLU A 87 -6.37 -3.31 -11.97
C GLU A 87 -5.06 -2.71 -11.45
N LYS A 88 -3.99 -3.44 -11.54
CA LYS A 88 -2.69 -2.90 -11.04
C LYS A 88 -2.31 -1.66 -11.86
N LEU A 89 -2.40 -1.75 -13.16
CA LEU A 89 -2.03 -0.59 -14.01
C LEU A 89 -2.99 0.58 -13.75
N ILE A 90 -4.27 0.31 -13.73
CA ILE A 90 -5.27 1.41 -13.48
C ILE A 90 -5.12 1.93 -12.06
N PHE A 91 -5.00 1.03 -11.12
CA PHE A 91 -4.85 1.44 -9.68
C PHE A 91 -3.54 2.21 -9.49
N GLU A 92 -2.48 1.70 -10.04
CA GLU A 92 -1.16 2.38 -9.88
C GLU A 92 -1.19 3.74 -10.59
N LEU A 93 -1.83 3.81 -11.71
CA LEU A 93 -1.89 5.10 -12.46
C LEU A 93 -2.61 6.16 -11.61
N LYS A 94 -3.70 5.78 -11.00
CA LYS A 94 -4.47 6.76 -10.17
C LYS A 94 -3.63 7.18 -8.96
N THR A 95 -2.98 6.24 -8.32
CA THR A 95 -2.17 6.57 -7.12
C THR A 95 -0.99 7.48 -7.50
N ARG A 96 -0.32 7.16 -8.57
CA ARG A 96 0.84 8.00 -9.00
C ARG A 96 0.35 9.40 -9.36
N ALA A 97 -0.78 9.50 -10.01
CA ALA A 97 -1.30 10.83 -10.41
C ALA A 97 -1.57 11.68 -9.16
N LEU A 98 -2.25 11.13 -8.20
CA LEU A 98 -2.55 11.89 -6.96
C LEU A 98 -1.25 12.19 -6.21
N ALA A 99 -0.38 11.23 -6.12
CA ALA A 99 0.90 11.42 -5.41
C ALA A 99 1.77 12.45 -6.16
N ARG A 100 1.73 12.41 -7.47
CA ARG A 100 2.53 13.36 -8.28
C ARG A 100 1.69 14.60 -8.57
N LEU A 101 0.49 14.63 -8.04
CA LEU A 101 -0.43 15.80 -8.25
C LEU A 101 -0.69 16.04 -9.74
N GLU A 102 -1.48 17.04 -10.04
CA GLU A 102 -1.78 17.35 -11.47
C GLU A 102 -2.56 18.67 -11.55
N HIS A 103 -2.17 19.53 -12.45
CA HIS A 103 -2.85 20.84 -12.59
C HIS A 103 -4.28 20.64 -13.12
N HIS A 104 -5.24 21.25 -12.48
CA HIS A 104 -6.65 21.11 -12.94
C HIS A 104 -7.43 22.38 -12.60
N HIS A 105 -8.26 22.84 -13.50
CA HIS A 105 -9.04 24.08 -13.26
C HIS A 105 -10.35 23.72 -12.53
N HIS A 106 -10.55 24.25 -11.36
CA HIS A 106 -11.79 23.96 -10.60
C HIS A 106 -12.99 24.56 -11.35
N HIS A 107 -12.83 25.74 -11.87
CA HIS A 107 -13.95 26.40 -12.62
C HIS A 107 -15.25 26.27 -11.82
N HIS A 108 -15.50 27.19 -10.93
CA HIS A 108 -16.73 27.15 -10.10
C HIS A 108 -17.96 27.06 -11.01
N MET A 1 5.65 -32.34 30.30
CA MET A 1 6.96 -31.79 29.85
C MET A 1 6.73 -30.92 28.61
N SER A 2 6.19 -31.49 27.57
CA SER A 2 5.94 -30.71 26.33
C SER A 2 4.79 -29.72 26.54
N ASN A 3 4.88 -28.58 25.92
CA ASN A 3 3.80 -27.55 26.08
C ASN A 3 2.75 -27.72 24.98
N GLN A 4 1.60 -28.22 25.34
CA GLN A 4 0.50 -28.42 24.34
C GLN A 4 -0.28 -27.12 24.16
N THR A 5 -1.20 -26.85 25.06
CA THR A 5 -2.02 -25.61 24.94
C THR A 5 -1.27 -24.40 25.52
N CYS A 6 -1.71 -23.23 25.19
CA CYS A 6 -1.03 -22.00 25.70
C CYS A 6 -1.56 -21.66 27.10
N VAL A 7 -0.70 -21.73 28.07
CA VAL A 7 -1.10 -21.42 29.48
C VAL A 7 -1.44 -19.94 29.60
N GLU A 8 -0.65 -19.09 29.00
CA GLU A 8 -0.90 -17.62 29.09
C GLU A 8 -2.20 -17.26 28.36
N ASN A 9 -2.94 -16.33 28.91
CA ASN A 9 -4.22 -15.90 28.29
C ASN A 9 -3.95 -14.80 27.27
N GLU A 10 -2.72 -14.37 27.17
CA GLU A 10 -2.37 -13.28 26.20
C GLU A 10 -2.06 -13.89 24.84
N VAL A 11 -2.82 -13.53 23.85
CA VAL A 11 -2.60 -14.06 22.48
C VAL A 11 -3.12 -13.05 21.46
N CYS A 12 -4.01 -12.19 21.88
CA CYS A 12 -4.57 -11.17 20.95
C CYS A 12 -3.71 -9.90 20.99
N GLU A 13 -2.96 -9.67 19.94
CA GLU A 13 -2.10 -8.46 19.88
C GLU A 13 -1.46 -8.38 18.48
N ALA A 14 -1.03 -9.50 17.96
CA ALA A 14 -0.41 -9.50 16.60
C ALA A 14 -0.05 -10.93 16.19
N CYS A 15 -0.13 -11.21 14.91
CA CYS A 15 0.19 -12.58 14.40
C CYS A 15 -0.47 -13.64 15.29
N GLY A 16 0.22 -14.05 16.33
CA GLY A 16 -0.36 -15.08 17.25
C GLY A 16 -0.15 -16.48 16.65
N CYS A 17 0.71 -16.60 15.68
CA CYS A 17 0.96 -17.94 15.06
C CYS A 17 1.59 -18.87 16.10
N ALA A 18 2.42 -18.35 16.97
CA ALA A 18 3.07 -19.20 17.99
C ALA A 18 3.75 -20.41 17.33
N GLY A 19 3.95 -20.35 16.04
CA GLY A 19 4.61 -21.49 15.33
C GLY A 19 4.79 -21.15 13.85
N GLU A 20 5.93 -21.53 13.30
CA GLU A 20 6.23 -21.27 11.85
C GLU A 20 6.15 -19.76 11.56
N ILE A 21 7.29 -19.12 11.47
CA ILE A 21 7.32 -17.66 11.18
C ILE A 21 7.36 -17.40 9.68
N GLY A 22 6.50 -16.54 9.20
CA GLY A 22 6.48 -16.23 7.75
C GLY A 22 5.35 -15.26 7.44
N PHE A 23 5.11 -15.00 6.17
CA PHE A 23 4.03 -14.06 5.76
C PHE A 23 2.89 -14.84 5.09
N ILE A 24 1.68 -14.58 5.50
CA ILE A 24 0.51 -15.31 4.91
C ILE A 24 0.35 -14.92 3.43
N ILE A 25 0.49 -13.67 3.12
CA ILE A 25 0.33 -13.22 1.69
C ILE A 25 1.70 -13.20 1.00
N ARG A 26 2.36 -12.07 1.02
CA ARG A 26 3.68 -11.94 0.35
C ARG A 26 3.63 -12.55 -1.04
N GLU A 27 3.11 -11.80 -1.99
CA GLU A 27 3.01 -12.31 -3.39
C GLU A 27 3.37 -11.19 -4.37
N GLY A 28 3.03 -11.36 -5.62
CA GLY A 28 3.34 -10.33 -6.64
C GLY A 28 2.35 -10.45 -7.80
N ASP A 29 2.02 -11.66 -8.18
CA ASP A 29 1.05 -11.86 -9.30
C ASP A 29 -0.33 -11.30 -8.93
N ASP A 30 -0.85 -11.66 -7.78
CA ASP A 30 -2.18 -11.14 -7.35
C ASP A 30 -1.97 -9.98 -6.38
N VAL A 31 -0.74 -9.64 -6.12
CA VAL A 31 -0.44 -8.51 -5.17
C VAL A 31 0.44 -7.48 -5.88
N ALA A 32 0.12 -6.22 -5.74
CA ALA A 32 0.92 -5.14 -6.39
C ALA A 32 1.68 -4.35 -5.33
N GLU A 33 2.77 -3.75 -5.71
CA GLU A 33 3.58 -2.97 -4.75
C GLU A 33 3.06 -1.53 -4.68
N VAL A 34 2.76 -1.07 -3.50
CA VAL A 34 2.23 0.31 -3.33
C VAL A 34 3.11 1.06 -2.33
N SER A 35 3.45 2.28 -2.66
CA SER A 35 4.31 3.10 -1.74
C SER A 35 3.72 4.50 -1.64
N LEU A 36 3.75 5.06 -0.46
CA LEU A 36 3.17 6.44 -0.29
C LEU A 36 4.27 7.37 0.24
N PHE A 37 4.52 8.44 -0.46
CA PHE A 37 5.56 9.42 -0.03
C PHE A 37 4.91 10.59 0.68
N GLY A 38 5.57 11.14 1.65
CA GLY A 38 5.01 12.30 2.40
C GLY A 38 6.00 12.77 3.46
N SER A 39 5.55 13.64 4.33
CA SER A 39 6.44 14.15 5.42
C SER A 39 6.48 13.16 6.59
N ASP A 40 5.71 13.41 7.61
CA ASP A 40 5.70 12.49 8.79
C ASP A 40 4.76 11.30 8.54
N LYS A 41 4.70 10.40 9.49
CA LYS A 41 3.81 9.21 9.36
C LYS A 41 2.34 9.64 9.30
N ALA A 42 2.00 10.70 9.97
CA ALA A 42 0.59 11.17 9.97
C ALA A 42 0.17 11.53 8.54
N HIS A 43 1.06 12.11 7.80
CA HIS A 43 0.73 12.49 6.38
C HIS A 43 0.56 11.23 5.53
N LEU A 44 1.36 10.24 5.79
CA LEU A 44 1.28 8.97 4.98
C LEU A 44 -0.09 8.30 5.19
N GLU A 45 -0.57 8.27 6.39
CA GLU A 45 -1.88 7.63 6.66
C GLU A 45 -3.00 8.48 6.06
N GLY A 46 -2.87 9.77 6.14
CA GLY A 46 -3.91 10.69 5.59
C GLY A 46 -4.02 10.50 4.07
N LYS A 47 -2.91 10.36 3.41
CA LYS A 47 -2.95 10.17 1.93
C LYS A 47 -3.25 8.70 1.61
N LEU A 48 -3.00 7.83 2.55
CA LEU A 48 -3.27 6.38 2.34
C LEU A 48 -4.77 6.15 2.20
N ALA A 49 -5.55 6.86 2.95
CA ALA A 49 -7.03 6.67 2.89
C ALA A 49 -7.53 6.90 1.46
N GLU A 50 -6.91 7.81 0.76
CA GLU A 50 -7.32 8.10 -0.64
C GLU A 50 -7.02 6.90 -1.53
N TYR A 51 -5.89 6.29 -1.32
CA TYR A 51 -5.50 5.10 -2.14
C TYR A 51 -6.54 3.99 -1.98
N ILE A 52 -6.98 3.77 -0.77
CA ILE A 52 -7.97 2.69 -0.52
C ILE A 52 -9.29 3.05 -1.24
N SER A 53 -9.70 4.27 -1.17
CA SER A 53 -10.97 4.68 -1.82
C SER A 53 -10.97 4.25 -3.30
N LEU A 54 -9.95 4.60 -4.02
CA LEU A 54 -9.87 4.21 -5.46
C LEU A 54 -9.76 2.69 -5.59
N ALA A 55 -9.00 2.07 -4.74
CA ALA A 55 -8.84 0.60 -4.81
C ALA A 55 -10.17 -0.09 -4.52
N LYS A 56 -10.93 0.42 -3.59
CA LYS A 56 -12.23 -0.20 -3.24
C LYS A 56 -13.18 -0.14 -4.46
N GLN A 57 -13.20 0.98 -5.13
CA GLN A 57 -14.09 1.12 -6.32
C GLN A 57 -13.63 0.17 -7.42
N VAL A 58 -12.35 0.10 -7.66
CA VAL A 58 -11.82 -0.80 -8.72
C VAL A 58 -12.09 -2.25 -8.33
N TYR A 59 -11.84 -2.61 -7.10
CA TYR A 59 -12.08 -4.02 -6.65
C TYR A 59 -12.98 -4.01 -5.40
N ALA A 60 -13.97 -4.85 -5.40
CA ALA A 60 -14.92 -4.93 -4.26
C ALA A 60 -14.17 -4.90 -2.91
N ASN A 61 -13.99 -6.05 -2.31
CA ASN A 61 -13.29 -6.11 -1.00
C ASN A 61 -11.79 -6.21 -1.23
N VAL A 62 -11.12 -5.08 -1.31
CA VAL A 62 -9.65 -5.08 -1.53
C VAL A 62 -8.93 -5.36 -0.22
N GLU A 63 -7.92 -6.20 -0.26
CA GLU A 63 -7.16 -6.54 0.97
C GLU A 63 -5.73 -6.00 0.84
N TYR A 64 -5.21 -5.44 1.89
CA TYR A 64 -3.82 -4.88 1.85
C TYR A 64 -3.16 -5.02 3.21
N GLU A 65 -1.86 -4.90 3.26
CA GLU A 65 -1.13 -5.01 4.55
C GLU A 65 -0.02 -3.96 4.58
N VAL A 66 0.26 -3.42 5.74
CA VAL A 66 1.32 -2.37 5.87
C VAL A 66 2.46 -2.89 6.74
N ALA A 67 3.66 -2.79 6.23
CA ALA A 67 4.84 -3.27 6.99
C ALA A 67 5.25 -2.21 8.03
N PRO A 68 6.18 -2.54 8.90
CA PRO A 68 6.67 -1.60 9.95
C PRO A 68 7.09 -0.25 9.37
N VAL A 69 6.59 0.82 9.94
CA VAL A 69 6.94 2.19 9.45
C VAL A 69 7.34 3.08 10.63
N ALA A 70 8.42 3.80 10.48
CA ALA A 70 8.90 4.69 11.57
C ALA A 70 7.99 5.93 11.69
N ASP A 71 7.92 6.49 12.86
CA ASP A 71 7.07 7.70 13.07
C ASP A 71 7.61 8.85 12.21
N ASN A 72 8.91 8.93 12.07
CA ASN A 72 9.52 10.02 11.24
C ASN A 72 9.76 9.49 9.83
N ALA A 73 9.09 8.42 9.47
CA ALA A 73 9.28 7.83 8.12
C ALA A 73 8.81 8.80 7.05
N THR A 74 9.49 8.82 5.94
CA THR A 74 9.10 9.73 4.80
C THR A 74 8.46 8.89 3.71
N GLU A 75 8.38 7.60 3.90
CA GLU A 75 7.77 6.71 2.86
C GLU A 75 6.95 5.62 3.55
N LEU A 76 5.97 5.10 2.86
CA LEU A 76 5.11 4.03 3.45
C LEU A 76 5.27 2.75 2.64
N HIS A 77 5.47 1.64 3.31
CA HIS A 77 5.64 0.34 2.61
C HIS A 77 4.37 -0.50 2.80
N ALA A 78 3.60 -0.64 1.76
CA ALA A 78 2.33 -1.43 1.86
C ALA A 78 2.05 -2.15 0.54
N ARG A 79 1.26 -3.18 0.59
CA ARG A 79 0.92 -3.95 -0.65
C ARG A 79 -0.60 -4.16 -0.73
N PHE A 80 -1.13 -4.22 -1.93
CA PHE A 80 -2.61 -4.41 -2.11
C PHE A 80 -2.86 -5.66 -2.92
N LYS A 81 -3.95 -6.33 -2.64
CA LYS A 81 -4.30 -7.58 -3.39
C LYS A 81 -5.49 -7.32 -4.30
N PHE A 82 -5.27 -7.38 -5.58
CA PHE A 82 -6.37 -7.13 -6.56
C PHE A 82 -6.90 -8.47 -7.09
N GLU A 83 -6.62 -8.77 -8.32
CA GLU A 83 -7.09 -10.05 -8.92
C GLU A 83 -6.39 -10.25 -10.27
N VAL A 84 -6.20 -9.18 -11.01
CA VAL A 84 -5.52 -9.28 -12.33
C VAL A 84 -4.47 -8.17 -12.47
N SER A 85 -3.55 -8.33 -13.37
CA SER A 85 -2.49 -7.30 -13.58
C SER A 85 -3.11 -6.06 -14.24
N ALA A 86 -4.24 -6.22 -14.86
CA ALA A 86 -4.89 -5.07 -15.53
C ALA A 86 -5.28 -4.01 -14.50
N GLU A 87 -5.75 -4.44 -13.36
CA GLU A 87 -6.14 -3.49 -12.29
C GLU A 87 -4.89 -2.84 -11.69
N LYS A 88 -3.81 -3.57 -11.65
CA LYS A 88 -2.55 -3.02 -11.09
C LYS A 88 -2.09 -1.82 -11.92
N LEU A 89 -2.07 -1.95 -13.22
CA LEU A 89 -1.62 -0.82 -14.08
C LEU A 89 -2.62 0.34 -13.94
N ILE A 90 -3.89 0.04 -13.95
CA ILE A 90 -4.91 1.12 -13.82
C ILE A 90 -4.80 1.77 -12.44
N PHE A 91 -4.68 0.97 -11.42
CA PHE A 91 -4.57 1.51 -10.04
C PHE A 91 -3.25 2.29 -9.89
N GLU A 92 -2.19 1.74 -10.39
CA GLU A 92 -0.86 2.41 -10.27
C GLU A 92 -0.93 3.77 -10.95
N LEU A 93 -1.60 3.86 -12.06
CA LEU A 93 -1.71 5.16 -12.78
C LEU A 93 -2.44 6.17 -11.91
N LYS A 94 -3.52 5.76 -11.30
CA LYS A 94 -4.30 6.69 -10.43
C LYS A 94 -3.46 7.09 -9.22
N THR A 95 -2.76 6.16 -8.64
CA THR A 95 -1.92 6.49 -7.45
C THR A 95 -0.79 7.42 -7.86
N ARG A 96 -0.23 7.20 -9.01
CA ARG A 96 0.89 8.07 -9.48
C ARG A 96 0.39 9.49 -9.71
N ALA A 97 -0.78 9.62 -10.28
CA ALA A 97 -1.34 10.97 -10.54
C ALA A 97 -1.57 11.71 -9.21
N LEU A 98 -2.19 11.05 -8.27
CA LEU A 98 -2.46 11.71 -6.95
C LEU A 98 -1.14 11.98 -6.24
N ALA A 99 -0.23 11.05 -6.28
CA ALA A 99 1.09 11.26 -5.60
C ALA A 99 1.88 12.35 -6.33
N ARG A 100 1.82 12.37 -7.63
CA ARG A 100 2.57 13.40 -8.41
C ARG A 100 1.67 14.61 -8.63
N LEU A 101 0.44 14.49 -8.24
CA LEU A 101 -0.52 15.61 -8.40
C LEU A 101 -0.65 16.01 -9.88
N GLU A 102 -1.77 16.57 -10.23
CA GLU A 102 -2.02 16.99 -11.64
C GLU A 102 -0.77 17.69 -12.21
N HIS A 103 -0.76 17.89 -13.50
CA HIS A 103 0.40 18.56 -14.15
C HIS A 103 1.67 17.73 -13.87
N HIS A 104 1.49 16.52 -13.39
CA HIS A 104 2.66 15.65 -13.09
C HIS A 104 3.74 16.44 -12.35
N HIS A 105 3.36 17.05 -11.25
CA HIS A 105 4.34 17.86 -10.46
C HIS A 105 5.23 18.69 -11.38
N HIS A 106 4.80 19.89 -11.70
CA HIS A 106 5.59 20.76 -12.60
C HIS A 106 6.88 21.21 -11.92
N HIS A 107 7.96 21.22 -12.65
CA HIS A 107 9.27 21.62 -12.07
C HIS A 107 9.34 23.16 -11.95
N HIS A 108 9.90 23.64 -10.87
CA HIS A 108 10.02 25.10 -10.65
C HIS A 108 10.81 25.76 -11.78
N MET A 1 15.48 8.07 -7.72
CA MET A 1 16.60 8.79 -7.07
C MET A 1 17.78 7.83 -6.87
N SER A 2 18.98 8.35 -6.96
CA SER A 2 20.19 7.51 -6.78
C SER A 2 20.16 6.35 -7.78
N ASN A 3 20.08 6.67 -9.05
CA ASN A 3 20.05 5.61 -10.10
C ASN A 3 21.47 5.20 -10.46
N GLN A 4 21.88 4.03 -10.05
CA GLN A 4 23.25 3.55 -10.35
C GLN A 4 23.30 2.92 -11.75
N THR A 5 23.71 1.68 -11.82
CA THR A 5 23.78 0.97 -13.14
C THR A 5 22.53 0.12 -13.33
N CYS A 6 21.82 -0.14 -12.28
CA CYS A 6 20.57 -0.97 -12.38
C CYS A 6 20.91 -2.37 -12.90
N VAL A 7 20.59 -3.38 -12.14
CA VAL A 7 20.88 -4.79 -12.54
C VAL A 7 19.62 -5.45 -13.11
N GLU A 8 19.76 -6.07 -14.25
CA GLU A 8 18.59 -6.73 -14.91
C GLU A 8 18.17 -7.97 -14.13
N ASN A 9 16.89 -8.24 -14.12
CA ASN A 9 16.36 -9.43 -13.38
C ASN A 9 17.05 -9.52 -12.01
N GLU A 10 17.34 -8.39 -11.44
CA GLU A 10 18.01 -8.35 -10.11
C GLU A 10 19.14 -9.39 -10.06
N VAL A 11 19.63 -9.66 -8.88
CA VAL A 11 20.73 -10.64 -8.74
C VAL A 11 20.14 -12.05 -8.85
N CYS A 12 18.85 -12.15 -8.99
CA CYS A 12 18.20 -13.48 -9.10
C CYS A 12 18.75 -14.42 -8.01
N GLU A 13 18.94 -13.90 -6.84
CA GLU A 13 19.47 -14.73 -5.73
C GLU A 13 18.48 -15.84 -5.38
N ALA A 14 18.99 -17.01 -5.11
CA ALA A 14 18.11 -18.15 -4.76
C ALA A 14 18.95 -19.21 -4.03
N CYS A 15 20.21 -18.92 -3.80
CA CYS A 15 21.09 -19.89 -3.09
C CYS A 15 20.62 -20.04 -1.64
N GLY A 16 20.23 -18.95 -1.04
CA GLY A 16 19.77 -18.99 0.39
C GLY A 16 18.42 -19.68 0.49
N CYS A 17 18.23 -20.47 1.52
CA CYS A 17 16.94 -21.20 1.71
C CYS A 17 16.39 -20.97 3.12
N ALA A 18 15.10 -21.06 3.26
CA ALA A 18 14.45 -20.86 4.59
C ALA A 18 14.75 -19.46 5.13
N GLY A 19 13.82 -18.90 5.85
CA GLY A 19 14.04 -17.54 6.42
C GLY A 19 12.73 -16.97 7.01
N GLU A 20 12.69 -15.68 7.19
CA GLU A 20 11.47 -15.04 7.77
C GLU A 20 10.21 -15.45 7.01
N ILE A 21 9.12 -15.60 7.72
CA ILE A 21 7.83 -15.98 7.08
C ILE A 21 7.39 -14.87 6.12
N GLY A 22 7.51 -13.64 6.54
CA GLY A 22 7.11 -12.50 5.67
C GLY A 22 5.61 -12.25 5.76
N PHE A 23 5.04 -11.75 4.71
CA PHE A 23 3.58 -11.45 4.71
C PHE A 23 2.78 -12.75 4.65
N ILE A 24 1.60 -12.74 5.20
CA ILE A 24 0.73 -13.95 5.19
C ILE A 24 0.38 -14.32 3.75
N ILE A 25 0.05 -13.34 2.95
CA ILE A 25 -0.32 -13.62 1.53
C ILE A 25 0.87 -14.22 0.79
N ARG A 26 2.05 -13.69 1.03
CA ARG A 26 3.27 -14.21 0.35
C ARG A 26 3.12 -14.04 -1.16
N GLU A 27 2.96 -12.82 -1.60
CA GLU A 27 2.81 -12.53 -3.06
C GLU A 27 1.94 -13.60 -3.73
N GLY A 28 0.67 -13.35 -3.83
CA GLY A 28 -0.26 -14.33 -4.47
C GLY A 28 -0.25 -14.14 -5.98
N ASP A 29 0.92 -14.06 -6.57
CA ASP A 29 1.02 -13.87 -8.06
C ASP A 29 -0.01 -12.84 -8.52
N ASP A 30 -0.46 -12.00 -7.63
CA ASP A 30 -1.45 -10.97 -8.01
C ASP A 30 -1.44 -9.85 -6.96
N VAL A 31 -0.26 -9.43 -6.56
CA VAL A 31 -0.15 -8.34 -5.53
C VAL A 31 0.68 -7.18 -6.09
N ALA A 32 0.22 -5.98 -5.88
CA ALA A 32 0.94 -4.76 -6.39
C ALA A 32 1.47 -3.95 -5.21
N GLU A 33 2.55 -3.24 -5.42
CA GLU A 33 3.15 -2.42 -4.32
C GLU A 33 2.93 -0.93 -4.60
N VAL A 34 2.74 -0.16 -3.56
CA VAL A 34 2.52 1.31 -3.72
C VAL A 34 3.55 2.07 -2.88
N SER A 35 4.18 3.05 -3.48
CA SER A 35 5.21 3.86 -2.75
C SER A 35 4.65 5.26 -2.49
N LEU A 36 4.58 5.64 -1.24
CA LEU A 36 4.04 7.00 -0.88
C LEU A 36 5.11 7.78 -0.12
N PHE A 37 5.27 9.03 -0.47
CA PHE A 37 6.28 9.90 0.22
C PHE A 37 5.57 11.00 1.00
N GLY A 38 6.03 11.27 2.18
CA GLY A 38 5.40 12.33 3.01
C GLY A 38 6.27 12.65 4.22
N SER A 39 5.74 13.42 5.13
CA SER A 39 6.52 13.80 6.35
C SER A 39 6.43 12.69 7.39
N ASP A 40 5.71 12.92 8.46
CA ASP A 40 5.60 11.89 9.53
C ASP A 40 4.55 10.82 9.16
N LYS A 41 4.43 9.82 9.97
CA LYS A 41 3.44 8.73 9.69
C LYS A 41 2.02 9.30 9.71
N ALA A 42 1.74 10.16 10.64
CA ALA A 42 0.38 10.75 10.74
C ALA A 42 -0.01 11.38 9.40
N HIS A 43 0.88 12.13 8.82
CA HIS A 43 0.59 12.78 7.51
C HIS A 43 0.45 11.71 6.42
N LEU A 44 1.32 10.74 6.43
CA LEU A 44 1.26 9.65 5.41
C LEU A 44 -0.05 8.87 5.55
N GLU A 45 -0.45 8.61 6.76
CA GLU A 45 -1.71 7.85 6.98
C GLU A 45 -2.89 8.64 6.42
N GLY A 46 -2.86 9.94 6.58
CA GLY A 46 -3.99 10.78 6.06
C GLY A 46 -4.12 10.58 4.55
N LYS A 47 -3.05 10.78 3.83
CA LYS A 47 -3.09 10.58 2.35
C LYS A 47 -3.33 9.11 2.04
N LEU A 48 -2.75 8.23 2.81
CA LEU A 48 -2.91 6.77 2.56
C LEU A 48 -4.40 6.44 2.45
N ALA A 49 -5.21 7.12 3.18
CA ALA A 49 -6.69 6.85 3.14
C ALA A 49 -7.18 6.99 1.69
N GLU A 50 -6.61 7.90 0.95
CA GLU A 50 -7.05 8.09 -0.47
C GLU A 50 -6.70 6.85 -1.30
N TYR A 51 -5.52 6.32 -1.11
CA TYR A 51 -5.10 5.12 -1.88
C TYR A 51 -6.00 3.93 -1.54
N ILE A 52 -6.27 3.74 -0.28
CA ILE A 52 -7.14 2.60 0.14
C ILE A 52 -8.57 2.81 -0.40
N SER A 53 -9.06 4.01 -0.30
CA SER A 53 -10.44 4.30 -0.80
C SER A 53 -10.51 4.05 -2.30
N LEU A 54 -9.50 4.45 -3.02
CA LEU A 54 -9.49 4.24 -4.49
C LEU A 54 -9.49 2.74 -4.80
N ALA A 55 -8.74 1.97 -4.05
CA ALA A 55 -8.68 0.51 -4.30
C ALA A 55 -10.07 -0.09 -4.13
N LYS A 56 -10.80 0.35 -3.15
CA LYS A 56 -12.18 -0.17 -2.93
C LYS A 56 -13.07 0.21 -4.11
N GLN A 57 -12.94 1.41 -4.58
CA GLN A 57 -13.78 1.87 -5.73
C GLN A 57 -13.44 1.05 -6.98
N VAL A 58 -12.18 0.88 -7.26
CA VAL A 58 -11.78 0.10 -8.46
C VAL A 58 -12.22 -1.36 -8.28
N TYR A 59 -11.99 -1.90 -7.12
CA TYR A 59 -12.38 -3.32 -6.85
C TYR A 59 -13.00 -3.43 -5.46
N ALA A 60 -14.24 -3.83 -5.39
CA ALA A 60 -14.93 -3.96 -4.08
C ALA A 60 -14.36 -5.13 -3.28
N ASN A 61 -14.37 -5.00 -1.98
CA ASN A 61 -13.84 -6.09 -1.11
C ASN A 61 -12.35 -6.32 -1.42
N VAL A 62 -11.64 -5.25 -1.66
CA VAL A 62 -10.18 -5.36 -1.98
C VAL A 62 -9.37 -5.64 -0.71
N GLU A 63 -8.41 -6.50 -0.80
CA GLU A 63 -7.55 -6.84 0.39
C GLU A 63 -6.18 -6.20 0.24
N TYR A 64 -5.69 -5.61 1.29
CA TYR A 64 -4.36 -4.95 1.23
C TYR A 64 -3.70 -4.99 2.61
N GLU A 65 -2.41 -4.76 2.66
CA GLU A 65 -1.70 -4.79 3.97
C GLU A 65 -0.67 -3.66 4.01
N VAL A 66 -0.37 -3.18 5.20
CA VAL A 66 0.60 -2.07 5.36
C VAL A 66 1.84 -2.58 6.08
N ALA A 67 2.99 -2.32 5.53
CA ALA A 67 4.26 -2.79 6.16
C ALA A 67 4.61 -1.90 7.36
N PRO A 68 5.56 -2.31 8.16
CA PRO A 68 6.00 -1.52 9.35
C PRO A 68 6.49 -0.12 8.98
N VAL A 69 6.20 0.85 9.81
CA VAL A 69 6.63 2.25 9.53
C VAL A 69 7.52 2.76 10.67
N ALA A 70 8.63 3.34 10.34
CA ALA A 70 9.56 3.87 11.38
C ALA A 70 8.99 5.15 11.99
N ASP A 71 7.68 5.24 12.02
CA ASP A 71 7.01 6.44 12.59
C ASP A 71 7.49 7.72 11.90
N ASN A 72 8.70 8.11 12.16
CA ASN A 72 9.25 9.35 11.53
C ASN A 72 9.60 9.06 10.08
N ALA A 73 9.42 7.84 9.65
CA ALA A 73 9.75 7.48 8.23
C ALA A 73 9.22 8.57 7.28
N THR A 74 9.92 8.80 6.21
CA THR A 74 9.50 9.84 5.22
C THR A 74 8.72 9.16 4.09
N GLU A 75 8.56 7.87 4.16
CA GLU A 75 7.81 7.15 3.08
C GLU A 75 7.03 5.99 3.70
N LEU A 76 5.99 5.57 3.03
CA LEU A 76 5.15 4.44 3.53
C LEU A 76 5.04 3.36 2.45
N HIS A 77 5.24 2.14 2.84
CA HIS A 77 5.16 1.01 1.84
C HIS A 77 3.87 0.24 2.06
N ALA A 78 3.12 0.01 1.01
CA ALA A 78 1.83 -0.74 1.14
C ALA A 78 1.66 -1.66 -0.05
N ARG A 79 0.88 -2.70 0.13
CA ARG A 79 0.65 -3.68 -0.98
C ARG A 79 -0.86 -3.89 -1.16
N PHE A 80 -1.27 -4.14 -2.39
CA PHE A 80 -2.72 -4.35 -2.68
C PHE A 80 -2.90 -5.65 -3.46
N LYS A 81 -4.00 -6.31 -3.24
CA LYS A 81 -4.28 -7.59 -3.96
C LYS A 81 -5.42 -7.39 -4.95
N PHE A 82 -5.20 -7.75 -6.18
CA PHE A 82 -6.25 -7.59 -7.23
C PHE A 82 -6.56 -8.94 -7.86
N GLU A 83 -7.79 -9.15 -8.22
CA GLU A 83 -8.21 -10.43 -8.85
C GLU A 83 -7.61 -10.54 -10.25
N VAL A 84 -7.47 -9.43 -10.93
CA VAL A 84 -6.90 -9.46 -12.31
C VAL A 84 -5.77 -8.43 -12.45
N SER A 85 -4.90 -8.64 -13.40
CA SER A 85 -3.78 -7.70 -13.64
C SER A 85 -4.30 -6.36 -14.15
N ALA A 86 -5.27 -6.39 -15.02
CA ALA A 86 -5.84 -5.14 -15.59
C ALA A 86 -5.96 -4.06 -14.50
N GLU A 87 -6.45 -4.44 -13.36
CA GLU A 87 -6.59 -3.45 -12.24
C GLU A 87 -5.22 -2.98 -11.77
N LYS A 88 -4.22 -3.81 -11.88
CA LYS A 88 -2.85 -3.42 -11.45
C LYS A 88 -2.35 -2.24 -12.29
N LEU A 89 -2.49 -2.33 -13.58
CA LEU A 89 -2.02 -1.23 -14.47
C LEU A 89 -2.78 0.06 -14.17
N ILE A 90 -4.07 -0.03 -14.10
CA ILE A 90 -4.90 1.19 -13.80
C ILE A 90 -4.65 1.63 -12.37
N PHE A 91 -4.63 0.70 -11.45
CA PHE A 91 -4.42 1.04 -10.03
C PHE A 91 -3.07 1.73 -9.85
N GLU A 92 -2.05 1.20 -10.43
CA GLU A 92 -0.69 1.81 -10.32
C GLU A 92 -0.66 3.16 -11.05
N LEU A 93 -1.32 3.24 -12.16
CA LEU A 93 -1.33 4.52 -12.92
C LEU A 93 -2.02 5.62 -12.11
N LYS A 94 -3.16 5.31 -11.55
CA LYS A 94 -3.89 6.33 -10.73
C LYS A 94 -3.10 6.67 -9.47
N THR A 95 -2.61 5.67 -8.80
CA THR A 95 -1.83 5.91 -7.54
C THR A 95 -0.52 6.62 -7.89
N ARG A 96 0.12 6.20 -8.94
CA ARG A 96 1.41 6.84 -9.34
C ARG A 96 1.15 8.30 -9.73
N ALA A 97 0.12 8.54 -10.47
CA ALA A 97 -0.19 9.93 -10.88
C ALA A 97 -0.67 10.73 -9.66
N LEU A 98 -1.44 10.12 -8.82
CA LEU A 98 -1.93 10.81 -7.61
C LEU A 98 -0.74 11.13 -6.70
N ALA A 99 0.16 10.20 -6.56
CA ALA A 99 1.35 10.43 -5.70
C ALA A 99 2.20 11.55 -6.30
N ARG A 100 2.28 11.61 -7.60
CA ARG A 100 3.07 12.68 -8.27
C ARG A 100 2.24 13.97 -8.33
N LEU A 101 0.96 13.85 -8.11
CA LEU A 101 0.06 15.05 -8.13
C LEU A 101 0.22 15.81 -9.45
N GLU A 102 -0.67 16.74 -9.69
CA GLU A 102 -0.63 17.54 -10.94
C GLU A 102 -0.29 16.65 -12.13
N HIS A 103 -1.29 16.17 -12.83
CA HIS A 103 -1.04 15.31 -14.02
C HIS A 103 -1.98 15.73 -15.14
N HIS A 104 -2.37 16.98 -15.15
CA HIS A 104 -3.28 17.49 -16.22
C HIS A 104 -2.76 18.84 -16.71
N HIS A 105 -1.64 19.28 -16.18
CA HIS A 105 -1.05 20.58 -16.60
C HIS A 105 -0.62 20.48 -18.06
N HIS A 106 -0.02 19.38 -18.43
CA HIS A 106 0.44 19.20 -19.83
C HIS A 106 0.42 17.72 -20.22
N HIS A 107 0.06 17.43 -21.43
CA HIS A 107 0.01 16.01 -21.90
C HIS A 107 1.39 15.61 -22.44
N HIS A 108 1.89 16.34 -23.41
CA HIS A 108 3.23 16.05 -24.00
C HIS A 108 3.48 14.53 -24.06
#